data_1V8Y
# 
_entry.id   1V8Y 
# 
_audit_conform.dict_name       mmcif_pdbx.dic 
_audit_conform.dict_version    5.383 
_audit_conform.dict_location   http://mmcif.pdb.org/dictionaries/ascii/mmcif_pdbx.dic 
# 
loop_
_database_2.database_id 
_database_2.database_code 
_database_2.pdbx_database_accession 
_database_2.pdbx_DOI 
PDB   1V8Y         pdb_00001v8y 10.2210/pdb1v8y/pdb 
RCSB  RCSB006355   ?            ?                   
WWPDB D_1000006355 ?            ?                   
# 
loop_
_pdbx_audit_revision_history.ordinal 
_pdbx_audit_revision_history.data_content_type 
_pdbx_audit_revision_history.major_revision 
_pdbx_audit_revision_history.minor_revision 
_pdbx_audit_revision_history.revision_date 
1 'Structure model' 1 0 2004-10-19 
2 'Structure model' 1 1 2008-04-27 
3 'Structure model' 1 2 2011-07-13 
4 'Structure model' 1 3 2021-11-10 
5 'Structure model' 1 4 2023-12-27 
# 
_pdbx_audit_revision_details.ordinal             1 
_pdbx_audit_revision_details.revision_ordinal    1 
_pdbx_audit_revision_details.data_content_type   'Structure model' 
_pdbx_audit_revision_details.provider            repository 
_pdbx_audit_revision_details.type                'Initial release' 
_pdbx_audit_revision_details.description         ? 
_pdbx_audit_revision_details.details             ? 
# 
loop_
_pdbx_audit_revision_group.ordinal 
_pdbx_audit_revision_group.revision_ordinal 
_pdbx_audit_revision_group.data_content_type 
_pdbx_audit_revision_group.group 
1 2 'Structure model' 'Version format compliance' 
2 3 'Structure model' 'Derived calculations'      
3 3 'Structure model' 'Version format compliance' 
4 4 'Structure model' 'Database references'       
5 4 'Structure model' 'Derived calculations'      
6 5 'Structure model' 'Data collection'           
# 
loop_
_pdbx_audit_revision_category.ordinal 
_pdbx_audit_revision_category.revision_ordinal 
_pdbx_audit_revision_category.data_content_type 
_pdbx_audit_revision_category.category 
1 4 'Structure model' database_2             
2 4 'Structure model' pdbx_struct_conn_angle 
3 4 'Structure model' struct_conn            
4 4 'Structure model' struct_ref_seq_dif     
5 4 'Structure model' struct_site            
6 5 'Structure model' chem_comp_atom         
7 5 'Structure model' chem_comp_bond         
# 
loop_
_pdbx_audit_revision_item.ordinal 
_pdbx_audit_revision_item.revision_ordinal 
_pdbx_audit_revision_item.data_content_type 
_pdbx_audit_revision_item.item 
1  4 'Structure model' '_database_2.pdbx_DOI'                        
2  4 'Structure model' '_database_2.pdbx_database_accession'         
3  4 'Structure model' '_pdbx_struct_conn_angle.ptnr1_auth_comp_id'  
4  4 'Structure model' '_pdbx_struct_conn_angle.ptnr1_auth_seq_id'   
5  4 'Structure model' '_pdbx_struct_conn_angle.ptnr1_label_asym_id' 
6  4 'Structure model' '_pdbx_struct_conn_angle.ptnr1_label_atom_id' 
7  4 'Structure model' '_pdbx_struct_conn_angle.ptnr1_label_comp_id' 
8  4 'Structure model' '_pdbx_struct_conn_angle.ptnr1_label_seq_id'  
9  4 'Structure model' '_pdbx_struct_conn_angle.ptnr1_symmetry'      
10 4 'Structure model' '_pdbx_struct_conn_angle.ptnr2_auth_seq_id'   
11 4 'Structure model' '_pdbx_struct_conn_angle.ptnr2_label_asym_id' 
12 4 'Structure model' '_pdbx_struct_conn_angle.ptnr3_auth_comp_id'  
13 4 'Structure model' '_pdbx_struct_conn_angle.ptnr3_auth_seq_id'   
14 4 'Structure model' '_pdbx_struct_conn_angle.ptnr3_label_asym_id' 
15 4 'Structure model' '_pdbx_struct_conn_angle.ptnr3_label_atom_id' 
16 4 'Structure model' '_pdbx_struct_conn_angle.ptnr3_label_comp_id' 
17 4 'Structure model' '_pdbx_struct_conn_angle.ptnr3_label_seq_id'  
18 4 'Structure model' '_pdbx_struct_conn_angle.ptnr3_symmetry'      
19 4 'Structure model' '_pdbx_struct_conn_angle.value'               
20 4 'Structure model' '_struct_conn.pdbx_dist_value'                
21 4 'Structure model' '_struct_conn.ptnr1_auth_comp_id'             
22 4 'Structure model' '_struct_conn.ptnr1_auth_seq_id'              
23 4 'Structure model' '_struct_conn.ptnr1_label_asym_id'            
24 4 'Structure model' '_struct_conn.ptnr1_label_atom_id'            
25 4 'Structure model' '_struct_conn.ptnr1_label_comp_id'            
26 4 'Structure model' '_struct_conn.ptnr1_label_seq_id'             
27 4 'Structure model' '_struct_conn.ptnr1_symmetry'                 
28 4 'Structure model' '_struct_conn.ptnr2_auth_comp_id'             
29 4 'Structure model' '_struct_conn.ptnr2_auth_seq_id'              
30 4 'Structure model' '_struct_conn.ptnr2_label_asym_id'            
31 4 'Structure model' '_struct_conn.ptnr2_label_atom_id'            
32 4 'Structure model' '_struct_conn.ptnr2_label_comp_id'            
33 4 'Structure model' '_struct_conn.ptnr2_label_seq_id'             
34 4 'Structure model' '_struct_conn.ptnr2_symmetry'                 
35 4 'Structure model' '_struct_ref_seq_dif.details'                 
36 4 'Structure model' '_struct_site.pdbx_auth_asym_id'              
37 4 'Structure model' '_struct_site.pdbx_auth_comp_id'              
38 4 'Structure model' '_struct_site.pdbx_auth_seq_id'               
# 
_pdbx_database_status.status_code                     REL 
_pdbx_database_status.entry_id                        1V8Y 
_pdbx_database_status.recvd_initial_deposition_date   2004-01-15 
_pdbx_database_status.deposit_site                    PDBJ 
_pdbx_database_status.process_site                    PDBJ 
_pdbx_database_status.status_code_sf                  REL 
_pdbx_database_status.SG_entry                        Y 
_pdbx_database_status.pdb_format_compatible           Y 
_pdbx_database_status.status_code_mr                  ? 
_pdbx_database_status.status_code_cs                  ? 
_pdbx_database_status.status_code_nmr_data            ? 
_pdbx_database_status.methods_development_category    ? 
# 
loop_
_pdbx_database_related.db_name 
_pdbx_database_related.db_id 
_pdbx_database_related.details 
_pdbx_database_related.content_type 
PDB      1V8I            'the same protein'                                 unspecified 
PDB      1V8L            'the same protein with ADP-ribose'                 unspecified 
PDB      1V8M            'the same protein with ADP-ribose and Gd'          unspecified 
PDB      1V8N            'the same protein with ZN'                         unspecified 
PDB      1V8R            'the same protein with ADP-ribose and ZN'          unspecified 
PDB      1V8S            'the same protein with AMP and MG'                 unspecified 
PDB      1V8T            
;the same protein with ribose-5'-phosphate and Zn
;
unspecified 
PDB      1V8U            'E82Q mutant, with SO4 and Mg'                     unspecified 
PDB      1V8V            'E86Q mutant, with ADP-ribose and Mg'              unspecified 
PDB      1V8W            'E82Q mutant, with SO4 and Zn'                     unspecified 
TargetDB ttk003001345.11 .                                                  unspecified 
# 
loop_
_audit_author.name 
_audit_author.pdbx_ordinal 
'Yoshiba, S.'                                            1 
'Ooga, T.'                                               2 
'Nakagawa, N.'                                           3 
'Shibata, T.'                                            4 
'Inoue, Y.'                                              5 
'Yokoyama, S.'                                           6 
'Kuramitsu, S.'                                          7 
'Masui, R.'                                              8 
'RIKEN Structural Genomics/Proteomics Initiative (RSGI)' 9 
# 
_citation.id                        primary 
_citation.title                     
;Structural insights into the Thermus thermophilus ADP-ribose pyrophosphatase mechanism via crystal structures with the bound substrate and metal
;
_citation.journal_abbrev            J.Biol.Chem. 
_citation.journal_volume            279 
_citation.page_first                37163 
_citation.page_last                 37174 
_citation.year                      2004 
_citation.journal_id_ASTM           JBCHA3 
_citation.country                   US 
_citation.journal_id_ISSN           0021-9258 
_citation.journal_id_CSD            0071 
_citation.book_publisher            ? 
_citation.pdbx_database_id_PubMed   15210687 
_citation.pdbx_database_id_DOI      10.1074/jbc.M403817200 
# 
loop_
_citation_author.citation_id 
_citation_author.name 
_citation_author.ordinal 
_citation_author.identifier_ORCID 
primary 'Yoshiba, S.'   1 ? 
primary 'Ooga, T.'      2 ? 
primary 'Nakagawa, N.'  3 ? 
primary 'Shibata, T.'   4 ? 
primary 'Inoue, Y.'     5 ? 
primary 'Yokoyama, S.'  6 ? 
primary 'Kuramitsu, S.' 7 ? 
primary 'Masui, R.'     8 ? 
# 
loop_
_entity.id 
_entity.type 
_entity.src_method 
_entity.pdbx_description 
_entity.formula_weight 
_entity.pdbx_number_of_molecules 
_entity.pdbx_ec 
_entity.pdbx_mutation 
_entity.pdbx_fragment 
_entity.details 
1 polymer     man 'ADP-ribose pyrophosphatase' 19286.926 1  3.6.1.13 E86Q ? ? 
2 non-polymer syn 'ZINC ION'                   65.409    2  ?        ?    ? ? 
3 non-polymer syn ADENOSINE-5-DIPHOSPHORIBOSE  559.316   1  ?        ?    ? ? 
4 water       nat water                        18.015    58 ?        ?    ? ? 
# 
_entity_poly.entity_id                      1 
_entity_poly.type                           'polypeptide(L)' 
_entity_poly.nstd_linkage                   no 
_entity_poly.nstd_monomer                   no 
_entity_poly.pdbx_seq_one_letter_code       
;MGRVYYGGVERTYLYRGRILNLALEGRYEIVEHKPAVAVIALREGRMLFVRQMRPAVGLAPLEIPAGLIEPGEDPLEAAR
RELAEQTGLSGDLTYLFSYFVSPGFTDEKTHVFLAENLKEVEAHPDEDEAIEVVWMRPEEALERHQRGEVEFSATGLVGV
LYYHAFLRGR
;
_entity_poly.pdbx_seq_one_letter_code_can   
;MGRVYYGGVERTYLYRGRILNLALEGRYEIVEHKPAVAVIALREGRMLFVRQMRPAVGLAPLEIPAGLIEPGEDPLEAAR
RELAEQTGLSGDLTYLFSYFVSPGFTDEKTHVFLAENLKEVEAHPDEDEAIEVVWMRPEEALERHQRGEVEFSATGLVGV
LYYHAFLRGR
;
_entity_poly.pdbx_strand_id                 A 
_entity_poly.pdbx_target_identifier         ttk003001345.11 
# 
loop_
_pdbx_entity_nonpoly.entity_id 
_pdbx_entity_nonpoly.name 
_pdbx_entity_nonpoly.comp_id 
2 'ZINC ION'                  ZN  
3 ADENOSINE-5-DIPHOSPHORIBOSE APR 
4 water                       HOH 
# 
loop_
_entity_poly_seq.entity_id 
_entity_poly_seq.num 
_entity_poly_seq.mon_id 
_entity_poly_seq.hetero 
1 1   MET n 
1 2   GLY n 
1 3   ARG n 
1 4   VAL n 
1 5   TYR n 
1 6   TYR n 
1 7   GLY n 
1 8   GLY n 
1 9   VAL n 
1 10  GLU n 
1 11  ARG n 
1 12  THR n 
1 13  TYR n 
1 14  LEU n 
1 15  TYR n 
1 16  ARG n 
1 17  GLY n 
1 18  ARG n 
1 19  ILE n 
1 20  LEU n 
1 21  ASN n 
1 22  LEU n 
1 23  ALA n 
1 24  LEU n 
1 25  GLU n 
1 26  GLY n 
1 27  ARG n 
1 28  TYR n 
1 29  GLU n 
1 30  ILE n 
1 31  VAL n 
1 32  GLU n 
1 33  HIS n 
1 34  LYS n 
1 35  PRO n 
1 36  ALA n 
1 37  VAL n 
1 38  ALA n 
1 39  VAL n 
1 40  ILE n 
1 41  ALA n 
1 42  LEU n 
1 43  ARG n 
1 44  GLU n 
1 45  GLY n 
1 46  ARG n 
1 47  MET n 
1 48  LEU n 
1 49  PHE n 
1 50  VAL n 
1 51  ARG n 
1 52  GLN n 
1 53  MET n 
1 54  ARG n 
1 55  PRO n 
1 56  ALA n 
1 57  VAL n 
1 58  GLY n 
1 59  LEU n 
1 60  ALA n 
1 61  PRO n 
1 62  LEU n 
1 63  GLU n 
1 64  ILE n 
1 65  PRO n 
1 66  ALA n 
1 67  GLY n 
1 68  LEU n 
1 69  ILE n 
1 70  GLU n 
1 71  PRO n 
1 72  GLY n 
1 73  GLU n 
1 74  ASP n 
1 75  PRO n 
1 76  LEU n 
1 77  GLU n 
1 78  ALA n 
1 79  ALA n 
1 80  ARG n 
1 81  ARG n 
1 82  GLU n 
1 83  LEU n 
1 84  ALA n 
1 85  GLU n 
1 86  GLN n 
1 87  THR n 
1 88  GLY n 
1 89  LEU n 
1 90  SER n 
1 91  GLY n 
1 92  ASP n 
1 93  LEU n 
1 94  THR n 
1 95  TYR n 
1 96  LEU n 
1 97  PHE n 
1 98  SER n 
1 99  TYR n 
1 100 PHE n 
1 101 VAL n 
1 102 SER n 
1 103 PRO n 
1 104 GLY n 
1 105 PHE n 
1 106 THR n 
1 107 ASP n 
1 108 GLU n 
1 109 LYS n 
1 110 THR n 
1 111 HIS n 
1 112 VAL n 
1 113 PHE n 
1 114 LEU n 
1 115 ALA n 
1 116 GLU n 
1 117 ASN n 
1 118 LEU n 
1 119 LYS n 
1 120 GLU n 
1 121 VAL n 
1 122 GLU n 
1 123 ALA n 
1 124 HIS n 
1 125 PRO n 
1 126 ASP n 
1 127 GLU n 
1 128 ASP n 
1 129 GLU n 
1 130 ALA n 
1 131 ILE n 
1 132 GLU n 
1 133 VAL n 
1 134 VAL n 
1 135 TRP n 
1 136 MET n 
1 137 ARG n 
1 138 PRO n 
1 139 GLU n 
1 140 GLU n 
1 141 ALA n 
1 142 LEU n 
1 143 GLU n 
1 144 ARG n 
1 145 HIS n 
1 146 GLN n 
1 147 ARG n 
1 148 GLY n 
1 149 GLU n 
1 150 VAL n 
1 151 GLU n 
1 152 PHE n 
1 153 SER n 
1 154 ALA n 
1 155 THR n 
1 156 GLY n 
1 157 LEU n 
1 158 VAL n 
1 159 GLY n 
1 160 VAL n 
1 161 LEU n 
1 162 TYR n 
1 163 TYR n 
1 164 HIS n 
1 165 ALA n 
1 166 PHE n 
1 167 LEU n 
1 168 ARG n 
1 169 GLY n 
1 170 ARG n 
# 
_entity_src_gen.entity_id                          1 
_entity_src_gen.pdbx_src_id                        1 
_entity_src_gen.pdbx_alt_source_flag               sample 
_entity_src_gen.pdbx_seq_type                      ? 
_entity_src_gen.pdbx_beg_seq_num                   ? 
_entity_src_gen.pdbx_end_seq_num                   ? 
_entity_src_gen.gene_src_common_name               ? 
_entity_src_gen.gene_src_genus                     Thermus 
_entity_src_gen.pdbx_gene_src_gene                 ? 
_entity_src_gen.gene_src_species                   ? 
_entity_src_gen.gene_src_strain                    ? 
_entity_src_gen.gene_src_tissue                    ? 
_entity_src_gen.gene_src_tissue_fraction           ? 
_entity_src_gen.gene_src_details                   ? 
_entity_src_gen.pdbx_gene_src_fragment             ? 
_entity_src_gen.pdbx_gene_src_scientific_name      'Thermus thermophilus' 
_entity_src_gen.pdbx_gene_src_ncbi_taxonomy_id     274 
_entity_src_gen.pdbx_gene_src_variant              ? 
_entity_src_gen.pdbx_gene_src_cell_line            ? 
_entity_src_gen.pdbx_gene_src_atcc                 ? 
_entity_src_gen.pdbx_gene_src_organ                ? 
_entity_src_gen.pdbx_gene_src_organelle            ? 
_entity_src_gen.pdbx_gene_src_cell                 ? 
_entity_src_gen.pdbx_gene_src_cellular_location    ? 
_entity_src_gen.host_org_common_name               ? 
_entity_src_gen.pdbx_host_org_scientific_name      'Escherichia coli BL21(DE3)' 
_entity_src_gen.pdbx_host_org_ncbi_taxonomy_id     469008 
_entity_src_gen.host_org_genus                     Escherichia 
_entity_src_gen.pdbx_host_org_gene                 ? 
_entity_src_gen.pdbx_host_org_organ                ? 
_entity_src_gen.host_org_species                   'Escherichia coli' 
_entity_src_gen.pdbx_host_org_tissue               ? 
_entity_src_gen.pdbx_host_org_tissue_fraction      ? 
_entity_src_gen.pdbx_host_org_strain               'BL21(DE3)' 
_entity_src_gen.pdbx_host_org_variant              ? 
_entity_src_gen.pdbx_host_org_cell_line            ? 
_entity_src_gen.pdbx_host_org_atcc                 ? 
_entity_src_gen.pdbx_host_org_culture_collection   ? 
_entity_src_gen.pdbx_host_org_cell                 ? 
_entity_src_gen.pdbx_host_org_organelle            ? 
_entity_src_gen.pdbx_host_org_cellular_location    ? 
_entity_src_gen.pdbx_host_org_vector_type          plasmid 
_entity_src_gen.pdbx_host_org_vector               ? 
_entity_src_gen.host_org_details                   ? 
_entity_src_gen.expression_system_id               ? 
_entity_src_gen.plasmid_name                       pET11a 
_entity_src_gen.plasmid_details                    ? 
_entity_src_gen.pdbx_description                   ? 
# 
loop_
_chem_comp.id 
_chem_comp.type 
_chem_comp.mon_nstd_flag 
_chem_comp.name 
_chem_comp.pdbx_synonyms 
_chem_comp.formula 
_chem_comp.formula_weight 
ALA 'L-peptide linking' y ALANINE                     ? 'C3 H7 N O2'        89.093  
APR non-polymer         . ADENOSINE-5-DIPHOSPHORIBOSE ? 'C15 H23 N5 O14 P2' 559.316 
ARG 'L-peptide linking' y ARGININE                    ? 'C6 H15 N4 O2 1'    175.209 
ASN 'L-peptide linking' y ASPARAGINE                  ? 'C4 H8 N2 O3'       132.118 
ASP 'L-peptide linking' y 'ASPARTIC ACID'             ? 'C4 H7 N O4'        133.103 
GLN 'L-peptide linking' y GLUTAMINE                   ? 'C5 H10 N2 O3'      146.144 
GLU 'L-peptide linking' y 'GLUTAMIC ACID'             ? 'C5 H9 N O4'        147.129 
GLY 'peptide linking'   y GLYCINE                     ? 'C2 H5 N O2'        75.067  
HIS 'L-peptide linking' y HISTIDINE                   ? 'C6 H10 N3 O2 1'    156.162 
HOH non-polymer         . WATER                       ? 'H2 O'              18.015  
ILE 'L-peptide linking' y ISOLEUCINE                  ? 'C6 H13 N O2'       131.173 
LEU 'L-peptide linking' y LEUCINE                     ? 'C6 H13 N O2'       131.173 
LYS 'L-peptide linking' y LYSINE                      ? 'C6 H15 N2 O2 1'    147.195 
MET 'L-peptide linking' y METHIONINE                  ? 'C5 H11 N O2 S'     149.211 
PHE 'L-peptide linking' y PHENYLALANINE               ? 'C9 H11 N O2'       165.189 
PRO 'L-peptide linking' y PROLINE                     ? 'C5 H9 N O2'        115.130 
SER 'L-peptide linking' y SERINE                      ? 'C3 H7 N O3'        105.093 
THR 'L-peptide linking' y THREONINE                   ? 'C4 H9 N O3'        119.119 
TRP 'L-peptide linking' y TRYPTOPHAN                  ? 'C11 H12 N2 O2'     204.225 
TYR 'L-peptide linking' y TYROSINE                    ? 'C9 H11 N O3'       181.189 
VAL 'L-peptide linking' y VALINE                      ? 'C5 H11 N O2'       117.146 
ZN  non-polymer         . 'ZINC ION'                  ? 'Zn 2'              65.409  
# 
loop_
_pdbx_poly_seq_scheme.asym_id 
_pdbx_poly_seq_scheme.entity_id 
_pdbx_poly_seq_scheme.seq_id 
_pdbx_poly_seq_scheme.mon_id 
_pdbx_poly_seq_scheme.ndb_seq_num 
_pdbx_poly_seq_scheme.pdb_seq_num 
_pdbx_poly_seq_scheme.auth_seq_num 
_pdbx_poly_seq_scheme.pdb_mon_id 
_pdbx_poly_seq_scheme.auth_mon_id 
_pdbx_poly_seq_scheme.pdb_strand_id 
_pdbx_poly_seq_scheme.pdb_ins_code 
_pdbx_poly_seq_scheme.hetero 
A 1 1   MET 1   1   ?   ?   ?   A . n 
A 1 2   GLY 2   2   ?   ?   ?   A . n 
A 1 3   ARG 3   3   ?   ?   ?   A . n 
A 1 4   VAL 4   4   ?   ?   ?   A . n 
A 1 5   TYR 5   5   ?   ?   ?   A . n 
A 1 6   TYR 6   6   ?   ?   ?   A . n 
A 1 7   GLY 7   7   ?   ?   ?   A . n 
A 1 8   GLY 8   8   ?   ?   ?   A . n 
A 1 9   VAL 9   9   ?   ?   ?   A . n 
A 1 10  GLU 10  10  ?   ?   ?   A . n 
A 1 11  ARG 11  11  11  ARG ARG A . n 
A 1 12  THR 12  12  12  THR THR A . n 
A 1 13  TYR 13  13  13  TYR TYR A . n 
A 1 14  LEU 14  14  14  LEU LEU A . n 
A 1 15  TYR 15  15  15  TYR TYR A . n 
A 1 16  ARG 16  16  16  ARG ARG A . n 
A 1 17  GLY 17  17  17  GLY GLY A . n 
A 1 18  ARG 18  18  18  ARG ARG A . n 
A 1 19  ILE 19  19  19  ILE ILE A . n 
A 1 20  LEU 20  20  20  LEU LEU A . n 
A 1 21  ASN 21  21  21  ASN ASN A . n 
A 1 22  LEU 22  22  22  LEU LEU A . n 
A 1 23  ALA 23  23  23  ALA ALA A . n 
A 1 24  LEU 24  24  24  LEU LEU A . n 
A 1 25  GLU 25  25  25  GLU GLU A . n 
A 1 26  GLY 26  26  26  GLY GLY A . n 
A 1 27  ARG 27  27  27  ARG ARG A . n 
A 1 28  TYR 28  28  28  TYR TYR A . n 
A 1 29  GLU 29  29  29  GLU GLU A . n 
A 1 30  ILE 30  30  30  ILE ILE A . n 
A 1 31  VAL 31  31  31  VAL VAL A . n 
A 1 32  GLU 32  32  32  GLU GLU A . n 
A 1 33  HIS 33  33  33  HIS HIS A . n 
A 1 34  LYS 34  34  34  LYS LYS A . n 
A 1 35  PRO 35  35  35  PRO PRO A . n 
A 1 36  ALA 36  36  36  ALA ALA A . n 
A 1 37  VAL 37  37  37  VAL VAL A . n 
A 1 38  ALA 38  38  38  ALA ALA A . n 
A 1 39  VAL 39  39  39  VAL VAL A . n 
A 1 40  ILE 40  40  40  ILE ILE A . n 
A 1 41  ALA 41  41  41  ALA ALA A . n 
A 1 42  LEU 42  42  42  LEU LEU A . n 
A 1 43  ARG 43  43  43  ARG ARG A . n 
A 1 44  GLU 44  44  44  GLU GLU A . n 
A 1 45  GLY 45  45  45  GLY GLY A . n 
A 1 46  ARG 46  46  46  ARG ARG A . n 
A 1 47  MET 47  47  47  MET MET A . n 
A 1 48  LEU 48  48  48  LEU LEU A . n 
A 1 49  PHE 49  49  49  PHE PHE A . n 
A 1 50  VAL 50  50  50  VAL VAL A . n 
A 1 51  ARG 51  51  51  ARG ARG A . n 
A 1 52  GLN 52  52  52  GLN GLN A . n 
A 1 53  MET 53  53  53  MET MET A . n 
A 1 54  ARG 54  54  54  ARG ARG A . n 
A 1 55  PRO 55  55  55  PRO PRO A . n 
A 1 56  ALA 56  56  56  ALA ALA A . n 
A 1 57  VAL 57  57  57  VAL VAL A . n 
A 1 58  GLY 58  58  58  GLY GLY A . n 
A 1 59  LEU 59  59  59  LEU LEU A . n 
A 1 60  ALA 60  60  60  ALA ALA A . n 
A 1 61  PRO 61  61  61  PRO PRO A . n 
A 1 62  LEU 62  62  62  LEU LEU A . n 
A 1 63  GLU 63  63  63  GLU GLU A . n 
A 1 64  ILE 64  64  64  ILE ILE A . n 
A 1 65  PRO 65  65  65  PRO PRO A . n 
A 1 66  ALA 66  66  66  ALA ALA A . n 
A 1 67  GLY 67  67  67  GLY GLY A . n 
A 1 68  LEU 68  68  68  LEU LEU A . n 
A 1 69  ILE 69  69  69  ILE ILE A . n 
A 1 70  GLU 70  70  70  GLU GLU A . n 
A 1 71  PRO 71  71  71  PRO PRO A . n 
A 1 72  GLY 72  72  72  GLY GLY A . n 
A 1 73  GLU 73  73  73  GLU GLU A . n 
A 1 74  ASP 74  74  74  ASP ASP A . n 
A 1 75  PRO 75  75  75  PRO PRO A . n 
A 1 76  LEU 76  76  76  LEU LEU A . n 
A 1 77  GLU 77  77  77  GLU GLU A . n 
A 1 78  ALA 78  78  78  ALA ALA A . n 
A 1 79  ALA 79  79  79  ALA ALA A . n 
A 1 80  ARG 80  80  80  ARG ARG A . n 
A 1 81  ARG 81  81  81  ARG ARG A . n 
A 1 82  GLU 82  82  82  GLU GLU A . n 
A 1 83  LEU 83  83  83  LEU LEU A . n 
A 1 84  ALA 84  84  84  ALA ALA A . n 
A 1 85  GLU 85  85  85  GLU GLU A . n 
A 1 86  GLN 86  86  86  GLN GLN A . n 
A 1 87  THR 87  87  87  THR THR A . n 
A 1 88  GLY 88  88  88  GLY GLY A . n 
A 1 89  LEU 89  89  89  LEU LEU A . n 
A 1 90  SER 90  90  90  SER SER A . n 
A 1 91  GLY 91  91  91  GLY GLY A . n 
A 1 92  ASP 92  92  92  ASP ASP A . n 
A 1 93  LEU 93  93  93  LEU LEU A . n 
A 1 94  THR 94  94  94  THR THR A . n 
A 1 95  TYR 95  95  95  TYR TYR A . n 
A 1 96  LEU 96  96  96  LEU LEU A . n 
A 1 97  PHE 97  97  97  PHE PHE A . n 
A 1 98  SER 98  98  98  SER SER A . n 
A 1 99  TYR 99  99  99  TYR TYR A . n 
A 1 100 PHE 100 100 100 PHE PHE A . n 
A 1 101 VAL 101 101 101 VAL VAL A . n 
A 1 102 SER 102 102 102 SER SER A . n 
A 1 103 PRO 103 103 103 PRO PRO A . n 
A 1 104 GLY 104 104 104 GLY GLY A . n 
A 1 105 PHE 105 105 105 PHE PHE A . n 
A 1 106 THR 106 106 106 THR THR A . n 
A 1 107 ASP 107 107 107 ASP ASP A . n 
A 1 108 GLU 108 108 108 GLU GLU A . n 
A 1 109 LYS 109 109 109 LYS LYS A . n 
A 1 110 THR 110 110 110 THR THR A . n 
A 1 111 HIS 111 111 111 HIS HIS A . n 
A 1 112 VAL 112 112 112 VAL VAL A . n 
A 1 113 PHE 113 113 113 PHE PHE A . n 
A 1 114 LEU 114 114 114 LEU LEU A . n 
A 1 115 ALA 115 115 115 ALA ALA A . n 
A 1 116 GLU 116 116 116 GLU GLU A . n 
A 1 117 ASN 117 117 117 ASN ASN A . n 
A 1 118 LEU 118 118 118 LEU LEU A . n 
A 1 119 LYS 119 119 119 LYS LYS A . n 
A 1 120 GLU 120 120 120 GLU GLU A . n 
A 1 121 VAL 121 121 121 VAL VAL A . n 
A 1 122 GLU 122 122 122 GLU GLU A . n 
A 1 123 ALA 123 123 ?   ?   ?   A . n 
A 1 124 HIS 124 124 ?   ?   ?   A . n 
A 1 125 PRO 125 125 ?   ?   ?   A . n 
A 1 126 ASP 126 126 ?   ?   ?   A . n 
A 1 127 GLU 127 127 ?   ?   ?   A . n 
A 1 128 ASP 128 128 ?   ?   ?   A . n 
A 1 129 GLU 129 129 ?   ?   ?   A . n 
A 1 130 ALA 130 130 ?   ?   ?   A . n 
A 1 131 ILE 131 131 131 ILE ILE A . n 
A 1 132 GLU 132 132 132 GLU GLU A . n 
A 1 133 VAL 133 133 133 VAL VAL A . n 
A 1 134 VAL 134 134 134 VAL VAL A . n 
A 1 135 TRP 135 135 135 TRP TRP A . n 
A 1 136 MET 136 136 136 MET MET A . n 
A 1 137 ARG 137 137 137 ARG ARG A . n 
A 1 138 PRO 138 138 138 PRO PRO A . n 
A 1 139 GLU 139 139 139 GLU GLU A . n 
A 1 140 GLU 140 140 140 GLU GLU A . n 
A 1 141 ALA 141 141 141 ALA ALA A . n 
A 1 142 LEU 142 142 142 LEU LEU A . n 
A 1 143 GLU 143 143 143 GLU GLU A . n 
A 1 144 ARG 144 144 144 ARG ARG A . n 
A 1 145 HIS 145 145 145 HIS HIS A . n 
A 1 146 GLN 146 146 146 GLN GLN A . n 
A 1 147 ARG 147 147 147 ARG ARG A . n 
A 1 148 GLY 148 148 148 GLY GLY A . n 
A 1 149 GLU 149 149 149 GLU GLU A . n 
A 1 150 VAL 150 150 150 VAL VAL A . n 
A 1 151 GLU 151 151 151 GLU GLU A . n 
A 1 152 PHE 152 152 152 PHE PHE A . n 
A 1 153 SER 153 153 153 SER SER A . n 
A 1 154 ALA 154 154 154 ALA ALA A . n 
A 1 155 THR 155 155 155 THR THR A . n 
A 1 156 GLY 156 156 156 GLY GLY A . n 
A 1 157 LEU 157 157 157 LEU LEU A . n 
A 1 158 VAL 158 158 158 VAL VAL A . n 
A 1 159 GLY 159 159 159 GLY GLY A . n 
A 1 160 VAL 160 160 160 VAL VAL A . n 
A 1 161 LEU 161 161 161 LEU LEU A . n 
A 1 162 TYR 162 162 162 TYR TYR A . n 
A 1 163 TYR 163 163 163 TYR TYR A . n 
A 1 164 HIS 164 164 164 HIS HIS A . n 
A 1 165 ALA 165 165 165 ALA ALA A . n 
A 1 166 PHE 166 166 166 PHE PHE A . n 
A 1 167 LEU 167 167 167 LEU LEU A . n 
A 1 168 ARG 168 168 168 ARG ARG A . n 
A 1 169 GLY 169 169 ?   ?   ?   A . n 
A 1 170 ARG 170 170 ?   ?   ?   A . n 
# 
loop_
_pdbx_nonpoly_scheme.asym_id 
_pdbx_nonpoly_scheme.entity_id 
_pdbx_nonpoly_scheme.mon_id 
_pdbx_nonpoly_scheme.ndb_seq_num 
_pdbx_nonpoly_scheme.pdb_seq_num 
_pdbx_nonpoly_scheme.auth_seq_num 
_pdbx_nonpoly_scheme.pdb_mon_id 
_pdbx_nonpoly_scheme.auth_mon_id 
_pdbx_nonpoly_scheme.pdb_strand_id 
_pdbx_nonpoly_scheme.pdb_ins_code 
B 2 ZN  1  300 300 ZN  ZN2 A . 
C 2 ZN  1  301 301 ZN  ZN2 A . 
D 3 APR 1  619 619 APR APR A . 
E 4 HOH 1  620 1   HOH TIP A . 
E 4 HOH 2  621 2   HOH TIP A . 
E 4 HOH 3  622 3   HOH TIP A . 
E 4 HOH 4  623 4   HOH TIP A . 
E 4 HOH 5  624 5   HOH TIP A . 
E 4 HOH 6  625 6   HOH TIP A . 
E 4 HOH 7  626 7   HOH TIP A . 
E 4 HOH 8  627 8   HOH TIP A . 
E 4 HOH 9  628 9   HOH TIP A . 
E 4 HOH 10 629 10  HOH TIP A . 
E 4 HOH 11 630 11  HOH TIP A . 
E 4 HOH 12 631 12  HOH TIP A . 
E 4 HOH 13 632 13  HOH TIP A . 
E 4 HOH 14 633 14  HOH TIP A . 
E 4 HOH 15 634 15  HOH TIP A . 
E 4 HOH 16 635 16  HOH TIP A . 
E 4 HOH 17 636 17  HOH TIP A . 
E 4 HOH 18 637 18  HOH TIP A . 
E 4 HOH 19 638 19  HOH TIP A . 
E 4 HOH 20 639 20  HOH TIP A . 
E 4 HOH 21 640 21  HOH TIP A . 
E 4 HOH 22 641 22  HOH TIP A . 
E 4 HOH 23 642 23  HOH TIP A . 
E 4 HOH 24 643 24  HOH TIP A . 
E 4 HOH 25 644 25  HOH TIP A . 
E 4 HOH 26 645 26  HOH TIP A . 
E 4 HOH 27 646 27  HOH TIP A . 
E 4 HOH 28 647 28  HOH TIP A . 
E 4 HOH 29 648 29  HOH TIP A . 
E 4 HOH 30 649 31  HOH TIP A . 
E 4 HOH 31 650 32  HOH TIP A . 
E 4 HOH 32 651 33  HOH TIP A . 
E 4 HOH 33 652 34  HOH TIP A . 
E 4 HOH 34 653 35  HOH TIP A . 
E 4 HOH 35 654 36  HOH TIP A . 
E 4 HOH 36 655 37  HOH TIP A . 
E 4 HOH 37 656 38  HOH TIP A . 
E 4 HOH 38 657 39  HOH TIP A . 
E 4 HOH 39 658 40  HOH TIP A . 
E 4 HOH 40 659 43  HOH TIP A . 
E 4 HOH 41 660 44  HOH TIP A . 
E 4 HOH 42 661 45  HOH TIP A . 
E 4 HOH 43 662 46  HOH TIP A . 
E 4 HOH 44 663 47  HOH TIP A . 
E 4 HOH 45 664 50  HOH TIP A . 
E 4 HOH 46 665 51  HOH TIP A . 
E 4 HOH 47 666 52  HOH TIP A . 
E 4 HOH 48 667 53  HOH TIP A . 
E 4 HOH 49 668 54  HOH TIP A . 
E 4 HOH 50 669 56  HOH TIP A . 
E 4 HOH 51 670 57  HOH TIP A . 
E 4 HOH 52 671 58  HOH TIP A . 
E 4 HOH 53 672 59  HOH TIP A . 
E 4 HOH 54 673 61  HOH TIP A . 
E 4 HOH 55 674 62  HOH TIP A . 
E 4 HOH 56 675 63  HOH TIP A . 
E 4 HOH 57 676 64  HOH TIP A . 
E 4 HOH 58 677 65  HOH TIP A . 
# 
loop_
_pdbx_unobs_or_zero_occ_atoms.id 
_pdbx_unobs_or_zero_occ_atoms.PDB_model_num 
_pdbx_unobs_or_zero_occ_atoms.polymer_flag 
_pdbx_unobs_or_zero_occ_atoms.occupancy_flag 
_pdbx_unobs_or_zero_occ_atoms.auth_asym_id 
_pdbx_unobs_or_zero_occ_atoms.auth_comp_id 
_pdbx_unobs_or_zero_occ_atoms.auth_seq_id 
_pdbx_unobs_or_zero_occ_atoms.PDB_ins_code 
_pdbx_unobs_or_zero_occ_atoms.auth_atom_id 
_pdbx_unobs_or_zero_occ_atoms.label_alt_id 
_pdbx_unobs_or_zero_occ_atoms.label_asym_id 
_pdbx_unobs_or_zero_occ_atoms.label_comp_id 
_pdbx_unobs_or_zero_occ_atoms.label_seq_id 
_pdbx_unobs_or_zero_occ_atoms.label_atom_id 
1  1 N 1 A APR 619 ? PA  ? D APR 1 PA  
2  1 N 1 A APR 619 ? O1A ? D APR 1 O1A 
3  1 N 1 A APR 619 ? O2A ? D APR 1 O2A 
4  1 N 1 A APR 619 ? O3A ? D APR 1 O3A 
5  1 N 1 A APR 619 ? PB  ? D APR 1 PB  
6  1 N 1 A APR 619 ? O1B ? D APR 1 O1B 
7  1 N 1 A APR 619 ? O2B ? D APR 1 O2B 
8  1 N 1 A APR 619 ? O5D ? D APR 1 O5D 
9  1 N 1 A APR 619 ? C5D ? D APR 1 C5D 
10 1 N 1 A APR 619 ? O4D ? D APR 1 O4D 
11 1 N 1 A APR 619 ? O1D ? D APR 1 O1D 
12 1 N 1 A APR 619 ? C1D ? D APR 1 C1D 
13 1 N 1 A APR 619 ? O2D ? D APR 1 O2D 
14 1 N 1 A APR 619 ? C2D ? D APR 1 C2D 
15 1 N 1 A APR 619 ? O3D ? D APR 1 O3D 
16 1 N 1 A APR 619 ? C3D ? D APR 1 C3D 
17 1 N 1 A APR 619 ? C4D ? D APR 1 C4D 
# 
loop_
_software.name 
_software.classification 
_software.version 
_software.citation_id 
_software.pdbx_ordinal 
CNS       refinement       1.1 ? 1 
HKL-2000  'data reduction' .   ? 2 
SCALEPACK 'data scaling'   .   ? 3 
# 
_cell.entry_id           1V8Y 
_cell.length_a           49.655 
_cell.length_b           49.655 
_cell.length_c           118.473 
_cell.angle_alpha        90.00 
_cell.angle_beta         90.00 
_cell.angle_gamma        120.00 
_cell.Z_PDB              6 
_cell.pdbx_unique_axis   ? 
# 
_symmetry.entry_id                         1V8Y 
_symmetry.space_group_name_H-M             'P 32 2 1' 
_symmetry.pdbx_full_space_group_name_H-M   ? 
_symmetry.cell_setting                     ? 
_symmetry.Int_Tables_number                154 
_symmetry.space_group_name_Hall            ? 
# 
_exptl.entry_id          1V8Y 
_exptl.method            'X-RAY DIFFRACTION' 
_exptl.crystals_number   1 
# 
_exptl_crystal.id                    1 
_exptl_crystal.density_meas          ? 
_exptl_crystal.density_Matthews      2.34 
_exptl_crystal.density_percent_sol   47.11 
_exptl_crystal.description           ? 
_exptl_crystal.F_000                 ? 
_exptl_crystal.preparation           ? 
# 
_exptl_crystal_grow.crystal_id      1 
_exptl_crystal_grow.method          'VAPOR DIFFUSION, HANGING DROP' 
_exptl_crystal_grow.temp            293 
_exptl_crystal_grow.temp_details    ? 
_exptl_crystal_grow.pH              ? 
_exptl_crystal_grow.pdbx_details    'VAPOR DIFFUSION, HANGING DROP, temperature 293K' 
_exptl_crystal_grow.pdbx_pH_range   . 
# 
_diffrn.id                     1 
_diffrn.ambient_temp           ? 
_diffrn.ambient_temp_details   ? 
_diffrn.crystal_id             1 
# 
_diffrn_radiation.diffrn_id                        1 
_diffrn_radiation.wavelength_id                    1 
_diffrn_radiation.pdbx_monochromatic_or_laue_m_l   M 
_diffrn_radiation.monochromator                    ? 
_diffrn_radiation.pdbx_diffrn_protocol             'SINGLE WAVELENGTH' 
_diffrn_radiation.pdbx_scattering_type             x-ray 
# 
_diffrn_radiation_wavelength.id           1 
_diffrn_radiation_wavelength.wavelength   . 
_diffrn_radiation_wavelength.wt           1.0 
# 
_diffrn_source.diffrn_id                   1 
_diffrn_source.source                      SYNCHROTRON 
_diffrn_source.type                        'SPRING-8 BEAMLINE BL44B2' 
_diffrn_source.pdbx_synchrotron_site       SPring-8 
_diffrn_source.pdbx_synchrotron_beamline   BL44B2 
_diffrn_source.pdbx_wavelength             ? 
_diffrn_source.pdbx_wavelength_list        ? 
# 
_reflns.entry_id                     1V8Y 
_reflns.observed_criterion_sigma_I   -3 
_reflns.observed_criterion_sigma_F   ? 
_reflns.d_resolution_low             50 
_reflns.d_resolution_high            1.65 
_reflns.number_obs                   21103 
_reflns.number_all                   21138 
_reflns.percent_possible_obs         99.8 
_reflns.pdbx_Rmerge_I_obs            ? 
_reflns.pdbx_Rsym_value              0.032 
_reflns.pdbx_netI_over_sigmaI        ? 
_reflns.B_iso_Wilson_estimate        18.2 
_reflns.pdbx_redundancy              ? 
_reflns.R_free_details               ? 
_reflns.limit_h_max                  ? 
_reflns.limit_h_min                  ? 
_reflns.limit_k_max                  ? 
_reflns.limit_k_min                  ? 
_reflns.limit_l_max                  ? 
_reflns.limit_l_min                  ? 
_reflns.observed_criterion_F_max     ? 
_reflns.observed_criterion_F_min     ? 
_reflns.pdbx_chi_squared             ? 
_reflns.pdbx_scaling_rejects         ? 
_reflns.pdbx_ordinal                 1 
_reflns.pdbx_diffrn_id               1 
# 
_reflns_shell.d_res_high             1.65 
_reflns_shell.d_res_low              1.71 
_reflns_shell.percent_possible_all   99.7 
_reflns_shell.Rmerge_I_obs           ? 
_reflns_shell.pdbx_Rsym_value        0.248 
_reflns_shell.meanI_over_sigI_obs    ? 
_reflns_shell.pdbx_redundancy        ? 
_reflns_shell.percent_possible_obs   ? 
_reflns_shell.number_unique_all      ? 
_reflns_shell.number_measured_all    ? 
_reflns_shell.number_measured_obs    ? 
_reflns_shell.number_unique_obs      ? 
_reflns_shell.pdbx_chi_squared       ? 
_reflns_shell.pdbx_ordinal           1 
_reflns_shell.pdbx_diffrn_id         1 
# 
_refine.entry_id                                 1V8Y 
_refine.ls_number_reflns_obs                     21061 
_refine.ls_number_reflns_all                     ? 
_refine.pdbx_ls_sigma_I                          ? 
_refine.pdbx_ls_sigma_F                          .0 
_refine.pdbx_data_cutoff_high_absF               1174606.18 
_refine.pdbx_data_cutoff_low_absF                .000000 
_refine.pdbx_data_cutoff_high_rms_absF           ? 
_refine.ls_d_res_low                             24.30 
_refine.ls_d_res_high                            1.65 
_refine.ls_percent_reflns_obs                    99.7 
_refine.ls_R_factor_obs                          0.217 
_refine.ls_R_factor_all                          ? 
_refine.ls_R_factor_R_work                       0.217 
_refine.ls_R_factor_R_free                       0.226 
_refine.ls_R_factor_R_free_error                 .007 
_refine.ls_R_factor_R_free_error_details         ? 
_refine.ls_percent_reflns_R_free                 5.0 
_refine.ls_number_reflns_R_free                  1062 
_refine.ls_number_parameters                     ? 
_refine.ls_number_restraints                     ? 
_refine.occupancy_min                            ? 
_refine.occupancy_max                            ? 
_refine.correlation_coeff_Fo_to_Fc               ? 
_refine.correlation_coeff_Fo_to_Fc_free          ? 
_refine.B_iso_mean                               21.3 
_refine.aniso_B[1][1]                            1.96 
_refine.aniso_B[2][2]                            1.70 
_refine.aniso_B[3][3]                            -3.66 
_refine.aniso_B[1][2]                            1.00 
_refine.aniso_B[1][3]                            .00 
_refine.aniso_B[2][3]                            .00 
_refine.solvent_model_details                    'FLAT MODEL' 
_refine.solvent_model_param_ksol                 .411498 
_refine.solvent_model_param_bsol                 57.4256 
_refine.pdbx_solvent_vdw_probe_radii             ? 
_refine.pdbx_solvent_ion_probe_radii             ? 
_refine.pdbx_solvent_shrinkage_radii             ? 
_refine.pdbx_ls_cross_valid_method               THROUGHOUT 
_refine.details                                  ? 
_refine.pdbx_starting_model                      ? 
_refine.pdbx_method_to_determine_struct          'MOLECULAR REPLACEMENT' 
_refine.pdbx_isotropic_thermal_model             RESTRAINED 
_refine.pdbx_stereochemistry_target_values       ? 
_refine.pdbx_stereochem_target_val_spec_case     ? 
_refine.pdbx_R_Free_selection_details            RANDOM 
_refine.pdbx_overall_ESU_R                       ? 
_refine.pdbx_overall_ESU_R_Free                  ? 
_refine.overall_SU_ML                            ? 
_refine.overall_SU_B                             ? 
_refine.ls_redundancy_reflns_obs                 ? 
_refine.B_iso_min                                ? 
_refine.B_iso_max                                ? 
_refine.overall_SU_R_Cruickshank_DPI             ? 
_refine.overall_SU_R_free                        ? 
_refine.ls_wR_factor_R_free                      ? 
_refine.ls_wR_factor_R_work                      ? 
_refine.overall_FOM_free_R_set                   ? 
_refine.overall_FOM_work_R_set                   ? 
_refine.pdbx_refine_id                           'X-RAY DIFFRACTION' 
_refine.pdbx_diffrn_id                           1 
_refine.pdbx_TLS_residual_ADP_flag               ? 
_refine.pdbx_overall_phase_error                 ? 
_refine.pdbx_overall_SU_R_free_Cruickshank_DPI   ? 
_refine.pdbx_overall_SU_R_Blow_DPI               ? 
_refine.pdbx_overall_SU_R_free_Blow_DPI          ? 
# 
_refine_analyze.entry_id                        1V8Y 
_refine_analyze.Luzzati_coordinate_error_obs    .19 
_refine_analyze.Luzzati_sigma_a_obs             .06 
_refine_analyze.Luzzati_d_res_low_obs           5.00 
_refine_analyze.Luzzati_coordinate_error_free   .21 
_refine_analyze.Luzzati_sigma_a_free            .13 
_refine_analyze.Luzzati_d_res_low_free          ? 
_refine_analyze.number_disordered_residues      ? 
_refine_analyze.occupancy_sum_hydrogen          ? 
_refine_analyze.occupancy_sum_non_hydrogen      ? 
_refine_analyze.pdbx_Luzzati_d_res_high_obs     ? 
_refine_analyze.pdbx_refine_id                  'X-RAY DIFFRACTION' 
# 
_refine_hist.pdbx_refine_id                   'X-RAY DIFFRACTION' 
_refine_hist.cycle_id                         LAST 
_refine_hist.pdbx_number_atoms_protein        1206 
_refine_hist.pdbx_number_atoms_nucleic_acid   0 
_refine_hist.pdbx_number_atoms_ligand         21 
_refine_hist.number_atoms_solvent             58 
_refine_hist.number_atoms_total               1285 
_refine_hist.d_res_high                       1.65 
_refine_hist.d_res_low                        24.30 
# 
loop_
_refine_ls_restr.type 
_refine_ls_restr.dev_ideal 
_refine_ls_restr.dev_ideal_target 
_refine_ls_restr.weight 
_refine_ls_restr.number 
_refine_ls_restr.pdbx_refine_id 
_refine_ls_restr.pdbx_restraint_function 
c_bond_d                .005 ?    ? ? 'X-RAY DIFFRACTION' ? 
c_bond_d_na             ?    ?    ? ? 'X-RAY DIFFRACTION' ? 
c_bond_d_prot           ?    ?    ? ? 'X-RAY DIFFRACTION' ? 
c_angle_d               ?    ?    ? ? 'X-RAY DIFFRACTION' ? 
c_angle_d_na            ?    ?    ? ? 'X-RAY DIFFRACTION' ? 
c_angle_d_prot          ?    ?    ? ? 'X-RAY DIFFRACTION' ? 
c_angle_deg             1.3  ?    ? ? 'X-RAY DIFFRACTION' ? 
c_angle_deg_na          ?    ?    ? ? 'X-RAY DIFFRACTION' ? 
c_angle_deg_prot        ?    ?    ? ? 'X-RAY DIFFRACTION' ? 
c_dihedral_angle_d      23.9 ?    ? ? 'X-RAY DIFFRACTION' ? 
c_dihedral_angle_d_na   ?    ?    ? ? 'X-RAY DIFFRACTION' ? 
c_dihedral_angle_d_prot ?    ?    ? ? 'X-RAY DIFFRACTION' ? 
c_improper_angle_d      .65  ?    ? ? 'X-RAY DIFFRACTION' ? 
c_improper_angle_d_na   ?    ?    ? ? 'X-RAY DIFFRACTION' ? 
c_improper_angle_d_prot ?    ?    ? ? 'X-RAY DIFFRACTION' ? 
c_mcbond_it             1.08 1.50 ? ? 'X-RAY DIFFRACTION' ? 
c_mcangle_it            1.65 2.00 ? ? 'X-RAY DIFFRACTION' ? 
c_scbond_it             1.98 2.00 ? ? 'X-RAY DIFFRACTION' ? 
c_scangle_it            2.94 2.50 ? ? 'X-RAY DIFFRACTION' ? 
# 
_refine_ls_shell.pdbx_total_number_of_bins_used   6 
_refine_ls_shell.d_res_high                       1.65 
_refine_ls_shell.d_res_low                        1.75 
_refine_ls_shell.number_reflns_R_work             3253 
_refine_ls_shell.R_factor_R_work                  0.229 
_refine_ls_shell.percent_reflns_obs               99.7 
_refine_ls_shell.R_factor_R_free                  0.269 
_refine_ls_shell.R_factor_R_free_error            .021 
_refine_ls_shell.percent_reflns_R_free            4.9 
_refine_ls_shell.number_reflns_R_free             168 
_refine_ls_shell.number_reflns_obs                ? 
_refine_ls_shell.redundancy_reflns_obs            ? 
_refine_ls_shell.number_reflns_all                ? 
_refine_ls_shell.pdbx_refine_id                   'X-RAY DIFFRACTION' 
_refine_ls_shell.R_factor_all                     ? 
# 
loop_
_pdbx_xplor_file.serial_no 
_pdbx_xplor_file.param_file 
_pdbx_xplor_file.topol_file 
_pdbx_xplor_file.pdbx_refine_id 
1 PROTEIN_REP.PARAM       PROTEIN.TOP             'X-RAY DIFFRACTION' 
2 WATER_REP.PARAM         WATER.TOP               'X-RAY DIFFRACTION' 
3 ADENOSINE_XPLOR_PAR.TXT ADENOSINE_XPLOR_TOP.TXT 'X-RAY DIFFRACTION' 
4 ION.PARAM               ION.TOP                 'X-RAY DIFFRACTION' 
# 
_struct.entry_id                  1V8Y 
_struct.title                     
'Crystal structure analysis of the ADP-ribose pyrophosphatase of E86Q mutant, complexed with ADP-ribose and Zn' 
_struct.pdbx_model_details        ? 
_struct.pdbx_CASP_flag            ? 
_struct.pdbx_model_type_details   ? 
# 
_struct_keywords.entry_id        1V8Y 
_struct_keywords.pdbx_keywords   HYDROLASE 
_struct_keywords.text            
'nudix motif, loop-helix-loop, MutT family, RIKEN Structural Genomics/Proteomics Initiative, RSGI, Structural Genomics, HYDROLASE' 
# 
loop_
_struct_asym.id 
_struct_asym.pdbx_blank_PDB_chainid_flag 
_struct_asym.pdbx_modified 
_struct_asym.entity_id 
_struct_asym.details 
A N N 1 ? 
B N N 2 ? 
C N N 2 ? 
D N N 3 ? 
E N N 4 ? 
# 
_struct_ref.id                         1 
_struct_ref.db_name                    UNP 
_struct_ref.db_code                    Q84CU3_THETH 
_struct_ref.pdbx_db_accession          Q84CU3 
_struct_ref.entity_id                  1 
_struct_ref.pdbx_seq_one_letter_code   
;MGRVYYGGVERTYLYRGRILNLALEGRYEIVEHKPAVAVIALREGRMLFVRQMRPAVGLAPLEIPAGLIEPGEDPLEAAR
RELAEETGLSGDLTYLFSYFVSPGFTDEKTHVFLAENLKEVEAHPDEDEAIEVVWMRPEEALERHQRGEVEFSATGLVGV
LYYHAFLRGR
;
_struct_ref.pdbx_align_begin           1 
_struct_ref.pdbx_db_isoform            ? 
# 
_struct_ref_seq.align_id                      1 
_struct_ref_seq.ref_id                        1 
_struct_ref_seq.pdbx_PDB_id_code              1V8Y 
_struct_ref_seq.pdbx_strand_id                A 
_struct_ref_seq.seq_align_beg                 1 
_struct_ref_seq.pdbx_seq_align_beg_ins_code   ? 
_struct_ref_seq.seq_align_end                 170 
_struct_ref_seq.pdbx_seq_align_end_ins_code   ? 
_struct_ref_seq.pdbx_db_accession             Q84CU3 
_struct_ref_seq.db_align_beg                  1 
_struct_ref_seq.pdbx_db_align_beg_ins_code    ? 
_struct_ref_seq.db_align_end                  170 
_struct_ref_seq.pdbx_db_align_end_ins_code    ? 
_struct_ref_seq.pdbx_auth_seq_align_beg       1 
_struct_ref_seq.pdbx_auth_seq_align_end       170 
# 
_struct_ref_seq_dif.align_id                     1 
_struct_ref_seq_dif.pdbx_pdb_id_code             1V8Y 
_struct_ref_seq_dif.mon_id                       GLN 
_struct_ref_seq_dif.pdbx_pdb_strand_id           A 
_struct_ref_seq_dif.seq_num                      86 
_struct_ref_seq_dif.pdbx_pdb_ins_code            ? 
_struct_ref_seq_dif.pdbx_seq_db_name             UNP 
_struct_ref_seq_dif.pdbx_seq_db_accession_code   Q84CU3 
_struct_ref_seq_dif.db_mon_id                    GLU 
_struct_ref_seq_dif.pdbx_seq_db_seq_num          86 
_struct_ref_seq_dif.details                      'engineered mutation' 
_struct_ref_seq_dif.pdbx_auth_seq_num            86 
_struct_ref_seq_dif.pdbx_ordinal                 1 
# 
_pdbx_struct_assembly.id                   1 
_pdbx_struct_assembly.details              author_and_software_defined_assembly 
_pdbx_struct_assembly.method_details       PISA,PQS 
_pdbx_struct_assembly.oligomeric_details   dimeric 
_pdbx_struct_assembly.oligomeric_count     2 
# 
loop_
_pdbx_struct_assembly_prop.biol_id 
_pdbx_struct_assembly_prop.type 
_pdbx_struct_assembly_prop.value 
_pdbx_struct_assembly_prop.details 
1 'ABSA (A^2)' 5900  ? 
1 MORE         -125  ? 
1 'SSA (A^2)'  12980 ? 
# 
_pdbx_struct_assembly_gen.assembly_id       1 
_pdbx_struct_assembly_gen.oper_expression   1,2 
_pdbx_struct_assembly_gen.asym_id_list      A,B,C,D,E 
# 
loop_
_pdbx_struct_oper_list.id 
_pdbx_struct_oper_list.type 
_pdbx_struct_oper_list.name 
_pdbx_struct_oper_list.symmetry_operation 
_pdbx_struct_oper_list.matrix[1][1] 
_pdbx_struct_oper_list.matrix[1][2] 
_pdbx_struct_oper_list.matrix[1][3] 
_pdbx_struct_oper_list.vector[1] 
_pdbx_struct_oper_list.matrix[2][1] 
_pdbx_struct_oper_list.matrix[2][2] 
_pdbx_struct_oper_list.matrix[2][3] 
_pdbx_struct_oper_list.vector[2] 
_pdbx_struct_oper_list.matrix[3][1] 
_pdbx_struct_oper_list.matrix[3][2] 
_pdbx_struct_oper_list.matrix[3][3] 
_pdbx_struct_oper_list.vector[3] 
1 'identity operation'         1_555 x,y,z    1.0000000000  0.0000000000  0.0000000000  0.0000000000 0.0000000000  1.0000000000 0.0000000000 0.0000000000 0.0000000000  0.0000000000 1.0000000000  0.0000000000   
2 'crystal symmetry operation' 4_556 y,x,-z+1 -0.7159702048 -0.6153079487 -0.3298223674 5.5683962395 -0.6153079487 0.3329723789 0.7145106879 9.8377406670 -0.3298223674 0.7145106879 -0.6170021740 -13.5577511645 
# 
_struct_biol.id                    1 
_struct_biol.details               
;dimer, the second part of the biological assembly is generated 
by y, x, 1-z.
;
_struct_biol.pdbx_parent_biol_id   ? 
# 
loop_
_struct_conf.conf_type_id 
_struct_conf.id 
_struct_conf.pdbx_PDB_helix_id 
_struct_conf.beg_label_comp_id 
_struct_conf.beg_label_asym_id 
_struct_conf.beg_label_seq_id 
_struct_conf.pdbx_beg_PDB_ins_code 
_struct_conf.end_label_comp_id 
_struct_conf.end_label_asym_id 
_struct_conf.end_label_seq_id 
_struct_conf.pdbx_end_PDB_ins_code 
_struct_conf.beg_auth_comp_id 
_struct_conf.beg_auth_asym_id 
_struct_conf.beg_auth_seq_id 
_struct_conf.end_auth_comp_id 
_struct_conf.end_auth_asym_id 
_struct_conf.end_auth_seq_id 
_struct_conf.pdbx_PDB_helix_class 
_struct_conf.details 
_struct_conf.pdbx_PDB_helix_length 
HELX_P HELX_P1 1 ASP A 74  ? GLY A 88  ? ASP A 74  GLY A 88  1 ? 15 
HELX_P HELX_P2 2 ARG A 137 ? ARG A 147 ? ARG A 137 ARG A 147 1 ? 11 
HELX_P HELX_P3 3 SER A 153 ? LEU A 167 ? SER A 153 LEU A 167 1 ? 15 
# 
_struct_conf_type.id          HELX_P 
_struct_conf_type.criteria    ? 
_struct_conf_type.reference   ? 
# 
loop_
_struct_conn.id 
_struct_conn.conn_type_id 
_struct_conn.pdbx_leaving_atom_flag 
_struct_conn.pdbx_PDB_id 
_struct_conn.ptnr1_label_asym_id 
_struct_conn.ptnr1_label_comp_id 
_struct_conn.ptnr1_label_seq_id 
_struct_conn.ptnr1_label_atom_id 
_struct_conn.pdbx_ptnr1_label_alt_id 
_struct_conn.pdbx_ptnr1_PDB_ins_code 
_struct_conn.pdbx_ptnr1_standard_comp_id 
_struct_conn.ptnr1_symmetry 
_struct_conn.ptnr2_label_asym_id 
_struct_conn.ptnr2_label_comp_id 
_struct_conn.ptnr2_label_seq_id 
_struct_conn.ptnr2_label_atom_id 
_struct_conn.pdbx_ptnr2_label_alt_id 
_struct_conn.pdbx_ptnr2_PDB_ins_code 
_struct_conn.ptnr1_auth_asym_id 
_struct_conn.ptnr1_auth_comp_id 
_struct_conn.ptnr1_auth_seq_id 
_struct_conn.ptnr2_auth_asym_id 
_struct_conn.ptnr2_auth_comp_id 
_struct_conn.ptnr2_auth_seq_id 
_struct_conn.ptnr2_symmetry 
_struct_conn.pdbx_ptnr3_label_atom_id 
_struct_conn.pdbx_ptnr3_label_seq_id 
_struct_conn.pdbx_ptnr3_label_comp_id 
_struct_conn.pdbx_ptnr3_label_asym_id 
_struct_conn.pdbx_ptnr3_label_alt_id 
_struct_conn.pdbx_ptnr3_PDB_ins_code 
_struct_conn.details 
_struct_conn.pdbx_dist_value 
_struct_conn.pdbx_value_order 
_struct_conn.pdbx_role 
metalc1 metalc ? ? A GLU 44 OE1 ? ? ? 6_655 C ZN  . ZN ? ? A GLU 44  A ZN  301 1_555 ? ? ? ? ? ? ? 2.049 ? ? 
metalc2 metalc ? ? A GLU 70 OE2 ? ? ? 1_555 C ZN  . ZN ? ? A GLU 70  A ZN  301 1_555 ? ? ? ? ? ? ? 2.138 ? ? 
metalc3 metalc ? ? A GLU 82 OE1 ? ? ? 1_555 B ZN  . ZN ? ? A GLU 82  A ZN  300 1_555 ? ? ? ? ? ? ? 2.507 ? ? 
metalc4 metalc ? ? B ZN  .  ZN  ? ? ? 1_555 E HOH . O  ? ? A ZN  300 A HOH 658 1_555 ? ? ? ? ? ? ? 2.390 ? ? 
metalc5 metalc ? ? B ZN  .  ZN  ? ? ? 1_555 E HOH . O  ? ? A ZN  300 A HOH 674 1_555 ? ? ? ? ? ? ? 2.642 ? ? 
# 
_struct_conn_type.id          metalc 
_struct_conn_type.criteria    ? 
_struct_conn_type.reference   ? 
# 
loop_
_pdbx_struct_conn_angle.id 
_pdbx_struct_conn_angle.ptnr1_label_atom_id 
_pdbx_struct_conn_angle.ptnr1_label_alt_id 
_pdbx_struct_conn_angle.ptnr1_label_asym_id 
_pdbx_struct_conn_angle.ptnr1_label_comp_id 
_pdbx_struct_conn_angle.ptnr1_label_seq_id 
_pdbx_struct_conn_angle.ptnr1_auth_atom_id 
_pdbx_struct_conn_angle.ptnr1_auth_asym_id 
_pdbx_struct_conn_angle.ptnr1_auth_comp_id 
_pdbx_struct_conn_angle.ptnr1_auth_seq_id 
_pdbx_struct_conn_angle.ptnr1_PDB_ins_code 
_pdbx_struct_conn_angle.ptnr1_symmetry 
_pdbx_struct_conn_angle.ptnr2_label_atom_id 
_pdbx_struct_conn_angle.ptnr2_label_alt_id 
_pdbx_struct_conn_angle.ptnr2_label_asym_id 
_pdbx_struct_conn_angle.ptnr2_label_comp_id 
_pdbx_struct_conn_angle.ptnr2_label_seq_id 
_pdbx_struct_conn_angle.ptnr2_auth_atom_id 
_pdbx_struct_conn_angle.ptnr2_auth_asym_id 
_pdbx_struct_conn_angle.ptnr2_auth_comp_id 
_pdbx_struct_conn_angle.ptnr2_auth_seq_id 
_pdbx_struct_conn_angle.ptnr2_PDB_ins_code 
_pdbx_struct_conn_angle.ptnr2_symmetry 
_pdbx_struct_conn_angle.ptnr3_label_atom_id 
_pdbx_struct_conn_angle.ptnr3_label_alt_id 
_pdbx_struct_conn_angle.ptnr3_label_asym_id 
_pdbx_struct_conn_angle.ptnr3_label_comp_id 
_pdbx_struct_conn_angle.ptnr3_label_seq_id 
_pdbx_struct_conn_angle.ptnr3_auth_atom_id 
_pdbx_struct_conn_angle.ptnr3_auth_asym_id 
_pdbx_struct_conn_angle.ptnr3_auth_comp_id 
_pdbx_struct_conn_angle.ptnr3_auth_seq_id 
_pdbx_struct_conn_angle.ptnr3_PDB_ins_code 
_pdbx_struct_conn_angle.ptnr3_symmetry 
_pdbx_struct_conn_angle.value 
_pdbx_struct_conn_angle.value_esd 
1 OE1 ? A GLU 44 ? A GLU 44  ? 6_655 ZN ? C ZN . ? A ZN 301 ? 1_555 OE2 ? A GLU 70 ? A GLU 70  ? 1_555 103.3 ? 
2 OE1 ? A GLU 82 ? A GLU 82  ? 1_555 ZN ? B ZN . ? A ZN 300 ? 1_555 O   ? E HOH .  ? A HOH 658 ? 1_555 76.7  ? 
3 OE1 ? A GLU 82 ? A GLU 82  ? 1_555 ZN ? B ZN . ? A ZN 300 ? 1_555 O   ? E HOH .  ? A HOH 674 ? 1_555 95.1  ? 
4 O   ? E HOH .  ? A HOH 658 ? 1_555 ZN ? B ZN . ? A ZN 300 ? 1_555 O   ? E HOH .  ? A HOH 674 ? 1_555 88.3  ? 
# 
loop_
_struct_sheet.id 
_struct_sheet.type 
_struct_sheet.number_strands 
_struct_sheet.details 
A ? 3 ? 
B ? 4 ? 
C ? 4 ? 
# 
loop_
_struct_sheet_order.sheet_id 
_struct_sheet_order.range_id_1 
_struct_sheet_order.range_id_2 
_struct_sheet_order.offset 
_struct_sheet_order.sense 
A 1 2 ? anti-parallel 
A 2 3 ? anti-parallel 
B 1 2 ? anti-parallel 
B 2 3 ? parallel      
B 3 4 ? anti-parallel 
C 1 2 ? anti-parallel 
C 2 3 ? anti-parallel 
C 3 4 ? anti-parallel 
# 
loop_
_struct_sheet_range.sheet_id 
_struct_sheet_range.id 
_struct_sheet_range.beg_label_comp_id 
_struct_sheet_range.beg_label_asym_id 
_struct_sheet_range.beg_label_seq_id 
_struct_sheet_range.pdbx_beg_PDB_ins_code 
_struct_sheet_range.end_label_comp_id 
_struct_sheet_range.end_label_asym_id 
_struct_sheet_range.end_label_seq_id 
_struct_sheet_range.pdbx_end_PDB_ins_code 
_struct_sheet_range.beg_auth_comp_id 
_struct_sheet_range.beg_auth_asym_id 
_struct_sheet_range.beg_auth_seq_id 
_struct_sheet_range.end_auth_comp_id 
_struct_sheet_range.end_auth_asym_id 
_struct_sheet_range.end_auth_seq_id 
A 1 THR A 12  ? ARG A 16  ? THR A 12  ARG A 16  
A 2 LEU A 20  ? GLU A 25  ? LEU A 20  GLU A 25  
A 3 TYR A 28  ? HIS A 33  ? TYR A 28  HIS A 33  
B 1 ALA A 66  ? LEU A 68  ? ALA A 66  LEU A 68  
B 2 ALA A 36  ? ARG A 43  ? ALA A 36  ARG A 43  
B 3 LYS A 109 ? GLU A 120 ? LYS A 109 GLU A 120 
B 4 LEU A 89  ? PHE A 100 ? LEU A 89  PHE A 100 
C 1 ALA A 66  ? LEU A 68  ? ALA A 66  LEU A 68  
C 2 ALA A 36  ? ARG A 43  ? ALA A 36  ARG A 43  
C 3 ARG A 46  ? ARG A 51  ? ARG A 46  ARG A 51  
C 4 GLU A 132 ? MET A 136 ? GLU A 132 MET A 136 
# 
loop_
_pdbx_struct_sheet_hbond.sheet_id 
_pdbx_struct_sheet_hbond.range_id_1 
_pdbx_struct_sheet_hbond.range_id_2 
_pdbx_struct_sheet_hbond.range_1_label_atom_id 
_pdbx_struct_sheet_hbond.range_1_label_comp_id 
_pdbx_struct_sheet_hbond.range_1_label_asym_id 
_pdbx_struct_sheet_hbond.range_1_label_seq_id 
_pdbx_struct_sheet_hbond.range_1_PDB_ins_code 
_pdbx_struct_sheet_hbond.range_1_auth_atom_id 
_pdbx_struct_sheet_hbond.range_1_auth_comp_id 
_pdbx_struct_sheet_hbond.range_1_auth_asym_id 
_pdbx_struct_sheet_hbond.range_1_auth_seq_id 
_pdbx_struct_sheet_hbond.range_2_label_atom_id 
_pdbx_struct_sheet_hbond.range_2_label_comp_id 
_pdbx_struct_sheet_hbond.range_2_label_asym_id 
_pdbx_struct_sheet_hbond.range_2_label_seq_id 
_pdbx_struct_sheet_hbond.range_2_PDB_ins_code 
_pdbx_struct_sheet_hbond.range_2_auth_atom_id 
_pdbx_struct_sheet_hbond.range_2_auth_comp_id 
_pdbx_struct_sheet_hbond.range_2_auth_asym_id 
_pdbx_struct_sheet_hbond.range_2_auth_seq_id 
A 1 2 N THR A 12  ? N THR A 12  O LEU A 24  ? O LEU A 24  
A 2 3 N ALA A 23  ? N ALA A 23  O ILE A 30  ? O ILE A 30  
B 1 2 O GLY A 67  ? O GLY A 67  N VAL A 37  ? N VAL A 37  
B 2 3 N ILE A 40  ? N ILE A 40  O PHE A 113 ? O PHE A 113 
B 3 4 O VAL A 112 ? O VAL A 112 N PHE A 97  ? N PHE A 97  
C 1 2 O GLY A 67  ? O GLY A 67  N VAL A 37  ? N VAL A 37  
C 2 3 N ARG A 43  ? N ARG A 43  O ARG A 46  ? O ARG A 46  
C 3 4 N PHE A 49  ? N PHE A 49  O VAL A 134 ? O VAL A 134 
# 
loop_
_struct_site.id 
_struct_site.pdbx_evidence_code 
_struct_site.pdbx_auth_asym_id 
_struct_site.pdbx_auth_comp_id 
_struct_site.pdbx_auth_seq_id 
_struct_site.pdbx_auth_ins_code 
_struct_site.pdbx_num_residues 
_struct_site.details 
AC1 Software A ZN  300 ? 4 'BINDING SITE FOR RESIDUE ZN A 300'  
AC2 Software A ZN  301 ? 3 'BINDING SITE FOR RESIDUE ZN A 301'  
AC3 Software A APR 619 ? 7 'BINDING SITE FOR RESIDUE APR A 619' 
# 
loop_
_struct_site_gen.id 
_struct_site_gen.site_id 
_struct_site_gen.pdbx_num_res 
_struct_site_gen.label_comp_id 
_struct_site_gen.label_asym_id 
_struct_site_gen.label_seq_id 
_struct_site_gen.pdbx_auth_ins_code 
_struct_site_gen.auth_comp_id 
_struct_site_gen.auth_asym_id 
_struct_site_gen.auth_seq_id 
_struct_site_gen.label_atom_id 
_struct_site_gen.label_alt_id 
_struct_site_gen.symmetry 
_struct_site_gen.details 
1  AC1 4 GLU A 82  ? GLU A 82  . ? 1_555 ? 
2  AC1 4 APR D .   ? APR A 619 . ? 1_555 ? 
3  AC1 4 HOH E .   ? HOH A 658 . ? 1_555 ? 
4  AC1 4 HOH E .   ? HOH A 674 . ? 1_555 ? 
5  AC2 3 ARG A 43  ? ARG A 43  . ? 6_655 ? 
6  AC2 3 GLU A 44  ? GLU A 44  . ? 6_655 ? 
7  AC2 3 GLU A 70  ? GLU A 70  . ? 1_555 ? 
8  AC3 7 ARG A 18  ? ARG A 18  . ? 1_555 ? 
9  AC3 7 ILE A 19  ? ILE A 19  . ? 1_555 ? 
10 AC3 7 ARG A 27  ? ARG A 27  . ? 4_556 ? 
11 AC3 7 TYR A 28  ? TYR A 28  . ? 4_556 ? 
12 AC3 7 GLU A 29  ? GLU A 29  . ? 4_556 ? 
13 AC3 7 GLY A 104 ? GLY A 104 . ? 4_556 ? 
14 AC3 7 ZN  B .   ? ZN  A 300 . ? 1_555 ? 
# 
loop_
_pdbx_validate_torsion.id 
_pdbx_validate_torsion.PDB_model_num 
_pdbx_validate_torsion.auth_comp_id 
_pdbx_validate_torsion.auth_asym_id 
_pdbx_validate_torsion.auth_seq_id 
_pdbx_validate_torsion.PDB_ins_code 
_pdbx_validate_torsion.label_alt_id 
_pdbx_validate_torsion.phi 
_pdbx_validate_torsion.psi 
1 1 SER A 102 ? ? -167.38 79.30  
2 1 PHE A 105 ? ? -147.73 -21.72 
# 
_pdbx_SG_project.id                    1 
_pdbx_SG_project.project_name          ? 
_pdbx_SG_project.full_name_of_center   'RIKEN Structural Genomics/Proteomics Initiative' 
_pdbx_SG_project.initial_of_center     RSGI 
# 
loop_
_pdbx_unobs_or_zero_occ_residues.id 
_pdbx_unobs_or_zero_occ_residues.PDB_model_num 
_pdbx_unobs_or_zero_occ_residues.polymer_flag 
_pdbx_unobs_or_zero_occ_residues.occupancy_flag 
_pdbx_unobs_or_zero_occ_residues.auth_asym_id 
_pdbx_unobs_or_zero_occ_residues.auth_comp_id 
_pdbx_unobs_or_zero_occ_residues.auth_seq_id 
_pdbx_unobs_or_zero_occ_residues.PDB_ins_code 
_pdbx_unobs_or_zero_occ_residues.label_asym_id 
_pdbx_unobs_or_zero_occ_residues.label_comp_id 
_pdbx_unobs_or_zero_occ_residues.label_seq_id 
1  1 Y 1 A MET 1   ? A MET 1   
2  1 Y 1 A GLY 2   ? A GLY 2   
3  1 Y 1 A ARG 3   ? A ARG 3   
4  1 Y 1 A VAL 4   ? A VAL 4   
5  1 Y 1 A TYR 5   ? A TYR 5   
6  1 Y 1 A TYR 6   ? A TYR 6   
7  1 Y 1 A GLY 7   ? A GLY 7   
8  1 Y 1 A GLY 8   ? A GLY 8   
9  1 Y 1 A VAL 9   ? A VAL 9   
10 1 Y 1 A GLU 10  ? A GLU 10  
11 1 Y 1 A ALA 123 ? A ALA 123 
12 1 Y 1 A HIS 124 ? A HIS 124 
13 1 Y 1 A PRO 125 ? A PRO 125 
14 1 Y 1 A ASP 126 ? A ASP 126 
15 1 Y 1 A GLU 127 ? A GLU 127 
16 1 Y 1 A ASP 128 ? A ASP 128 
17 1 Y 1 A GLU 129 ? A GLU 129 
18 1 Y 1 A ALA 130 ? A ALA 130 
19 1 Y 1 A GLY 169 ? A GLY 169 
20 1 Y 1 A ARG 170 ? A ARG 170 
# 
loop_
_chem_comp_atom.comp_id 
_chem_comp_atom.atom_id 
_chem_comp_atom.type_symbol 
_chem_comp_atom.pdbx_aromatic_flag 
_chem_comp_atom.pdbx_stereo_config 
_chem_comp_atom.pdbx_ordinal 
ALA N      N  N N 1   
ALA CA     C  N S 2   
ALA C      C  N N 3   
ALA O      O  N N 4   
ALA CB     C  N N 5   
ALA OXT    O  N N 6   
ALA H      H  N N 7   
ALA H2     H  N N 8   
ALA HA     H  N N 9   
ALA HB1    H  N N 10  
ALA HB2    H  N N 11  
ALA HB3    H  N N 12  
ALA HXT    H  N N 13  
APR N1     N  Y N 14  
APR C2     C  Y N 15  
APR N3     N  Y N 16  
APR C4     C  Y N 17  
APR C5     C  Y N 18  
APR C6     C  Y N 19  
APR N6     N  N N 20  
APR N7     N  Y N 21  
APR C8     C  Y N 22  
APR N9     N  Y N 23  
APR "C1'"  C  N R 24  
APR "C2'"  C  N R 25  
APR "O2'"  O  N N 26  
APR "C3'"  C  N S 27  
APR "O3'"  O  N N 28  
APR "O4'"  O  N N 29  
APR "C4'"  C  N R 30  
APR "C5'"  C  N N 31  
APR "O5'"  O  N N 32  
APR PA     P  N S 33  
APR O1A    O  N N 34  
APR O2A    O  N N 35  
APR O3A    O  N N 36  
APR PB     P  N R 37  
APR O1B    O  N N 38  
APR O2B    O  N N 39  
APR O5D    O  N N 40  
APR C5D    C  N N 41  
APR O4D    O  N N 42  
APR O1D    O  N N 43  
APR C1D    C  N R 44  
APR O2D    O  N N 45  
APR C2D    C  N R 46  
APR O3D    O  N N 47  
APR C3D    C  N S 48  
APR C4D    C  N R 49  
APR H2     H  N N 50  
APR H61    H  N N 51  
APR H62    H  N N 52  
APR H8     H  N N 53  
APR "H'1"  H  N N 54  
APR "H'2"  H  N N 55  
APR "HO'2" H  N N 56  
APR "H'3"  H  N N 57  
APR "HO'3" H  N N 58  
APR "H'4"  H  N N 59  
APR "H5'1" H  N N 60  
APR "H5'2" H  N N 61  
APR HOA2   H  N N 62  
APR HOB2   H  N N 63  
APR H5R1   H  N N 64  
APR H5R2   H  N N 65  
APR HOR1   H  N N 66  
APR "HR'1" H  N N 67  
APR HOR2   H  N N 68  
APR "HR'2" H  N N 69  
APR HOR3   H  N N 70  
APR "HR'3" H  N N 71  
APR "HR'4" H  N N 72  
ARG N      N  N N 73  
ARG CA     C  N S 74  
ARG C      C  N N 75  
ARG O      O  N N 76  
ARG CB     C  N N 77  
ARG CG     C  N N 78  
ARG CD     C  N N 79  
ARG NE     N  N N 80  
ARG CZ     C  N N 81  
ARG NH1    N  N N 82  
ARG NH2    N  N N 83  
ARG OXT    O  N N 84  
ARG H      H  N N 85  
ARG H2     H  N N 86  
ARG HA     H  N N 87  
ARG HB2    H  N N 88  
ARG HB3    H  N N 89  
ARG HG2    H  N N 90  
ARG HG3    H  N N 91  
ARG HD2    H  N N 92  
ARG HD3    H  N N 93  
ARG HE     H  N N 94  
ARG HH11   H  N N 95  
ARG HH12   H  N N 96  
ARG HH21   H  N N 97  
ARG HH22   H  N N 98  
ARG HXT    H  N N 99  
ASN N      N  N N 100 
ASN CA     C  N S 101 
ASN C      C  N N 102 
ASN O      O  N N 103 
ASN CB     C  N N 104 
ASN CG     C  N N 105 
ASN OD1    O  N N 106 
ASN ND2    N  N N 107 
ASN OXT    O  N N 108 
ASN H      H  N N 109 
ASN H2     H  N N 110 
ASN HA     H  N N 111 
ASN HB2    H  N N 112 
ASN HB3    H  N N 113 
ASN HD21   H  N N 114 
ASN HD22   H  N N 115 
ASN HXT    H  N N 116 
ASP N      N  N N 117 
ASP CA     C  N S 118 
ASP C      C  N N 119 
ASP O      O  N N 120 
ASP CB     C  N N 121 
ASP CG     C  N N 122 
ASP OD1    O  N N 123 
ASP OD2    O  N N 124 
ASP OXT    O  N N 125 
ASP H      H  N N 126 
ASP H2     H  N N 127 
ASP HA     H  N N 128 
ASP HB2    H  N N 129 
ASP HB3    H  N N 130 
ASP HD2    H  N N 131 
ASP HXT    H  N N 132 
GLN N      N  N N 133 
GLN CA     C  N S 134 
GLN C      C  N N 135 
GLN O      O  N N 136 
GLN CB     C  N N 137 
GLN CG     C  N N 138 
GLN CD     C  N N 139 
GLN OE1    O  N N 140 
GLN NE2    N  N N 141 
GLN OXT    O  N N 142 
GLN H      H  N N 143 
GLN H2     H  N N 144 
GLN HA     H  N N 145 
GLN HB2    H  N N 146 
GLN HB3    H  N N 147 
GLN HG2    H  N N 148 
GLN HG3    H  N N 149 
GLN HE21   H  N N 150 
GLN HE22   H  N N 151 
GLN HXT    H  N N 152 
GLU N      N  N N 153 
GLU CA     C  N S 154 
GLU C      C  N N 155 
GLU O      O  N N 156 
GLU CB     C  N N 157 
GLU CG     C  N N 158 
GLU CD     C  N N 159 
GLU OE1    O  N N 160 
GLU OE2    O  N N 161 
GLU OXT    O  N N 162 
GLU H      H  N N 163 
GLU H2     H  N N 164 
GLU HA     H  N N 165 
GLU HB2    H  N N 166 
GLU HB3    H  N N 167 
GLU HG2    H  N N 168 
GLU HG3    H  N N 169 
GLU HE2    H  N N 170 
GLU HXT    H  N N 171 
GLY N      N  N N 172 
GLY CA     C  N N 173 
GLY C      C  N N 174 
GLY O      O  N N 175 
GLY OXT    O  N N 176 
GLY H      H  N N 177 
GLY H2     H  N N 178 
GLY HA2    H  N N 179 
GLY HA3    H  N N 180 
GLY HXT    H  N N 181 
HIS N      N  N N 182 
HIS CA     C  N S 183 
HIS C      C  N N 184 
HIS O      O  N N 185 
HIS CB     C  N N 186 
HIS CG     C  Y N 187 
HIS ND1    N  Y N 188 
HIS CD2    C  Y N 189 
HIS CE1    C  Y N 190 
HIS NE2    N  Y N 191 
HIS OXT    O  N N 192 
HIS H      H  N N 193 
HIS H2     H  N N 194 
HIS HA     H  N N 195 
HIS HB2    H  N N 196 
HIS HB3    H  N N 197 
HIS HD1    H  N N 198 
HIS HD2    H  N N 199 
HIS HE1    H  N N 200 
HIS HE2    H  N N 201 
HIS HXT    H  N N 202 
HOH O      O  N N 203 
HOH H1     H  N N 204 
HOH H2     H  N N 205 
ILE N      N  N N 206 
ILE CA     C  N S 207 
ILE C      C  N N 208 
ILE O      O  N N 209 
ILE CB     C  N S 210 
ILE CG1    C  N N 211 
ILE CG2    C  N N 212 
ILE CD1    C  N N 213 
ILE OXT    O  N N 214 
ILE H      H  N N 215 
ILE H2     H  N N 216 
ILE HA     H  N N 217 
ILE HB     H  N N 218 
ILE HG12   H  N N 219 
ILE HG13   H  N N 220 
ILE HG21   H  N N 221 
ILE HG22   H  N N 222 
ILE HG23   H  N N 223 
ILE HD11   H  N N 224 
ILE HD12   H  N N 225 
ILE HD13   H  N N 226 
ILE HXT    H  N N 227 
LEU N      N  N N 228 
LEU CA     C  N S 229 
LEU C      C  N N 230 
LEU O      O  N N 231 
LEU CB     C  N N 232 
LEU CG     C  N N 233 
LEU CD1    C  N N 234 
LEU CD2    C  N N 235 
LEU OXT    O  N N 236 
LEU H      H  N N 237 
LEU H2     H  N N 238 
LEU HA     H  N N 239 
LEU HB2    H  N N 240 
LEU HB3    H  N N 241 
LEU HG     H  N N 242 
LEU HD11   H  N N 243 
LEU HD12   H  N N 244 
LEU HD13   H  N N 245 
LEU HD21   H  N N 246 
LEU HD22   H  N N 247 
LEU HD23   H  N N 248 
LEU HXT    H  N N 249 
LYS N      N  N N 250 
LYS CA     C  N S 251 
LYS C      C  N N 252 
LYS O      O  N N 253 
LYS CB     C  N N 254 
LYS CG     C  N N 255 
LYS CD     C  N N 256 
LYS CE     C  N N 257 
LYS NZ     N  N N 258 
LYS OXT    O  N N 259 
LYS H      H  N N 260 
LYS H2     H  N N 261 
LYS HA     H  N N 262 
LYS HB2    H  N N 263 
LYS HB3    H  N N 264 
LYS HG2    H  N N 265 
LYS HG3    H  N N 266 
LYS HD2    H  N N 267 
LYS HD3    H  N N 268 
LYS HE2    H  N N 269 
LYS HE3    H  N N 270 
LYS HZ1    H  N N 271 
LYS HZ2    H  N N 272 
LYS HZ3    H  N N 273 
LYS HXT    H  N N 274 
MET N      N  N N 275 
MET CA     C  N S 276 
MET C      C  N N 277 
MET O      O  N N 278 
MET CB     C  N N 279 
MET CG     C  N N 280 
MET SD     S  N N 281 
MET CE     C  N N 282 
MET OXT    O  N N 283 
MET H      H  N N 284 
MET H2     H  N N 285 
MET HA     H  N N 286 
MET HB2    H  N N 287 
MET HB3    H  N N 288 
MET HG2    H  N N 289 
MET HG3    H  N N 290 
MET HE1    H  N N 291 
MET HE2    H  N N 292 
MET HE3    H  N N 293 
MET HXT    H  N N 294 
PHE N      N  N N 295 
PHE CA     C  N S 296 
PHE C      C  N N 297 
PHE O      O  N N 298 
PHE CB     C  N N 299 
PHE CG     C  Y N 300 
PHE CD1    C  Y N 301 
PHE CD2    C  Y N 302 
PHE CE1    C  Y N 303 
PHE CE2    C  Y N 304 
PHE CZ     C  Y N 305 
PHE OXT    O  N N 306 
PHE H      H  N N 307 
PHE H2     H  N N 308 
PHE HA     H  N N 309 
PHE HB2    H  N N 310 
PHE HB3    H  N N 311 
PHE HD1    H  N N 312 
PHE HD2    H  N N 313 
PHE HE1    H  N N 314 
PHE HE2    H  N N 315 
PHE HZ     H  N N 316 
PHE HXT    H  N N 317 
PRO N      N  N N 318 
PRO CA     C  N S 319 
PRO C      C  N N 320 
PRO O      O  N N 321 
PRO CB     C  N N 322 
PRO CG     C  N N 323 
PRO CD     C  N N 324 
PRO OXT    O  N N 325 
PRO H      H  N N 326 
PRO HA     H  N N 327 
PRO HB2    H  N N 328 
PRO HB3    H  N N 329 
PRO HG2    H  N N 330 
PRO HG3    H  N N 331 
PRO HD2    H  N N 332 
PRO HD3    H  N N 333 
PRO HXT    H  N N 334 
SER N      N  N N 335 
SER CA     C  N S 336 
SER C      C  N N 337 
SER O      O  N N 338 
SER CB     C  N N 339 
SER OG     O  N N 340 
SER OXT    O  N N 341 
SER H      H  N N 342 
SER H2     H  N N 343 
SER HA     H  N N 344 
SER HB2    H  N N 345 
SER HB3    H  N N 346 
SER HG     H  N N 347 
SER HXT    H  N N 348 
THR N      N  N N 349 
THR CA     C  N S 350 
THR C      C  N N 351 
THR O      O  N N 352 
THR CB     C  N R 353 
THR OG1    O  N N 354 
THR CG2    C  N N 355 
THR OXT    O  N N 356 
THR H      H  N N 357 
THR H2     H  N N 358 
THR HA     H  N N 359 
THR HB     H  N N 360 
THR HG1    H  N N 361 
THR HG21   H  N N 362 
THR HG22   H  N N 363 
THR HG23   H  N N 364 
THR HXT    H  N N 365 
TRP N      N  N N 366 
TRP CA     C  N S 367 
TRP C      C  N N 368 
TRP O      O  N N 369 
TRP CB     C  N N 370 
TRP CG     C  Y N 371 
TRP CD1    C  Y N 372 
TRP CD2    C  Y N 373 
TRP NE1    N  Y N 374 
TRP CE2    C  Y N 375 
TRP CE3    C  Y N 376 
TRP CZ2    C  Y N 377 
TRP CZ3    C  Y N 378 
TRP CH2    C  Y N 379 
TRP OXT    O  N N 380 
TRP H      H  N N 381 
TRP H2     H  N N 382 
TRP HA     H  N N 383 
TRP HB2    H  N N 384 
TRP HB3    H  N N 385 
TRP HD1    H  N N 386 
TRP HE1    H  N N 387 
TRP HE3    H  N N 388 
TRP HZ2    H  N N 389 
TRP HZ3    H  N N 390 
TRP HH2    H  N N 391 
TRP HXT    H  N N 392 
TYR N      N  N N 393 
TYR CA     C  N S 394 
TYR C      C  N N 395 
TYR O      O  N N 396 
TYR CB     C  N N 397 
TYR CG     C  Y N 398 
TYR CD1    C  Y N 399 
TYR CD2    C  Y N 400 
TYR CE1    C  Y N 401 
TYR CE2    C  Y N 402 
TYR CZ     C  Y N 403 
TYR OH     O  N N 404 
TYR OXT    O  N N 405 
TYR H      H  N N 406 
TYR H2     H  N N 407 
TYR HA     H  N N 408 
TYR HB2    H  N N 409 
TYR HB3    H  N N 410 
TYR HD1    H  N N 411 
TYR HD2    H  N N 412 
TYR HE1    H  N N 413 
TYR HE2    H  N N 414 
TYR HH     H  N N 415 
TYR HXT    H  N N 416 
VAL N      N  N N 417 
VAL CA     C  N S 418 
VAL C      C  N N 419 
VAL O      O  N N 420 
VAL CB     C  N N 421 
VAL CG1    C  N N 422 
VAL CG2    C  N N 423 
VAL OXT    O  N N 424 
VAL H      H  N N 425 
VAL H2     H  N N 426 
VAL HA     H  N N 427 
VAL HB     H  N N 428 
VAL HG11   H  N N 429 
VAL HG12   H  N N 430 
VAL HG13   H  N N 431 
VAL HG21   H  N N 432 
VAL HG22   H  N N 433 
VAL HG23   H  N N 434 
VAL HXT    H  N N 435 
ZN  ZN     ZN N N 436 
# 
loop_
_chem_comp_bond.comp_id 
_chem_comp_bond.atom_id_1 
_chem_comp_bond.atom_id_2 
_chem_comp_bond.value_order 
_chem_comp_bond.pdbx_aromatic_flag 
_chem_comp_bond.pdbx_stereo_config 
_chem_comp_bond.pdbx_ordinal 
ALA N     CA     sing N N 1   
ALA N     H      sing N N 2   
ALA N     H2     sing N N 3   
ALA CA    C      sing N N 4   
ALA CA    CB     sing N N 5   
ALA CA    HA     sing N N 6   
ALA C     O      doub N N 7   
ALA C     OXT    sing N N 8   
ALA CB    HB1    sing N N 9   
ALA CB    HB2    sing N N 10  
ALA CB    HB3    sing N N 11  
ALA OXT   HXT    sing N N 12  
APR N1    C2     sing Y N 13  
APR N1    C6     doub Y N 14  
APR C2    N3     doub Y N 15  
APR C2    H2     sing N N 16  
APR N3    C4     sing Y N 17  
APR C4    C5     doub Y N 18  
APR C4    N9     sing Y N 19  
APR C5    C6     sing Y N 20  
APR C5    N7     sing Y N 21  
APR C6    N6     sing N N 22  
APR N6    H61    sing N N 23  
APR N6    H62    sing N N 24  
APR N7    C8     doub Y N 25  
APR C8    N9     sing Y N 26  
APR C8    H8     sing N N 27  
APR N9    "C1'"  sing N N 28  
APR "C1'" "C2'"  sing N N 29  
APR "C1'" "O4'"  sing N N 30  
APR "C1'" "H'1"  sing N N 31  
APR "C2'" "O2'"  sing N N 32  
APR "C2'" "C3'"  sing N N 33  
APR "C2'" "H'2"  sing N N 34  
APR "O2'" "HO'2" sing N N 35  
APR "C3'" "O3'"  sing N N 36  
APR "C3'" "C4'"  sing N N 37  
APR "C3'" "H'3"  sing N N 38  
APR "O3'" "HO'3" sing N N 39  
APR "O4'" "C4'"  sing N N 40  
APR "C4'" "C5'"  sing N N 41  
APR "C4'" "H'4"  sing N N 42  
APR "C5'" "O5'"  sing N N 43  
APR "C5'" "H5'1" sing N N 44  
APR "C5'" "H5'2" sing N N 45  
APR "O5'" PA     sing N N 46  
APR PA    O1A    doub N N 47  
APR PA    O2A    sing N N 48  
APR PA    O3A    sing N N 49  
APR O2A   HOA2   sing N N 50  
APR O3A   PB     sing N N 51  
APR PB    O1B    doub N N 52  
APR PB    O2B    sing N N 53  
APR PB    O5D    sing N N 54  
APR O2B   HOB2   sing N N 55  
APR O5D   C5D    sing N N 56  
APR C5D   C4D    sing N N 57  
APR C5D   H5R1   sing N N 58  
APR C5D   H5R2   sing N N 59  
APR O4D   C1D    sing N N 60  
APR O4D   C4D    sing N N 61  
APR O1D   C1D    sing N N 62  
APR O1D   HOR1   sing N N 63  
APR C1D   C2D    sing N N 64  
APR C1D   "HR'1" sing N N 65  
APR O2D   C2D    sing N N 66  
APR O2D   HOR2   sing N N 67  
APR C2D   C3D    sing N N 68  
APR C2D   "HR'2" sing N N 69  
APR O3D   C3D    sing N N 70  
APR O3D   HOR3   sing N N 71  
APR C3D   C4D    sing N N 72  
APR C3D   "HR'3" sing N N 73  
APR C4D   "HR'4" sing N N 74  
ARG N     CA     sing N N 75  
ARG N     H      sing N N 76  
ARG N     H2     sing N N 77  
ARG CA    C      sing N N 78  
ARG CA    CB     sing N N 79  
ARG CA    HA     sing N N 80  
ARG C     O      doub N N 81  
ARG C     OXT    sing N N 82  
ARG CB    CG     sing N N 83  
ARG CB    HB2    sing N N 84  
ARG CB    HB3    sing N N 85  
ARG CG    CD     sing N N 86  
ARG CG    HG2    sing N N 87  
ARG CG    HG3    sing N N 88  
ARG CD    NE     sing N N 89  
ARG CD    HD2    sing N N 90  
ARG CD    HD3    sing N N 91  
ARG NE    CZ     sing N N 92  
ARG NE    HE     sing N N 93  
ARG CZ    NH1    sing N N 94  
ARG CZ    NH2    doub N N 95  
ARG NH1   HH11   sing N N 96  
ARG NH1   HH12   sing N N 97  
ARG NH2   HH21   sing N N 98  
ARG NH2   HH22   sing N N 99  
ARG OXT   HXT    sing N N 100 
ASN N     CA     sing N N 101 
ASN N     H      sing N N 102 
ASN N     H2     sing N N 103 
ASN CA    C      sing N N 104 
ASN CA    CB     sing N N 105 
ASN CA    HA     sing N N 106 
ASN C     O      doub N N 107 
ASN C     OXT    sing N N 108 
ASN CB    CG     sing N N 109 
ASN CB    HB2    sing N N 110 
ASN CB    HB3    sing N N 111 
ASN CG    OD1    doub N N 112 
ASN CG    ND2    sing N N 113 
ASN ND2   HD21   sing N N 114 
ASN ND2   HD22   sing N N 115 
ASN OXT   HXT    sing N N 116 
ASP N     CA     sing N N 117 
ASP N     H      sing N N 118 
ASP N     H2     sing N N 119 
ASP CA    C      sing N N 120 
ASP CA    CB     sing N N 121 
ASP CA    HA     sing N N 122 
ASP C     O      doub N N 123 
ASP C     OXT    sing N N 124 
ASP CB    CG     sing N N 125 
ASP CB    HB2    sing N N 126 
ASP CB    HB3    sing N N 127 
ASP CG    OD1    doub N N 128 
ASP CG    OD2    sing N N 129 
ASP OD2   HD2    sing N N 130 
ASP OXT   HXT    sing N N 131 
GLN N     CA     sing N N 132 
GLN N     H      sing N N 133 
GLN N     H2     sing N N 134 
GLN CA    C      sing N N 135 
GLN CA    CB     sing N N 136 
GLN CA    HA     sing N N 137 
GLN C     O      doub N N 138 
GLN C     OXT    sing N N 139 
GLN CB    CG     sing N N 140 
GLN CB    HB2    sing N N 141 
GLN CB    HB3    sing N N 142 
GLN CG    CD     sing N N 143 
GLN CG    HG2    sing N N 144 
GLN CG    HG3    sing N N 145 
GLN CD    OE1    doub N N 146 
GLN CD    NE2    sing N N 147 
GLN NE2   HE21   sing N N 148 
GLN NE2   HE22   sing N N 149 
GLN OXT   HXT    sing N N 150 
GLU N     CA     sing N N 151 
GLU N     H      sing N N 152 
GLU N     H2     sing N N 153 
GLU CA    C      sing N N 154 
GLU CA    CB     sing N N 155 
GLU CA    HA     sing N N 156 
GLU C     O      doub N N 157 
GLU C     OXT    sing N N 158 
GLU CB    CG     sing N N 159 
GLU CB    HB2    sing N N 160 
GLU CB    HB3    sing N N 161 
GLU CG    CD     sing N N 162 
GLU CG    HG2    sing N N 163 
GLU CG    HG3    sing N N 164 
GLU CD    OE1    doub N N 165 
GLU CD    OE2    sing N N 166 
GLU OE2   HE2    sing N N 167 
GLU OXT   HXT    sing N N 168 
GLY N     CA     sing N N 169 
GLY N     H      sing N N 170 
GLY N     H2     sing N N 171 
GLY CA    C      sing N N 172 
GLY CA    HA2    sing N N 173 
GLY CA    HA3    sing N N 174 
GLY C     O      doub N N 175 
GLY C     OXT    sing N N 176 
GLY OXT   HXT    sing N N 177 
HIS N     CA     sing N N 178 
HIS N     H      sing N N 179 
HIS N     H2     sing N N 180 
HIS CA    C      sing N N 181 
HIS CA    CB     sing N N 182 
HIS CA    HA     sing N N 183 
HIS C     O      doub N N 184 
HIS C     OXT    sing N N 185 
HIS CB    CG     sing N N 186 
HIS CB    HB2    sing N N 187 
HIS CB    HB3    sing N N 188 
HIS CG    ND1    sing Y N 189 
HIS CG    CD2    doub Y N 190 
HIS ND1   CE1    doub Y N 191 
HIS ND1   HD1    sing N N 192 
HIS CD2   NE2    sing Y N 193 
HIS CD2   HD2    sing N N 194 
HIS CE1   NE2    sing Y N 195 
HIS CE1   HE1    sing N N 196 
HIS NE2   HE2    sing N N 197 
HIS OXT   HXT    sing N N 198 
HOH O     H1     sing N N 199 
HOH O     H2     sing N N 200 
ILE N     CA     sing N N 201 
ILE N     H      sing N N 202 
ILE N     H2     sing N N 203 
ILE CA    C      sing N N 204 
ILE CA    CB     sing N N 205 
ILE CA    HA     sing N N 206 
ILE C     O      doub N N 207 
ILE C     OXT    sing N N 208 
ILE CB    CG1    sing N N 209 
ILE CB    CG2    sing N N 210 
ILE CB    HB     sing N N 211 
ILE CG1   CD1    sing N N 212 
ILE CG1   HG12   sing N N 213 
ILE CG1   HG13   sing N N 214 
ILE CG2   HG21   sing N N 215 
ILE CG2   HG22   sing N N 216 
ILE CG2   HG23   sing N N 217 
ILE CD1   HD11   sing N N 218 
ILE CD1   HD12   sing N N 219 
ILE CD1   HD13   sing N N 220 
ILE OXT   HXT    sing N N 221 
LEU N     CA     sing N N 222 
LEU N     H      sing N N 223 
LEU N     H2     sing N N 224 
LEU CA    C      sing N N 225 
LEU CA    CB     sing N N 226 
LEU CA    HA     sing N N 227 
LEU C     O      doub N N 228 
LEU C     OXT    sing N N 229 
LEU CB    CG     sing N N 230 
LEU CB    HB2    sing N N 231 
LEU CB    HB3    sing N N 232 
LEU CG    CD1    sing N N 233 
LEU CG    CD2    sing N N 234 
LEU CG    HG     sing N N 235 
LEU CD1   HD11   sing N N 236 
LEU CD1   HD12   sing N N 237 
LEU CD1   HD13   sing N N 238 
LEU CD2   HD21   sing N N 239 
LEU CD2   HD22   sing N N 240 
LEU CD2   HD23   sing N N 241 
LEU OXT   HXT    sing N N 242 
LYS N     CA     sing N N 243 
LYS N     H      sing N N 244 
LYS N     H2     sing N N 245 
LYS CA    C      sing N N 246 
LYS CA    CB     sing N N 247 
LYS CA    HA     sing N N 248 
LYS C     O      doub N N 249 
LYS C     OXT    sing N N 250 
LYS CB    CG     sing N N 251 
LYS CB    HB2    sing N N 252 
LYS CB    HB3    sing N N 253 
LYS CG    CD     sing N N 254 
LYS CG    HG2    sing N N 255 
LYS CG    HG3    sing N N 256 
LYS CD    CE     sing N N 257 
LYS CD    HD2    sing N N 258 
LYS CD    HD3    sing N N 259 
LYS CE    NZ     sing N N 260 
LYS CE    HE2    sing N N 261 
LYS CE    HE3    sing N N 262 
LYS NZ    HZ1    sing N N 263 
LYS NZ    HZ2    sing N N 264 
LYS NZ    HZ3    sing N N 265 
LYS OXT   HXT    sing N N 266 
MET N     CA     sing N N 267 
MET N     H      sing N N 268 
MET N     H2     sing N N 269 
MET CA    C      sing N N 270 
MET CA    CB     sing N N 271 
MET CA    HA     sing N N 272 
MET C     O      doub N N 273 
MET C     OXT    sing N N 274 
MET CB    CG     sing N N 275 
MET CB    HB2    sing N N 276 
MET CB    HB3    sing N N 277 
MET CG    SD     sing N N 278 
MET CG    HG2    sing N N 279 
MET CG    HG3    sing N N 280 
MET SD    CE     sing N N 281 
MET CE    HE1    sing N N 282 
MET CE    HE2    sing N N 283 
MET CE    HE3    sing N N 284 
MET OXT   HXT    sing N N 285 
PHE N     CA     sing N N 286 
PHE N     H      sing N N 287 
PHE N     H2     sing N N 288 
PHE CA    C      sing N N 289 
PHE CA    CB     sing N N 290 
PHE CA    HA     sing N N 291 
PHE C     O      doub N N 292 
PHE C     OXT    sing N N 293 
PHE CB    CG     sing N N 294 
PHE CB    HB2    sing N N 295 
PHE CB    HB3    sing N N 296 
PHE CG    CD1    doub Y N 297 
PHE CG    CD2    sing Y N 298 
PHE CD1   CE1    sing Y N 299 
PHE CD1   HD1    sing N N 300 
PHE CD2   CE2    doub Y N 301 
PHE CD2   HD2    sing N N 302 
PHE CE1   CZ     doub Y N 303 
PHE CE1   HE1    sing N N 304 
PHE CE2   CZ     sing Y N 305 
PHE CE2   HE2    sing N N 306 
PHE CZ    HZ     sing N N 307 
PHE OXT   HXT    sing N N 308 
PRO N     CA     sing N N 309 
PRO N     CD     sing N N 310 
PRO N     H      sing N N 311 
PRO CA    C      sing N N 312 
PRO CA    CB     sing N N 313 
PRO CA    HA     sing N N 314 
PRO C     O      doub N N 315 
PRO C     OXT    sing N N 316 
PRO CB    CG     sing N N 317 
PRO CB    HB2    sing N N 318 
PRO CB    HB3    sing N N 319 
PRO CG    CD     sing N N 320 
PRO CG    HG2    sing N N 321 
PRO CG    HG3    sing N N 322 
PRO CD    HD2    sing N N 323 
PRO CD    HD3    sing N N 324 
PRO OXT   HXT    sing N N 325 
SER N     CA     sing N N 326 
SER N     H      sing N N 327 
SER N     H2     sing N N 328 
SER CA    C      sing N N 329 
SER CA    CB     sing N N 330 
SER CA    HA     sing N N 331 
SER C     O      doub N N 332 
SER C     OXT    sing N N 333 
SER CB    OG     sing N N 334 
SER CB    HB2    sing N N 335 
SER CB    HB3    sing N N 336 
SER OG    HG     sing N N 337 
SER OXT   HXT    sing N N 338 
THR N     CA     sing N N 339 
THR N     H      sing N N 340 
THR N     H2     sing N N 341 
THR CA    C      sing N N 342 
THR CA    CB     sing N N 343 
THR CA    HA     sing N N 344 
THR C     O      doub N N 345 
THR C     OXT    sing N N 346 
THR CB    OG1    sing N N 347 
THR CB    CG2    sing N N 348 
THR CB    HB     sing N N 349 
THR OG1   HG1    sing N N 350 
THR CG2   HG21   sing N N 351 
THR CG2   HG22   sing N N 352 
THR CG2   HG23   sing N N 353 
THR OXT   HXT    sing N N 354 
TRP N     CA     sing N N 355 
TRP N     H      sing N N 356 
TRP N     H2     sing N N 357 
TRP CA    C      sing N N 358 
TRP CA    CB     sing N N 359 
TRP CA    HA     sing N N 360 
TRP C     O      doub N N 361 
TRP C     OXT    sing N N 362 
TRP CB    CG     sing N N 363 
TRP CB    HB2    sing N N 364 
TRP CB    HB3    sing N N 365 
TRP CG    CD1    doub Y N 366 
TRP CG    CD2    sing Y N 367 
TRP CD1   NE1    sing Y N 368 
TRP CD1   HD1    sing N N 369 
TRP CD2   CE2    doub Y N 370 
TRP CD2   CE3    sing Y N 371 
TRP NE1   CE2    sing Y N 372 
TRP NE1   HE1    sing N N 373 
TRP CE2   CZ2    sing Y N 374 
TRP CE3   CZ3    doub Y N 375 
TRP CE3   HE3    sing N N 376 
TRP CZ2   CH2    doub Y N 377 
TRP CZ2   HZ2    sing N N 378 
TRP CZ3   CH2    sing Y N 379 
TRP CZ3   HZ3    sing N N 380 
TRP CH2   HH2    sing N N 381 
TRP OXT   HXT    sing N N 382 
TYR N     CA     sing N N 383 
TYR N     H      sing N N 384 
TYR N     H2     sing N N 385 
TYR CA    C      sing N N 386 
TYR CA    CB     sing N N 387 
TYR CA    HA     sing N N 388 
TYR C     O      doub N N 389 
TYR C     OXT    sing N N 390 
TYR CB    CG     sing N N 391 
TYR CB    HB2    sing N N 392 
TYR CB    HB3    sing N N 393 
TYR CG    CD1    doub Y N 394 
TYR CG    CD2    sing Y N 395 
TYR CD1   CE1    sing Y N 396 
TYR CD1   HD1    sing N N 397 
TYR CD2   CE2    doub Y N 398 
TYR CD2   HD2    sing N N 399 
TYR CE1   CZ     doub Y N 400 
TYR CE1   HE1    sing N N 401 
TYR CE2   CZ     sing Y N 402 
TYR CE2   HE2    sing N N 403 
TYR CZ    OH     sing N N 404 
TYR OH    HH     sing N N 405 
TYR OXT   HXT    sing N N 406 
VAL N     CA     sing N N 407 
VAL N     H      sing N N 408 
VAL N     H2     sing N N 409 
VAL CA    C      sing N N 410 
VAL CA    CB     sing N N 411 
VAL CA    HA     sing N N 412 
VAL C     O      doub N N 413 
VAL C     OXT    sing N N 414 
VAL CB    CG1    sing N N 415 
VAL CB    CG2    sing N N 416 
VAL CB    HB     sing N N 417 
VAL CG1   HG11   sing N N 418 
VAL CG1   HG12   sing N N 419 
VAL CG1   HG13   sing N N 420 
VAL CG2   HG21   sing N N 421 
VAL CG2   HG22   sing N N 422 
VAL CG2   HG23   sing N N 423 
VAL OXT   HXT    sing N N 424 
# 
_atom_sites.entry_id                    1V8Y 
_atom_sites.fract_transf_matrix[1][1]   -0.01814766 
_atom_sites.fract_transf_matrix[1][2]   0.01373897 
_atom_sites.fract_transf_matrix[1][3]   0.00476125 
_atom_sites.fract_transf_matrix[2][1]   0.00296885 
_atom_sites.fract_transf_matrix[2][2]   0.01914279 
_atom_sites.fract_transf_matrix[2][3]   0.01286422 
_atom_sites.fract_transf_matrix[3][1]   0.00154284 
_atom_sites.fract_transf_matrix[3][2]   0.00446265 
_atom_sites.fract_transf_matrix[3][3]   -0.00699678 
_atom_sites.fract_transf_vector[1]      0.449263 
_atom_sites.fract_transf_vector[2]      0.418814 
_atom_sites.fract_transf_vector[3]      0.426338 
# 
loop_
_atom_type.symbol 
C  
N  
O  
S  
ZN 
# 
loop_
_atom_site.group_PDB 
_atom_site.id 
_atom_site.type_symbol 
_atom_site.label_atom_id 
_atom_site.label_alt_id 
_atom_site.label_comp_id 
_atom_site.label_asym_id 
_atom_site.label_entity_id 
_atom_site.label_seq_id 
_atom_site.pdbx_PDB_ins_code 
_atom_site.Cartn_x 
_atom_site.Cartn_y 
_atom_site.Cartn_z 
_atom_site.occupancy 
_atom_site.B_iso_or_equiv 
_atom_site.pdbx_formal_charge 
_atom_site.auth_seq_id 
_atom_site.auth_comp_id 
_atom_site.auth_asym_id 
_atom_site.auth_atom_id 
_atom_site.pdbx_PDB_model_num 
ATOM   1    N  N     . ARG A 1 11  ? 1.557   -11.674 -27.240 1.00 39.58 ? 11  ARG A N     1 
ATOM   2    C  CA    . ARG A 1 11  ? 1.513   -11.863 -25.761 1.00 39.30 ? 11  ARG A CA    1 
ATOM   3    C  C     . ARG A 1 11  ? 2.120   -13.210 -25.374 1.00 38.75 ? 11  ARG A C     1 
ATOM   4    O  O     . ARG A 1 11  ? 1.400   -14.161 -25.069 1.00 39.19 ? 11  ARG A O     1 
ATOM   5    C  CB    . ARG A 1 11  ? 0.068   -11.801 -25.270 1.00 40.10 ? 11  ARG A CB    1 
ATOM   6    C  CG    . ARG A 1 11  ? -0.077  -11.639 -23.764 1.00 40.10 ? 11  ARG A CG    1 
ATOM   7    C  CD    . ARG A 1 11  ? 0.279   -10.224 -23.328 1.00 41.61 ? 11  ARG A CD    1 
ATOM   8    N  NE    . ARG A 1 11  ? -0.120  -9.967  -21.946 1.00 41.18 ? 11  ARG A NE    1 
ATOM   9    C  CZ    . ARG A 1 11  ? -0.159  -8.759  -21.392 1.00 41.30 ? 11  ARG A CZ    1 
ATOM   10   N  NH1   . ARG A 1 11  ? 0.178   -7.692  -22.100 1.00 41.99 ? 11  ARG A NH1   1 
ATOM   11   N  NH2   . ARG A 1 11  ? -0.544  -8.617  -20.129 1.00 38.57 ? 11  ARG A NH2   1 
ATOM   12   N  N     . THR A 1 12  ? 3.446   -13.287 -25.387 1.00 38.44 ? 12  THR A N     1 
ATOM   13   C  CA    . THR A 1 12  ? 4.144   -14.520 -25.042 1.00 38.38 ? 12  THR A CA    1 
ATOM   14   C  C     . THR A 1 12  ? 4.683   -14.451 -23.618 1.00 37.14 ? 12  THR A C     1 
ATOM   15   O  O     . THR A 1 12  ? 5.225   -13.427 -23.198 1.00 37.11 ? 12  THR A O     1 
ATOM   16   C  CB    . THR A 1 12  ? 5.315   -14.783 -26.008 1.00 38.85 ? 12  THR A CB    1 
ATOM   17   O  OG1   . THR A 1 12  ? 6.311   -13.766 -25.843 1.00 41.03 ? 12  THR A OG1   1 
ATOM   18   C  CG2   . THR A 1 12  ? 4.825   -14.768 -27.448 1.00 39.88 ? 12  THR A CG2   1 
ATOM   19   N  N     . TYR A 1 13  ? 4.538   -15.545 -22.878 1.00 35.73 ? 13  TYR A N     1 
ATOM   20   C  CA    . TYR A 1 13  ? 5.001   -15.589 -21.499 1.00 33.91 ? 13  TYR A CA    1 
ATOM   21   C  C     . TYR A 1 13  ? 6.365   -16.243 -21.334 1.00 33.70 ? 13  TYR A C     1 
ATOM   22   O  O     . TYR A 1 13  ? 6.613   -17.341 -21.836 1.00 34.09 ? 13  TYR A O     1 
ATOM   23   C  CB    . TYR A 1 13  ? 3.962   -16.298 -20.625 1.00 33.21 ? 13  TYR A CB    1 
ATOM   24   C  CG    . TYR A 1 13  ? 2.661   -15.538 -20.543 1.00 32.38 ? 13  TYR A CG    1 
ATOM   25   C  CD1   . TYR A 1 13  ? 1.779   -15.507 -21.622 1.00 31.22 ? 13  TYR A CD1   1 
ATOM   26   C  CD2   . TYR A 1 13  ? 2.343   -14.788 -19.410 1.00 31.67 ? 13  TYR A CD2   1 
ATOM   27   C  CE1   . TYR A 1 13  ? 0.614   -14.746 -21.579 1.00 31.38 ? 13  TYR A CE1   1 
ATOM   28   C  CE2   . TYR A 1 13  ? 1.183   -14.023 -19.357 1.00 30.47 ? 13  TYR A CE2   1 
ATOM   29   C  CZ    . TYR A 1 13  ? 0.324   -14.004 -20.442 1.00 30.98 ? 13  TYR A CZ    1 
ATOM   30   O  OH    . TYR A 1 13  ? -0.816  -13.235 -20.398 1.00 30.08 ? 13  TYR A OH    1 
ATOM   31   N  N     . LEU A 1 14  ? 7.247   -15.548 -20.622 1.00 32.36 ? 14  LEU A N     1 
ATOM   32   C  CA    . LEU A 1 14  ? 8.598   -16.027 -20.369 1.00 32.28 ? 14  LEU A CA    1 
ATOM   33   C  C     . LEU A 1 14  ? 8.707   -16.604 -18.965 1.00 31.87 ? 14  LEU A C     1 
ATOM   34   O  O     . LEU A 1 14  ? 9.605   -17.392 -18.674 1.00 32.32 ? 14  LEU A O     1 
ATOM   35   C  CB    . LEU A 1 14  ? 9.599   -14.880 -20.517 1.00 32.17 ? 14  LEU A CB    1 
ATOM   36   C  CG    . LEU A 1 14  ? 9.576   -14.109 -21.836 1.00 32.69 ? 14  LEU A CG    1 
ATOM   37   C  CD1   . LEU A 1 14  ? 10.588  -12.977 -21.779 1.00 32.82 ? 14  LEU A CD1   1 
ATOM   38   C  CD2   . LEU A 1 14  ? 9.887   -15.052 -22.989 1.00 32.77 ? 14  LEU A CD2   1 
ATOM   39   N  N     . TYR A 1 15  ? 7.785   -16.206 -18.096 1.00 31.54 ? 15  TYR A N     1 
ATOM   40   C  CA    . TYR A 1 15  ? 7.794   -16.675 -16.720 1.00 31.41 ? 15  TYR A CA    1 
ATOM   41   C  C     . TYR A 1 15  ? 6.435   -16.517 -16.049 1.00 32.07 ? 15  TYR A C     1 
ATOM   42   O  O     . TYR A 1 15  ? 5.805   -15.463 -16.139 1.00 31.72 ? 15  TYR A O     1 
ATOM   43   C  CB    . TYR A 1 15  ? 8.844   -15.902 -15.917 1.00 30.97 ? 15  TYR A CB    1 
ATOM   44   C  CG    . TYR A 1 15  ? 8.890   -16.254 -14.446 1.00 31.03 ? 15  TYR A CG    1 
ATOM   45   C  CD1   . TYR A 1 15  ? 9.463   -17.449 -14.013 1.00 30.63 ? 15  TYR A CD1   1 
ATOM   46   C  CD2   . TYR A 1 15  ? 8.353   -15.395 -13.487 1.00 29.71 ? 15  TYR A CD2   1 
ATOM   47   C  CE1   . TYR A 1 15  ? 9.503   -17.778 -12.659 1.00 31.08 ? 15  TYR A CE1   1 
ATOM   48   C  CE2   . TYR A 1 15  ? 8.386   -15.714 -12.132 1.00 29.21 ? 15  TYR A CE2   1 
ATOM   49   C  CZ    . TYR A 1 15  ? 8.962   -16.905 -11.725 1.00 31.05 ? 15  TYR A CZ    1 
ATOM   50   O  OH    . TYR A 1 15  ? 9.001   -17.226 -10.388 1.00 32.21 ? 15  TYR A OH    1 
ATOM   51   N  N     . ARG A 1 16  ? 5.986   -17.580 -15.389 1.00 31.51 ? 16  ARG A N     1 
ATOM   52   C  CA    . ARG A 1 16  ? 4.724   -17.572 -14.659 1.00 32.09 ? 16  ARG A CA    1 
ATOM   53   C  C     . ARG A 1 16  ? 5.093   -17.862 -13.211 1.00 32.00 ? 16  ARG A C     1 
ATOM   54   O  O     . ARG A 1 16  ? 5.439   -18.995 -12.871 1.00 32.17 ? 16  ARG A O     1 
ATOM   55   C  CB    . ARG A 1 16  ? 3.782   -18.653 -15.190 1.00 34.62 ? 16  ARG A CB    1 
ATOM   56   C  CG    . ARG A 1 16  ? 3.227   -18.365 -16.572 1.00 36.67 ? 16  ARG A CG    1 
ATOM   57   C  CD    . ARG A 1 16  ? 2.333   -19.498 -17.049 1.00 39.96 ? 16  ARG A CD    1 
ATOM   58   N  NE    . ARG A 1 16  ? 1.661   -19.181 -18.307 1.00 42.27 ? 16  ARG A NE    1 
ATOM   59   C  CZ    . ARG A 1 16  ? 0.754   -18.219 -18.448 1.00 43.22 ? 16  ARG A CZ    1 
ATOM   60   N  NH1   . ARG A 1 16  ? 0.405   -17.472 -17.408 1.00 44.29 ? 16  ARG A NH1   1 
ATOM   61   N  NH2   . ARG A 1 16  ? 0.195   -18.002 -19.631 1.00 43.71 ? 16  ARG A NH2   1 
ATOM   62   N  N     . GLY A 1 17  ? 5.026   -16.839 -12.362 1.00 29.58 ? 17  GLY A N     1 
ATOM   63   C  CA    . GLY A 1 17  ? 5.404   -17.012 -10.972 1.00 28.89 ? 17  GLY A CA    1 
ATOM   64   C  C     . GLY A 1 17  ? 4.297   -16.945 -9.938  1.00 28.41 ? 17  GLY A C     1 
ATOM   65   O  O     . GLY A 1 17  ? 3.118   -17.075 -10.259 1.00 28.10 ? 17  GLY A O     1 
ATOM   66   N  N     . ARG A 1 18  ? 4.696   -16.733 -8.689  1.00 28.93 ? 18  ARG A N     1 
ATOM   67   C  CA    . ARG A 1 18  ? 3.762   -16.665 -7.572  1.00 30.08 ? 18  ARG A CA    1 
ATOM   68   C  C     . ARG A 1 18  ? 2.948   -15.375 -7.532  1.00 29.22 ? 18  ARG A C     1 
ATOM   69   O  O     . ARG A 1 18  ? 1.723   -15.418 -7.450  1.00 28.80 ? 18  ARG A O     1 
ATOM   70   C  CB    . ARG A 1 18  ? 4.512   -16.841 -6.247  1.00 32.30 ? 18  ARG A CB    1 
ATOM   71   C  CG    . ARG A 1 18  ? 3.591   -16.898 -5.039  1.00 36.31 ? 18  ARG A CG    1 
ATOM   72   C  CD    . ARG A 1 18  ? 4.350   -17.088 -3.735  1.00 40.42 ? 18  ARG A CD    1 
ATOM   73   N  NE    . ARG A 1 18  ? 3.438   -17.105 -2.595  1.00 43.86 ? 18  ARG A NE    1 
ATOM   74   C  CZ    . ARG A 1 18  ? 3.817   -17.240 -1.328  1.00 45.81 ? 18  ARG A CZ    1 
ATOM   75   N  NH1   . ARG A 1 18  ? 5.101   -17.373 -1.024  1.00 47.49 ? 18  ARG A NH1   1 
ATOM   76   N  NH2   . ARG A 1 18  ? 2.908   -17.239 -0.362  1.00 46.32 ? 18  ARG A NH2   1 
ATOM   77   N  N     . ILE A 1 19  ? 3.623   -14.230 -7.587  1.00 29.71 ? 19  ILE A N     1 
ATOM   78   C  CA    . ILE A 1 19  ? 2.910   -12.958 -7.554  1.00 28.04 ? 19  ILE A CA    1 
ATOM   79   C  C     . ILE A 1 19  ? 3.062   -12.169 -8.846  1.00 27.25 ? 19  ILE A C     1 
ATOM   80   O  O     . ILE A 1 19  ? 2.581   -11.042 -8.946  1.00 25.97 ? 19  ILE A O     1 
ATOM   81   C  CB    . ILE A 1 19  ? 3.385   -12.055 -6.397  1.00 29.10 ? 19  ILE A CB    1 
ATOM   82   C  CG1   . ILE A 1 19  ? 4.795   -11.543 -6.682  1.00 28.73 ? 19  ILE A CG1   1 
ATOM   83   C  CG2   . ILE A 1 19  ? 3.351   -12.823 -5.085  1.00 30.00 ? 19  ILE A CG2   1 
ATOM   84   C  CD1   . ILE A 1 19  ? 5.190   -10.372 -5.818  1.00 29.16 ? 19  ILE A CD1   1 
ATOM   85   N  N     . LEU A 1 20  ? 3.733   -12.747 -9.835  1.00 24.69 ? 20  LEU A N     1 
ATOM   86   C  CA    . LEU A 1 20  ? 3.903   -12.047 -11.100 1.00 23.88 ? 20  LEU A CA    1 
ATOM   87   C  C     . LEU A 1 20  ? 4.236   -12.978 -12.256 1.00 23.34 ? 20  LEU A C     1 
ATOM   88   O  O     . LEU A 1 20  ? 4.741   -14.085 -12.056 1.00 23.45 ? 20  LEU A O     1 
ATOM   89   C  CB    . LEU A 1 20  ? 5.002   -10.982 -10.966 1.00 24.51 ? 20  LEU A CB    1 
ATOM   90   C  CG    . LEU A 1 20  ? 6.465   -11.424 -10.816 1.00 24.61 ? 20  LEU A CG    1 
ATOM   91   C  CD1   . LEU A 1 20  ? 7.021   -11.842 -12.170 1.00 24.96 ? 20  LEU A CD1   1 
ATOM   92   C  CD2   . LEU A 1 20  ? 7.293   -10.278 -10.261 1.00 25.58 ? 20  LEU A CD2   1 
ATOM   93   N  N     . ASN A 1 21  ? 3.925   -12.519 -13.464 1.00 22.66 ? 21  ASN A N     1 
ATOM   94   C  CA    . ASN A 1 21  ? 4.224   -13.247 -14.689 1.00 23.58 ? 21  ASN A CA    1 
ATOM   95   C  C     . ASN A 1 21  ? 4.993   -12.257 -15.550 1.00 24.09 ? 21  ASN A C     1 
ATOM   96   O  O     . ASN A 1 21  ? 4.686   -11.063 -15.545 1.00 22.01 ? 21  ASN A O     1 
ATOM   97   C  CB    . ASN A 1 21  ? 2.955   -13.642 -15.456 1.00 23.51 ? 21  ASN A CB    1 
ATOM   98   C  CG    . ASN A 1 21  ? 2.030   -14.543 -14.660 1.00 23.79 ? 21  ASN A CG    1 
ATOM   99   O  OD1   . ASN A 1 21  ? 2.471   -15.478 -13.994 1.00 25.47 ? 21  ASN A OD1   1 
ATOM   100  N  ND2   . ASN A 1 21  ? 0.730   -14.276 -14.748 1.00 23.55 ? 21  ASN A ND2   1 
ATOM   101  N  N     . LEU A 1 22  ? 5.996   -12.740 -16.274 1.00 23.04 ? 22  LEU A N     1 
ATOM   102  C  CA    . LEU A 1 22  ? 6.756   -11.874 -17.164 1.00 23.47 ? 22  LEU A CA    1 
ATOM   103  C  C     . LEU A 1 22  ? 6.342   -12.236 -18.581 1.00 25.77 ? 22  LEU A C     1 
ATOM   104  O  O     . LEU A 1 22  ? 6.441   -13.396 -18.988 1.00 26.24 ? 22  LEU A O     1 
ATOM   105  C  CB    . LEU A 1 22  ? 8.260   -12.086 -16.996 1.00 23.39 ? 22  LEU A CB    1 
ATOM   106  C  CG    . LEU A 1 22  ? 9.146   -11.350 -18.011 1.00 22.22 ? 22  LEU A CG    1 
ATOM   107  C  CD1   . LEU A 1 22  ? 8.870   -9.848  -17.963 1.00 23.25 ? 22  LEU A CD1   1 
ATOM   108  C  CD2   . LEU A 1 22  ? 10.606  -11.635 -17.706 1.00 23.51 ? 22  LEU A CD2   1 
ATOM   109  N  N     . ALA A 1 23  ? 5.862   -11.251 -19.330 1.00 25.34 ? 23  ALA A N     1 
ATOM   110  C  CA    . ALA A 1 23  ? 5.433   -11.500 -20.697 1.00 26.50 ? 23  ALA A CA    1 
ATOM   111  C  C     . ALA A 1 23  ? 6.033   -10.506 -21.670 1.00 27.37 ? 23  ALA A C     1 
ATOM   112  O  O     . ALA A 1 23  ? 6.600   -9.484  -21.275 1.00 27.03 ? 23  ALA A O     1 
ATOM   113  C  CB    . ALA A 1 23  ? 3.914   -11.449 -20.783 1.00 25.71 ? 23  ALA A CB    1 
ATOM   114  N  N     . LEU A 1 24  ? 5.910   -10.831 -22.952 1.00 28.42 ? 24  LEU A N     1 
ATOM   115  C  CA    . LEU A 1 24  ? 6.399   -9.980  -24.020 1.00 30.18 ? 24  LEU A CA    1 
ATOM   116  C  C     . LEU A 1 24  ? 5.232   -9.736  -24.959 1.00 32.01 ? 24  LEU A C     1 
ATOM   117  O  O     . LEU A 1 24  ? 4.619   -10.680 -25.460 1.00 31.99 ? 24  LEU A O     1 
ATOM   118  C  CB    . LEU A 1 24  ? 7.535   -10.661 -24.792 1.00 30.87 ? 24  LEU A CB    1 
ATOM   119  C  CG    . LEU A 1 24  ? 8.855   -10.939 -24.068 1.00 31.51 ? 24  LEU A CG    1 
ATOM   120  C  CD1   . LEU A 1 24  ? 9.800   -11.683 -25.009 1.00 30.54 ? 24  LEU A CD1   1 
ATOM   121  C  CD2   . LEU A 1 24  ? 9.480   -9.634  -23.604 1.00 30.53 ? 24  LEU A CD2   1 
ATOM   122  N  N     . GLU A 1 25  ? 4.905   -8.471  -25.178 1.00 32.88 ? 25  GLU A N     1 
ATOM   123  C  CA    . GLU A 1 25  ? 3.822   -8.130  -26.081 1.00 34.90 ? 25  GLU A CA    1 
ATOM   124  C  C     . GLU A 1 25  ? 4.473   -7.313  -27.177 1.00 35.78 ? 25  GLU A C     1 
ATOM   125  O  O     . GLU A 1 25  ? 4.564   -6.087  -27.088 1.00 37.11 ? 25  GLU A O     1 
ATOM   126  C  CB    . GLU A 1 25  ? 2.756   -7.306  -25.365 1.00 35.20 ? 25  GLU A CB    1 
ATOM   127  C  CG    . GLU A 1 25  ? 1.390   -7.414  -26.009 1.00 36.60 ? 25  GLU A CG    1 
ATOM   128  C  CD    . GLU A 1 25  ? 0.349   -6.572  -25.312 1.00 36.94 ? 25  GLU A CD    1 
ATOM   129  O  OE1   . GLU A 1 25  ? 0.390   -5.335  -25.463 1.00 37.38 ? 25  GLU A OE1   1 
ATOM   130  O  OE2   . GLU A 1 25  ? -0.507  -7.147  -24.606 1.00 38.65 ? 25  GLU A OE2   1 
ATOM   131  N  N     . GLY A 1 26  ? 4.943   -8.004  -28.207 1.00 36.84 ? 26  GLY A N     1 
ATOM   132  C  CA    . GLY A 1 26  ? 5.616   -7.328  -29.293 1.00 37.90 ? 26  GLY A CA    1 
ATOM   133  C  C     . GLY A 1 26  ? 6.977   -6.885  -28.797 1.00 38.13 ? 26  GLY A C     1 
ATOM   134  O  O     . GLY A 1 26  ? 7.836   -7.712  -28.494 1.00 39.20 ? 26  GLY A O     1 
ATOM   135  N  N     . ARG A 1 27  ? 7.166   -5.577  -28.689 1.00 38.17 ? 27  ARG A N     1 
ATOM   136  C  CA    . ARG A 1 27  ? 8.429   -5.018  -28.227 1.00 38.25 ? 27  ARG A CA    1 
ATOM   137  C  C     . ARG A 1 27  ? 8.402   -4.707  -26.728 1.00 36.82 ? 27  ARG A C     1 
ATOM   138  O  O     . ARG A 1 27  ? 9.448   -4.533  -26.104 1.00 36.22 ? 27  ARG A O     1 
ATOM   139  C  CB    . ARG A 1 27  ? 8.740   -3.752  -29.037 1.00 40.64 ? 27  ARG A CB    1 
ATOM   140  C  CG    . ARG A 1 27  ? 9.921   -2.926  -28.554 1.00 44.76 ? 27  ARG A CG    1 
ATOM   141  C  CD    . ARG A 1 27  ? 9.503   -1.925  -27.485 1.00 48.57 ? 27  ARG A CD    1 
ATOM   142  N  NE    . ARG A 1 27  ? 8.406   -1.068  -27.933 1.00 52.32 ? 27  ARG A NE    1 
ATOM   143  C  CZ    . ARG A 1 27  ? 8.460   -0.270  -28.995 1.00 53.71 ? 27  ARG A CZ    1 
ATOM   144  N  NH1   . ARG A 1 27  ? 9.560   -0.210  -29.733 1.00 55.51 ? 27  ARG A NH1   1 
ATOM   145  N  NH2   . ARG A 1 27  ? 7.409   0.471   -29.323 1.00 54.57 ? 27  ARG A NH2   1 
ATOM   146  N  N     . TYR A 1 28  ? 7.206   -4.664  -26.150 1.00 34.13 ? 28  TYR A N     1 
ATOM   147  C  CA    . TYR A 1 28  ? 7.061   -4.340  -24.735 1.00 31.95 ? 28  TYR A CA    1 
ATOM   148  C  C     . TYR A 1 28  ? 7.205   -5.496  -23.755 1.00 29.62 ? 28  TYR A C     1 
ATOM   149  O  O     . TYR A 1 28  ? 6.659   -6.581  -23.958 1.00 29.80 ? 28  TYR A O     1 
ATOM   150  C  CB    . TYR A 1 28  ? 5.711   -3.663  -24.484 1.00 32.98 ? 28  TYR A CB    1 
ATOM   151  C  CG    . TYR A 1 28  ? 5.490   -2.406  -25.286 1.00 34.83 ? 28  TYR A CG    1 
ATOM   152  C  CD1   . TYR A 1 28  ? 5.175   -2.468  -26.642 1.00 36.29 ? 28  TYR A CD1   1 
ATOM   153  C  CD2   . TYR A 1 28  ? 5.592   -1.148  -24.689 1.00 35.95 ? 28  TYR A CD2   1 
ATOM   154  C  CE1   . TYR A 1 28  ? 4.964   -1.309  -27.387 1.00 37.32 ? 28  TYR A CE1   1 
ATOM   155  C  CE2   . TYR A 1 28  ? 5.383   0.016   -25.425 1.00 37.40 ? 28  TYR A CE2   1 
ATOM   156  C  CZ    . TYR A 1 28  ? 5.070   -0.073  -26.772 1.00 38.16 ? 28  TYR A CZ    1 
ATOM   157  O  OH    . TYR A 1 28  ? 4.856   1.071   -27.505 1.00 39.22 ? 28  TYR A OH    1 
ATOM   158  N  N     . GLU A 1 29  ? 7.942   -5.235  -22.680 1.00 27.50 ? 29  GLU A N     1 
ATOM   159  C  CA    . GLU A 1 29  ? 8.157   -6.207  -21.616 1.00 26.02 ? 29  GLU A CA    1 
ATOM   160  C  C     . GLU A 1 29  ? 7.074   -5.881  -20.593 1.00 25.24 ? 29  GLU A C     1 
ATOM   161  O  O     . GLU A 1 29  ? 6.985   -4.751  -20.109 1.00 24.73 ? 29  GLU A O     1 
ATOM   162  C  CB    . GLU A 1 29  ? 9.553   -6.020  -21.022 1.00 26.37 ? 29  GLU A CB    1 
ATOM   163  C  CG    . GLU A 1 29  ? 10.651  -6.099  -22.079 1.00 28.89 ? 29  GLU A CG    1 
ATOM   164  C  CD    . GLU A 1 29  ? 12.000  -5.618  -21.583 1.00 30.36 ? 29  GLU A CD    1 
ATOM   165  O  OE1   . GLU A 1 29  ? 12.076  -4.492  -21.047 1.00 31.66 ? 29  GLU A OE1   1 
ATOM   166  O  OE2   . GLU A 1 29  ? 12.991  -6.361  -21.739 1.00 31.52 ? 29  GLU A OE2   1 
ATOM   167  N  N     . ILE A 1 30  ? 6.246   -6.868  -20.273 1.00 23.65 ? 30  ILE A N     1 
ATOM   168  C  CA    . ILE A 1 30  ? 5.138   -6.649  -19.354 1.00 22.48 ? 30  ILE A CA    1 
ATOM   169  C  C     . ILE A 1 30  ? 5.118   -7.585  -18.156 1.00 22.27 ? 30  ILE A C     1 
ATOM   170  O  O     . ILE A 1 30  ? 5.246   -8.801  -18.298 1.00 22.13 ? 30  ILE A O     1 
ATOM   171  C  CB    . ILE A 1 30  ? 3.796   -6.783  -20.111 1.00 22.86 ? 30  ILE A CB    1 
ATOM   172  C  CG1   . ILE A 1 30  ? 3.746   -5.752  -21.243 1.00 24.49 ? 30  ILE A CG1   1 
ATOM   173  C  CG2   . ILE A 1 30  ? 2.625   -6.598  -19.155 1.00 24.87 ? 30  ILE A CG2   1 
ATOM   174  C  CD1   . ILE A 1 30  ? 2.531   -5.866  -22.132 1.00 25.69 ? 30  ILE A CD1   1 
ATOM   175  N  N     . VAL A 1 31  ? 4.955   -7.006  -16.970 1.00 19.89 ? 31  VAL A N     1 
ATOM   176  C  CA    . VAL A 1 31  ? 4.877   -7.795  -15.752 1.00 18.15 ? 31  VAL A CA    1 
ATOM   177  C  C     . VAL A 1 31  ? 3.439   -7.787  -15.255 1.00 19.54 ? 31  VAL A C     1 
ATOM   178  O  O     . VAL A 1 31  ? 2.914   -6.743  -14.856 1.00 18.76 ? 31  VAL A O     1 
ATOM   179  C  CB    . VAL A 1 31  ? 5.786   -7.234  -14.635 1.00 18.65 ? 31  VAL A CB    1 
ATOM   180  C  CG1   . VAL A 1 31  ? 5.568   -8.024  -13.341 1.00 17.14 ? 31  VAL A CG1   1 
ATOM   181  C  CG2   . VAL A 1 31  ? 7.247   -7.318  -15.060 1.00 18.86 ? 31  VAL A CG2   1 
ATOM   182  N  N     . GLU A 1 32  ? 2.788   -8.944  -15.310 1.00 17.39 ? 32  GLU A N     1 
ATOM   183  C  CA    . GLU A 1 32  ? 1.419   -9.053  -14.824 1.00 18.04 ? 32  GLU A CA    1 
ATOM   184  C  C     . GLU A 1 32  ? 1.538   -9.239  -13.321 1.00 18.18 ? 32  GLU A C     1 
ATOM   185  O  O     . GLU A 1 32  ? 2.352   -10.034 -12.846 1.00 19.97 ? 32  GLU A O     1 
ATOM   186  C  CB    . GLU A 1 32  ? 0.708   -10.244 -15.463 1.00 18.50 ? 32  GLU A CB    1 
ATOM   187  C  CG    . GLU A 1 32  ? 0.578   -10.116 -16.966 1.00 20.06 ? 32  GLU A CG    1 
ATOM   188  C  CD    . GLU A 1 32  ? -0.127  -11.297 -17.591 1.00 20.61 ? 32  GLU A CD    1 
ATOM   189  O  OE1   . GLU A 1 32  ? -0.187  -12.360 -16.943 1.00 21.17 ? 32  GLU A OE1   1 
ATOM   190  O  OE2   . GLU A 1 32  ? -0.611  -11.162 -18.734 1.00 23.06 ? 32  GLU A OE2   1 
ATOM   191  N  N     . HIS A 1 33  ? 0.724   -8.501  -12.577 1.00 16.24 ? 33  HIS A N     1 
ATOM   192  C  CA    . HIS A 1 33  ? 0.782   -8.533  -11.122 1.00 16.22 ? 33  HIS A CA    1 
ATOM   193  C  C     . HIS A 1 33  ? -0.626  -8.451  -10.544 1.00 15.90 ? 33  HIS A C     1 
ATOM   194  O  O     . HIS A 1 33  ? -1.486  -7.760  -11.086 1.00 16.45 ? 33  HIS A O     1 
ATOM   195  C  CB    . HIS A 1 33  ? 1.622   -7.334  -10.663 1.00 15.94 ? 33  HIS A CB    1 
ATOM   196  C  CG    . HIS A 1 33  ? 1.988   -7.344  -9.213  1.00 14.43 ? 33  HIS A CG    1 
ATOM   197  N  ND1   . HIS A 1 33  ? 1.056   -7.210  -8.205  1.00 14.45 ? 33  HIS A ND1   1 
ATOM   198  C  CD2   . HIS A 1 33  ? 3.194   -7.411  -8.601  1.00 14.71 ? 33  HIS A CD2   1 
ATOM   199  C  CE1   . HIS A 1 33  ? 1.674   -7.191  -7.038  1.00 14.26 ? 33  HIS A CE1   1 
ATOM   200  N  NE2   . HIS A 1 33  ? 2.971   -7.312  -7.250  1.00 14.27 ? 33  HIS A NE2   1 
ATOM   201  N  N     . LYS A 1 34  ? -0.865  -9.164  -9.450  1.00 16.75 ? 34  LYS A N     1 
ATOM   202  C  CA    . LYS A 1 34  ? -2.174  -9.130  -8.819  1.00 17.19 ? 34  LYS A CA    1 
ATOM   203  C  C     . LYS A 1 34  ? -2.477  -7.715  -8.333  1.00 15.61 ? 34  LYS A C     1 
ATOM   204  O  O     . LYS A 1 34  ? -1.564  -6.944  -8.030  1.00 14.66 ? 34  LYS A O     1 
ATOM   205  C  CB    . LYS A 1 34  ? -2.218  -10.092 -7.629  1.00 20.72 ? 34  LYS A CB    1 
ATOM   206  C  CG    . LYS A 1 34  ? -2.260  -11.563 -8.012  1.00 25.58 ? 34  LYS A CG    1 
ATOM   207  C  CD    . LYS A 1 34  ? -2.223  -12.439 -6.770  1.00 31.27 ? 34  LYS A CD    1 
ATOM   208  C  CE    . LYS A 1 34  ? -2.452  -13.902 -7.117  1.00 34.54 ? 34  LYS A CE    1 
ATOM   209  N  NZ    . LYS A 1 34  ? -3.813  -14.121 -7.684  1.00 37.13 ? 34  LYS A NZ    1 
ATOM   210  N  N     . PRO A 1 35  ? -3.763  -7.343  -8.289  1.00 15.92 ? 35  PRO A N     1 
ATOM   211  C  CA    . PRO A 1 35  ? -4.115  -6.003  -7.819  1.00 16.11 ? 35  PRO A CA    1 
ATOM   212  C  C     . PRO A 1 35  ? -3.880  -5.948  -6.318  1.00 15.61 ? 35  PRO A C     1 
ATOM   213  O  O     . PRO A 1 35  ? -3.815  -6.988  -5.656  1.00 14.86 ? 35  PRO A O     1 
ATOM   214  C  CB    . PRO A 1 35  ? -5.588  -5.877  -8.197  1.00 16.99 ? 35  PRO A CB    1 
ATOM   215  C  CG    . PRO A 1 35  ? -6.075  -7.288  -8.134  1.00 18.05 ? 35  PRO A CG    1 
ATOM   216  C  CD    . PRO A 1 35  ? -4.955  -8.056  -8.783  1.00 17.40 ? 35  PRO A CD    1 
ATOM   217  N  N     . ALA A 1 36  ? -3.757  -4.737  -5.786  1.00 13.43 ? 36  ALA A N     1 
ATOM   218  C  CA    . ALA A 1 36  ? -3.496  -4.546  -4.367  1.00 12.42 ? 36  ALA A CA    1 
ATOM   219  C  C     . ALA A 1 36  ? -4.429  -3.528  -3.725  1.00 11.83 ? 36  ALA A C     1 
ATOM   220  O  O     . ALA A 1 36  ? -5.204  -2.856  -4.407  1.00 12.11 ? 36  ALA A O     1 
ATOM   221  C  CB    . ALA A 1 36  ? -2.050  -4.095  -4.176  1.00 14.76 ? 36  ALA A CB    1 
ATOM   222  N  N     . VAL A 1 37  ? -4.350  -3.434  -2.400  1.00 11.23 ? 37  VAL A N     1 
ATOM   223  C  CA    . VAL A 1 37  ? -5.138  -2.473  -1.635  1.00 11.20 ? 37  VAL A CA    1 
ATOM   224  C  C     . VAL A 1 37  ? -4.200  -1.790  -0.649  1.00 10.95 ? 37  VAL A C     1 
ATOM   225  O  O     . VAL A 1 37  ? -3.133  -2.315  -0.332  1.00 12.41 ? 37  VAL A O     1 
ATOM   226  C  CB    . VAL A 1 37  ? -6.277  -3.147  -0.830  1.00 11.03 ? 37  VAL A CB    1 
ATOM   227  C  CG1   . VAL A 1 37  ? -7.273  -3.787  -1.785  1.00 14.38 ? 37  VAL A CG1   1 
ATOM   228  C  CG2   . VAL A 1 37  ? -5.699  -4.185  0.142   1.00 12.77 ? 37  VAL A CG2   1 
ATOM   229  N  N     . ALA A 1 38  ? -4.595  -0.611  -0.181  1.00 10.33 ? 38  ALA A N     1 
ATOM   230  C  CA    . ALA A 1 38  ? -3.806  0.140   0.789   1.00 10.50 ? 38  ALA A CA    1 
ATOM   231  C  C     . ALA A 1 38  ? -4.805  0.866   1.674   1.00 11.72 ? 38  ALA A C     1 
ATOM   232  O  O     . ALA A 1 38  ? -5.843  1.319   1.194   1.00 12.10 ? 38  ALA A O     1 
ATOM   233  C  CB    . ALA A 1 38  ? -2.891  1.137   0.083   1.00 11.90 ? 38  ALA A CB    1 
ATOM   234  N  N     . VAL A 1 39  ? -4.488  0.972   2.961   1.00 10.38 ? 39  VAL A N     1 
ATOM   235  C  CA    . VAL A 1 39  ? -5.394  1.608   3.907   1.00 11.33 ? 39  VAL A CA    1 
ATOM   236  C  C     . VAL A 1 39  ? -4.781  2.795   4.640   1.00 10.66 ? 39  VAL A C     1 
ATOM   237  O  O     . VAL A 1 39  ? -3.755  2.669   5.310   1.00 11.78 ? 39  VAL A O     1 
ATOM   238  C  CB    . VAL A 1 39  ? -5.887  0.579   4.957   1.00 10.85 ? 39  VAL A CB    1 
ATOM   239  C  CG1   . VAL A 1 39  ? -6.899  1.228   5.891   1.00 12.61 ? 39  VAL A CG1   1 
ATOM   240  C  CG2   . VAL A 1 39  ? -6.502  -0.637  4.257   1.00 12.22 ? 39  VAL A CG2   1 
ATOM   241  N  N     . ILE A 1 40  ? -5.426  3.951   4.502   1.00 11.62 ? 40  ILE A N     1 
ATOM   242  C  CA    . ILE A 1 40  ? -4.997  5.178   5.160   1.00 11.67 ? 40  ILE A CA    1 
ATOM   243  C  C     . ILE A 1 40  ? -5.786  5.277   6.465   1.00 13.18 ? 40  ILE A C     1 
ATOM   244  O  O     . ILE A 1 40  ? -7.014  5.254   6.450   1.00 12.86 ? 40  ILE A O     1 
ATOM   245  C  CB    . ILE A 1 40  ? -5.317  6.423   4.295   1.00 11.55 ? 40  ILE A CB    1 
ATOM   246  C  CG1   . ILE A 1 40  ? -4.521  6.382   2.989   1.00 11.63 ? 40  ILE A CG1   1 
ATOM   247  C  CG2   . ILE A 1 40  ? -4.990  7.689   5.068   1.00 11.73 ? 40  ILE A CG2   1 
ATOM   248  C  CD1   . ILE A 1 40  ? -4.870  7.514   2.028   1.00 11.95 ? 40  ILE A CD1   1 
ATOM   249  N  N     . ALA A 1 41  ? -5.086  5.372   7.588   1.00 12.45 ? 41  ALA A N     1 
ATOM   250  C  CA    . ALA A 1 41  ? -5.757  5.467   8.880   1.00 15.17 ? 41  ALA A CA    1 
ATOM   251  C  C     . ALA A 1 41  ? -5.102  6.525   9.751   1.00 15.25 ? 41  ALA A C     1 
ATOM   252  O  O     . ALA A 1 41  ? -3.881  6.534   9.926   1.00 14.31 ? 41  ALA A O     1 
ATOM   253  C  CB    . ALA A 1 41  ? -5.722  4.121   9.585   1.00 13.17 ? 41  ALA A CB    1 
ATOM   254  N  N     . LEU A 1 42  ? -5.921  7.417   10.296  1.00 16.27 ? 42  LEU A N     1 
ATOM   255  C  CA    . LEU A 1 42  ? -5.426  8.485   11.151  1.00 16.90 ? 42  LEU A CA    1 
ATOM   256  C  C     . LEU A 1 42  ? -6.062  8.370   12.532  1.00 18.31 ? 42  LEU A C     1 
ATOM   257  O  O     . LEU A 1 42  ? -7.248  8.065   12.654  1.00 19.07 ? 42  LEU A O     1 
ATOM   258  C  CB    . LEU A 1 42  ? -5.769  9.847   10.541  1.00 19.33 ? 42  LEU A CB    1 
ATOM   259  C  CG    . LEU A 1 42  ? -5.114  11.076  11.174  1.00 21.09 ? 42  LEU A CG    1 
ATOM   260  C  CD1   . LEU A 1 42  ? -3.662  11.157  10.714  1.00 19.72 ? 42  LEU A CD1   1 
ATOM   261  C  CD2   . LEU A 1 42  ? -5.860  12.338  10.762  1.00 23.66 ? 42  LEU A CD2   1 
ATOM   262  N  N     . ARG A 1 43  ? -5.263  8.597   13.567  1.00 17.43 ? 43  ARG A N     1 
ATOM   263  C  CA    . ARG A 1 43  ? -5.751  8.540   14.939  1.00 18.58 ? 43  ARG A CA    1 
ATOM   264  C  C     . ARG A 1 43  ? -4.909  9.478   15.794  1.00 17.79 ? 43  ARG A C     1 
ATOM   265  O  O     . ARG A 1 43  ? -3.691  9.334   15.875  1.00 17.66 ? 43  ARG A O     1 
ATOM   266  C  CB    . ARG A 1 43  ? -5.673  7.110   15.488  1.00 19.50 ? 43  ARG A CB    1 
ATOM   267  C  CG    . ARG A 1 43  ? -6.253  6.955   16.894  1.00 24.90 ? 43  ARG A CG    1 
ATOM   268  C  CD    . ARG A 1 43  ? -6.376  5.486   17.294  1.00 28.42 ? 43  ARG A CD    1 
ATOM   269  N  NE    . ARG A 1 43  ? -7.019  5.320   18.598  1.00 32.82 ? 43  ARG A NE    1 
ATOM   270  C  CZ    . ARG A 1 43  ? -6.496  5.746   19.742  1.00 32.27 ? 43  ARG A CZ    1 
ATOM   271  N  NH1   . ARG A 1 43  ? -5.326  6.361   19.741  1.00 34.38 ? 43  ARG A NH1   1 
ATOM   272  N  NH2   . ARG A 1 43  ? -7.141  5.560   20.886  1.00 33.97 ? 43  ARG A NH2   1 
ATOM   273  N  N     . GLU A 1 44  ? -5.570  10.449  16.415  1.00 19.53 ? 44  GLU A N     1 
ATOM   274  C  CA    . GLU A 1 44  ? -4.896  11.419  17.269  1.00 20.18 ? 44  GLU A CA    1 
ATOM   275  C  C     . GLU A 1 44  ? -3.757  12.125  16.541  1.00 19.36 ? 44  GLU A C     1 
ATOM   276  O  O     . GLU A 1 44  ? -2.708  12.404  17.123  1.00 20.14 ? 44  GLU A O     1 
ATOM   277  C  CB    . GLU A 1 44  ? -4.370  10.733  18.534  1.00 23.80 ? 44  GLU A CB    1 
ATOM   278  C  CG    . GLU A 1 44  ? -5.459  10.043  19.347  1.00 26.85 ? 44  GLU A CG    1 
ATOM   279  C  CD    . GLU A 1 44  ? -4.923  9.358   20.590  1.00 29.36 ? 44  GLU A CD    1 
ATOM   280  O  OE1   . GLU A 1 44  ? -3.966  8.567   20.467  1.00 31.82 ? 44  GLU A OE1   1 
ATOM   281  O  OE2   . GLU A 1 44  ? -5.465  9.603   21.689  1.00 31.42 ? 44  GLU A OE2   1 
ATOM   282  N  N     . GLY A 1 45  ? -3.970  12.405  15.257  1.00 18.02 ? 45  GLY A N     1 
ATOM   283  C  CA    . GLY A 1 45  ? -2.964  13.101  14.476  1.00 18.63 ? 45  GLY A CA    1 
ATOM   284  C  C     . GLY A 1 45  ? -1.850  12.233  13.924  1.00 17.53 ? 45  GLY A C     1 
ATOM   285  O  O     . GLY A 1 45  ? -0.987  12.723  13.196  1.00 19.51 ? 45  GLY A O     1 
ATOM   286  N  N     . ARG A 1 46  ? -1.856  10.949  14.264  1.00 15.92 ? 46  ARG A N     1 
ATOM   287  C  CA    . ARG A 1 46  ? -0.824  10.044  13.771  1.00 14.70 ? 46  ARG A CA    1 
ATOM   288  C  C     . ARG A 1 46  ? -1.374  9.160   12.665  1.00 13.83 ? 46  ARG A C     1 
ATOM   289  O  O     . ARG A 1 46  ? -2.512  8.707   12.735  1.00 13.28 ? 46  ARG A O     1 
ATOM   290  C  CB    . ARG A 1 46  ? -0.308  9.137   14.891  1.00 17.43 ? 46  ARG A CB    1 
ATOM   291  C  CG    . ARG A 1 46  ? 0.209   9.860   16.121  1.00 20.21 ? 46  ARG A CG    1 
ATOM   292  C  CD    . ARG A 1 46  ? 0.921   8.888   17.053  1.00 23.89 ? 46  ARG A CD    1 
ATOM   293  N  NE    . ARG A 1 46  ? 1.377   9.541   18.276  1.00 24.63 ? 46  ARG A NE    1 
ATOM   294  C  CZ    . ARG A 1 46  ? 0.594   9.828   19.310  1.00 26.25 ? 46  ARG A CZ    1 
ATOM   295  N  NH1   . ARG A 1 46  ? -0.695  9.513   19.278  1.00 27.41 ? 46  ARG A NH1   1 
ATOM   296  N  NH2   . ARG A 1 46  ? 1.098   10.438  20.375  1.00 22.99 ? 46  ARG A NH2   1 
ATOM   297  N  N     . MET A 1 47  ? -0.562  8.923   11.641  1.00 12.22 ? 47  MET A N     1 
ATOM   298  C  CA    . MET A 1 47  ? -0.981  8.048   10.556  1.00 12.54 ? 47  MET A CA    1 
ATOM   299  C  C     . MET A 1 47  ? -0.403  6.662   10.831  1.00 13.23 ? 47  MET A C     1 
ATOM   300  O  O     . MET A 1 47  ? 0.683   6.527   11.409  1.00 11.46 ? 47  MET A O     1 
ATOM   301  C  CB    . MET A 1 47  ? -0.490  8.574   9.204   1.00 12.37 ? 47  MET A CB    1 
ATOM   302  C  CG    . MET A 1 47  ? -0.875  7.674   8.035   1.00 12.04 ? 47  MET A CG    1 
ATOM   303  S  SD    . MET A 1 47  ? -0.789  8.533   6.456   1.00 15.17 ? 47  MET A SD    1 
ATOM   304  C  CE    . MET A 1 47  ? -2.206  9.619   6.581   1.00 13.90 ? 47  MET A CE    1 
ATOM   305  N  N     . LEU A 1 48  ? -1.146  5.638   10.427  1.00 11.72 ? 48  LEU A N     1 
ATOM   306  C  CA    . LEU A 1 48  ? -0.737  4.262   10.627  1.00 12.74 ? 48  LEU A CA    1 
ATOM   307  C  C     . LEU A 1 48  ? 0.180   3.794   9.500   1.00 12.19 ? 48  LEU A C     1 
ATOM   308  O  O     . LEU A 1 48  ? -0.293  3.403   8.436   1.00 13.41 ? 48  LEU A O     1 
ATOM   309  C  CB    . LEU A 1 48  ? -1.977  3.360   10.688  1.00 14.78 ? 48  LEU A CB    1 
ATOM   310  C  CG    . LEU A 1 48  ? -1.762  1.859   10.894  1.00 18.65 ? 48  LEU A CG    1 
ATOM   311  C  CD1   . LEU A 1 48  ? -0.999  1.629   12.176  1.00 18.29 ? 48  LEU A CD1   1 
ATOM   312  C  CD2   . LEU A 1 48  ? -3.112  1.143   10.945  1.00 20.03 ? 48  LEU A CD2   1 
ATOM   313  N  N     . PHE A 1 49  ? 1.491   3.861   9.731   1.00 12.66 ? 49  PHE A N     1 
ATOM   314  C  CA    . PHE A 1 49  ? 2.460   3.393   8.740   1.00 13.26 ? 49  PHE A CA    1 
ATOM   315  C  C     . PHE A 1 49  ? 2.957   2.017   9.175   1.00 13.57 ? 49  PHE A C     1 
ATOM   316  O  O     . PHE A 1 49  ? 2.818   1.631   10.337  1.00 15.27 ? 49  PHE A O     1 
ATOM   317  C  CB    . PHE A 1 49  ? 3.681   4.322   8.644   1.00 11.45 ? 49  PHE A CB    1 
ATOM   318  C  CG    . PHE A 1 49  ? 3.366   5.714   8.177   1.00 11.58 ? 49  PHE A CG    1 
ATOM   319  C  CD1   . PHE A 1 49  ? 3.257   6.760   9.092   1.00 12.71 ? 49  PHE A CD1   1 
ATOM   320  C  CD2   . PHE A 1 49  ? 3.180   5.979   6.824   1.00 12.75 ? 49  PHE A CD2   1 
ATOM   321  C  CE1   . PHE A 1 49  ? 2.967   8.059   8.665   1.00 12.89 ? 49  PHE A CE1   1 
ATOM   322  C  CE2   . PHE A 1 49  ? 2.889   7.275   6.382   1.00 14.21 ? 49  PHE A CE2   1 
ATOM   323  C  CZ    . PHE A 1 49  ? 2.782   8.317   7.309   1.00 14.50 ? 49  PHE A CZ    1 
ATOM   324  N  N     . VAL A 1 50  ? 3.523   1.274   8.230   1.00 14.48 ? 50  VAL A N     1 
ATOM   325  C  CA    . VAL A 1 50  ? 4.095   -0.028  8.529   1.00 13.37 ? 50  VAL A CA    1 
ATOM   326  C  C     . VAL A 1 50  ? 5.418   -0.123  7.783   1.00 13.25 ? 50  VAL A C     1 
ATOM   327  O  O     . VAL A 1 50  ? 5.608   0.530   6.757   1.00 12.99 ? 50  VAL A O     1 
ATOM   328  C  CB    . VAL A 1 50  ? 3.179   -1.206  8.088   1.00 13.28 ? 50  VAL A CB    1 
ATOM   329  C  CG1   . VAL A 1 50  ? 1.902   -1.216  8.922   1.00 14.37 ? 50  VAL A CG1   1 
ATOM   330  C  CG2   . VAL A 1 50  ? 2.855   -1.105  6.604   1.00 14.24 ? 50  VAL A CG2   1 
ATOM   331  N  N     . ARG A 1 51  ? 6.348   -0.900  8.328   1.00 12.98 ? 51  ARG A N     1 
ATOM   332  C  CA    . ARG A 1 51  ? 7.642   -1.107  7.690   1.00 15.17 ? 51  ARG A CA    1 
ATOM   333  C  C     . ARG A 1 51  ? 7.966   -2.587  7.756   1.00 16.74 ? 51  ARG A C     1 
ATOM   334  O  O     . ARG A 1 51  ? 7.592   -3.270  8.706   1.00 15.98 ? 51  ARG A O     1 
ATOM   335  C  CB    . ARG A 1 51  ? 8.752   -0.328  8.401   1.00 16.78 ? 51  ARG A CB    1 
ATOM   336  C  CG    . ARG A 1 51  ? 8.675   1.171   8.227   1.00 19.77 ? 51  ARG A CG    1 
ATOM   337  C  CD    . ARG A 1 51  ? 9.936   1.851   8.738   1.00 22.51 ? 51  ARG A CD    1 
ATOM   338  N  NE    . ARG A 1 51  ? 10.104  1.707   10.182  1.00 23.52 ? 51  ARG A NE    1 
ATOM   339  C  CZ    . ARG A 1 51  ? 10.974  2.410   10.901  1.00 26.05 ? 51  ARG A CZ    1 
ATOM   340  N  NH1   . ARG A 1 51  ? 11.755  3.303   10.302  1.00 26.54 ? 51  ARG A NH1   1 
ATOM   341  N  NH2   . ARG A 1 51  ? 11.051  2.239   12.216  1.00 25.52 ? 51  ARG A NH2   1 
ATOM   342  N  N     . GLN A 1 52  ? 8.654   -3.086  6.738   1.00 18.00 ? 52  GLN A N     1 
ATOM   343  C  CA    . GLN A 1 52  ? 9.044   -4.486  6.714   1.00 19.39 ? 52  GLN A CA    1 
ATOM   344  C  C     . GLN A 1 52  ? 10.212  -4.612  5.758   1.00 20.54 ? 52  GLN A C     1 
ATOM   345  O  O     . GLN A 1 52  ? 10.376  -3.781  4.867   1.00 19.31 ? 52  GLN A O     1 
ATOM   346  C  CB    . GLN A 1 52  ? 7.881   -5.365  6.251   1.00 21.45 ? 52  GLN A CB    1 
ATOM   347  C  CG    . GLN A 1 52  ? 7.613   -5.340  4.755   1.00 23.87 ? 52  GLN A CG    1 
ATOM   348  C  CD    . GLN A 1 52  ? 6.433   -6.213  4.366   1.00 25.87 ? 52  GLN A CD    1 
ATOM   349  O  OE1   . GLN A 1 52  ? 5.282   -5.783  4.429   1.00 29.90 ? 52  GLN A OE1   1 
ATOM   350  N  NE2   . GLN A 1 52  ? 6.714   -7.453  3.978   1.00 28.23 ? 52  GLN A NE2   1 
ATOM   351  N  N     . MET A 1 53  ? 11.038  -5.634  5.948   1.00 22.99 ? 53  MET A N     1 
ATOM   352  C  CA    . MET A 1 53  ? 12.171  -5.825  5.057   1.00 24.28 ? 53  MET A CA    1 
ATOM   353  C  C     . MET A 1 53  ? 11.635  -6.092  3.659   1.00 21.84 ? 53  MET A C     1 
ATOM   354  O  O     . MET A 1 53  ? 10.779  -6.955  3.466   1.00 22.36 ? 53  MET A O     1 
ATOM   355  C  CB    . MET A 1 53  ? 13.034  -7.002  5.525   1.00 28.98 ? 53  MET A CB    1 
ATOM   356  C  CG    . MET A 1 53  ? 13.625  -6.809  6.915   1.00 36.62 ? 53  MET A CG    1 
ATOM   357  S  SD    . MET A 1 53  ? 14.865  -8.049  7.348   1.00 46.84 ? 53  MET A SD    1 
ATOM   358  C  CE    . MET A 1 53  ? 16.380  -7.152  6.985   1.00 43.62 ? 53  MET A CE    1 
ATOM   359  N  N     . ARG A 1 54  ? 12.119  -5.324  2.691   1.00 19.05 ? 54  ARG A N     1 
ATOM   360  C  CA    . ARG A 1 54  ? 11.704  -5.474  1.302   1.00 17.97 ? 54  ARG A CA    1 
ATOM   361  C  C     . ARG A 1 54  ? 12.943  -5.833  0.487   1.00 17.60 ? 54  ARG A C     1 
ATOM   362  O  O     . ARG A 1 54  ? 13.694  -4.956  0.073   1.00 18.43 ? 54  ARG A O     1 
ATOM   363  C  CB    . ARG A 1 54  ? 11.105  -4.162  0.783   1.00 16.11 ? 54  ARG A CB    1 
ATOM   364  C  CG    . ARG A 1 54  ? 9.771   -3.781  1.414   1.00 14.20 ? 54  ARG A CG    1 
ATOM   365  C  CD    . ARG A 1 54  ? 8.707   -4.825  1.114   1.00 14.24 ? 54  ARG A CD    1 
ATOM   366  N  NE    . ARG A 1 54  ? 7.359   -4.280  1.268   1.00 13.30 ? 54  ARG A NE    1 
ATOM   367  C  CZ    . ARG A 1 54  ? 6.243   -4.967  1.052   1.00 12.95 ? 54  ARG A CZ    1 
ATOM   368  N  NH1   . ARG A 1 54  ? 6.297   -6.241  0.677   1.00 15.15 ? 54  ARG A NH1   1 
ATOM   369  N  NH2   . ARG A 1 54  ? 5.065   -4.367  1.184   1.00 16.19 ? 54  ARG A NH2   1 
ATOM   370  N  N     . PRO A 1 55  ? 13.174  -7.134  0.257   1.00 18.76 ? 55  PRO A N     1 
ATOM   371  C  CA    . PRO A 1 55  ? 14.346  -7.564  -0.511  1.00 18.83 ? 55  PRO A CA    1 
ATOM   372  C  C     . PRO A 1 55  ? 14.513  -6.909  -1.878  1.00 18.52 ? 55  PRO A C     1 
ATOM   373  O  O     . PRO A 1 55  ? 15.637  -6.724  -2.345  1.00 18.76 ? 55  PRO A O     1 
ATOM   374  C  CB    . PRO A 1 55  ? 14.173  -9.083  -0.591  1.00 20.15 ? 55  PRO A CB    1 
ATOM   375  C  CG    . PRO A 1 55  ? 12.693  -9.273  -0.474  1.00 23.25 ? 55  PRO A CG    1 
ATOM   376  C  CD    . PRO A 1 55  ? 12.317  -8.282  0.595   1.00 19.99 ? 55  PRO A CD    1 
ATOM   377  N  N     . ALA A 1 56  ? 13.408  -6.539  -2.516  1.00 18.14 ? 56  ALA A N     1 
ATOM   378  C  CA    . ALA A 1 56  ? 13.493  -5.910  -3.830  1.00 18.69 ? 56  ALA A CA    1 
ATOM   379  C  C     . ALA A 1 56  ? 14.265  -4.595  -3.784  1.00 19.94 ? 56  ALA A C     1 
ATOM   380  O  O     . ALA A 1 56  ? 14.917  -4.221  -4.761  1.00 19.73 ? 56  ALA A O     1 
ATOM   381  C  CB    . ALA A 1 56  ? 12.100  -5.678  -4.399  1.00 19.29 ? 56  ALA A CB    1 
ATOM   382  N  N     . VAL A 1 57  ? 14.205  -3.896  -2.651  1.00 18.86 ? 57  VAL A N     1 
ATOM   383  C  CA    . VAL A 1 57  ? 14.900  -2.620  -2.520  1.00 20.07 ? 57  VAL A CA    1 
ATOM   384  C  C     . VAL A 1 57  ? 16.041  -2.603  -1.507  1.00 20.52 ? 57  VAL A C     1 
ATOM   385  O  O     . VAL A 1 57  ? 16.809  -1.640  -1.446  1.00 22.51 ? 57  VAL A O     1 
ATOM   386  C  CB    . VAL A 1 57  ? 13.907  -1.480  -2.183  1.00 20.32 ? 57  VAL A CB    1 
ATOM   387  C  CG1   . VAL A 1 57  ? 12.934  -1.287  -3.341  1.00 21.69 ? 57  VAL A CG1   1 
ATOM   388  C  CG2   . VAL A 1 57  ? 13.150  -1.804  -0.906  1.00 21.58 ? 57  VAL A CG2   1 
ATOM   389  N  N     . GLY A 1 58  ? 16.151  -3.661  -0.711  1.00 21.00 ? 58  GLY A N     1 
ATOM   390  C  CA    . GLY A 1 58  ? 17.225  -3.743  0.263   1.00 21.73 ? 58  GLY A CA    1 
ATOM   391  C  C     . GLY A 1 58  ? 17.097  -2.835  1.469   1.00 23.06 ? 58  GLY A C     1 
ATOM   392  O  O     . GLY A 1 58  ? 18.084  -2.543  2.146   1.00 23.21 ? 58  GLY A O     1 
ATOM   393  N  N     . LEU A 1 59  ? 15.880  -2.381  1.743   1.00 22.20 ? 59  LEU A N     1 
ATOM   394  C  CA    . LEU A 1 59  ? 15.635  -1.517  2.888   1.00 21.73 ? 59  LEU A CA    1 
ATOM   395  C  C     . LEU A 1 59  ? 14.163  -1.576  3.269   1.00 21.54 ? 59  LEU A C     1 
ATOM   396  O  O     . LEU A 1 59  ? 13.378  -2.265  2.616   1.00 21.35 ? 59  LEU A O     1 
ATOM   397  C  CB    . LEU A 1 59  ? 16.068  -0.079  2.576   1.00 23.78 ? 59  LEU A CB    1 
ATOM   398  C  CG    . LEU A 1 59  ? 15.572  0.629   1.314   1.00 25.74 ? 59  LEU A CG    1 
ATOM   399  C  CD1   . LEU A 1 59  ? 14.101  0.996   1.451   1.00 25.79 ? 59  LEU A CD1   1 
ATOM   400  C  CD2   . LEU A 1 59  ? 16.405  1.882   1.095   1.00 26.75 ? 59  LEU A CD2   1 
ATOM   401  N  N     . ALA A 1 60  ? 13.794  -0.869  4.331   1.00 19.55 ? 60  ALA A N     1 
ATOM   402  C  CA    . ALA A 1 60  ? 12.412  -0.863  4.794   1.00 18.99 ? 60  ALA A CA    1 
ATOM   403  C  C     . ALA A 1 60  ? 11.794  0.518   4.623   1.00 16.77 ? 60  ALA A C     1 
ATOM   404  O  O     . ALA A 1 60  ? 11.942  1.384   5.478   1.00 17.54 ? 60  ALA A O     1 
ATOM   405  C  CB    . ALA A 1 60  ? 12.352  -1.283  6.262   1.00 19.25 ? 60  ALA A CB    1 
ATOM   406  N  N     . PRO A 1 61  ? 11.094  0.742   3.504   1.00 15.66 ? 61  PRO A N     1 
ATOM   407  C  CA    . PRO A 1 61  ? 10.480  2.052   3.295   1.00 15.50 ? 61  PRO A CA    1 
ATOM   408  C  C     . PRO A 1 61  ? 9.243   2.220   4.162   1.00 15.25 ? 61  PRO A C     1 
ATOM   409  O  O     . PRO A 1 61  ? 8.704   1.243   4.687   1.00 14.07 ? 61  PRO A O     1 
ATOM   410  C  CB    . PRO A 1 61  ? 10.144  2.040   1.808   1.00 15.75 ? 61  PRO A CB    1 
ATOM   411  C  CG    . PRO A 1 61  ? 9.799   0.603   1.567   1.00 17.49 ? 61  PRO A CG    1 
ATOM   412  C  CD    . PRO A 1 61  ? 10.865  -0.144  2.348   1.00 17.67 ? 61  PRO A CD    1 
ATOM   413  N  N     . LEU A 1 62  ? 8.803   3.463   4.313   1.00 14.74 ? 62  LEU A N     1 
ATOM   414  C  CA    . LEU A 1 62  ? 7.613   3.761   5.096   1.00 13.90 ? 62  LEU A CA    1 
ATOM   415  C  C     . LEU A 1 62  ? 6.416   3.535   4.176   1.00 12.84 ? 62  LEU A C     1 
ATOM   416  O  O     . LEU A 1 62  ? 6.286   4.186   3.139   1.00 13.34 ? 62  LEU A O     1 
ATOM   417  C  CB    . LEU A 1 62  ? 7.650   5.218   5.566   1.00 15.23 ? 62  LEU A CB    1 
ATOM   418  C  CG    . LEU A 1 62  ? 6.824   5.598   6.795   1.00 19.20 ? 62  LEU A CG    1 
ATOM   419  C  CD1   . LEU A 1 62  ? 7.341   4.834   8.017   1.00 18.02 ? 62  LEU A CD1   1 
ATOM   420  C  CD2   . LEU A 1 62  ? 6.928   7.099   7.030   1.00 20.17 ? 62  LEU A CD2   1 
ATOM   421  N  N     . GLU A 1 63  ? 5.560   2.591   4.548   1.00 12.08 ? 63  GLU A N     1 
ATOM   422  C  CA    . GLU A 1 63  ? 4.367   2.262   3.772   1.00 11.27 ? 63  GLU A CA    1 
ATOM   423  C  C     . GLU A 1 63  ? 3.151   2.379   4.687   1.00 11.86 ? 63  GLU A C     1 
ATOM   424  O  O     . GLU A 1 63  ? 3.275   2.773   5.842   1.00 12.25 ? 63  GLU A O     1 
ATOM   425  C  CB    . GLU A 1 63  ? 4.462   0.818   3.273   1.00 11.37 ? 63  GLU A CB    1 
ATOM   426  C  CG    . GLU A 1 63  ? 5.795   0.475   2.608   1.00 12.64 ? 63  GLU A CG    1 
ATOM   427  C  CD    . GLU A 1 63  ? 5.831   -0.947  2.064   1.00 16.35 ? 63  GLU A CD    1 
ATOM   428  O  OE1   . GLU A 1 63  ? 4.783   -1.429  1.586   1.00 15.46 ? 63  GLU A OE1   1 
ATOM   429  O  OE2   . GLU A 1 63  ? 6.916   -1.575  2.096   1.00 16.41 ? 63  GLU A OE2   1 
ATOM   430  N  N     . ILE A 1 64  ? 1.976   2.069   4.150   1.00 13.07 ? 64  ILE A N     1 
ATOM   431  C  CA    . ILE A 1 64  ? 0.765   2.038   4.961   1.00 12.69 ? 64  ILE A CA    1 
ATOM   432  C  C     . ILE A 1 64  ? 0.263   0.608   4.772   1.00 12.50 ? 64  ILE A C     1 
ATOM   433  O  O     . ILE A 1 64  ? 0.687   -0.084  3.838   1.00 13.35 ? 64  ILE A O     1 
ATOM   434  C  CB    . ILE A 1 64  ? -0.317  3.085   4.522   1.00 11.68 ? 64  ILE A CB    1 
ATOM   435  C  CG1   . ILE A 1 64  ? -0.623  2.978   3.029   1.00 10.48 ? 64  ILE A CG1   1 
ATOM   436  C  CG2   . ILE A 1 64  ? 0.145   4.494   4.901   1.00 12.60 ? 64  ILE A CG2   1 
ATOM   437  C  CD1   . ILE A 1 64  ? -1.731  3.933   2.588   1.00 10.66 ? 64  ILE A CD1   1 
ATOM   438  N  N     . PRO A 1 65  ? -0.612  0.124   5.665   1.00 12.59 ? 65  PRO A N     1 
ATOM   439  C  CA    . PRO A 1 65  ? -1.111  -1.249  5.516   1.00 12.75 ? 65  PRO A CA    1 
ATOM   440  C  C     . PRO A 1 65  ? -1.559  -1.516  4.087   1.00 13.24 ? 65  PRO A C     1 
ATOM   441  O  O     . PRO A 1 65  ? -2.431  -0.830  3.558   1.00 13.50 ? 65  PRO A O     1 
ATOM   442  C  CB    . PRO A 1 65  ? -2.256  -1.303  6.518   1.00 13.21 ? 65  PRO A CB    1 
ATOM   443  C  CG    . PRO A 1 65  ? -1.758  -0.395  7.609   1.00 12.63 ? 65  PRO A CG    1 
ATOM   444  C  CD    . PRO A 1 65  ? -1.245  0.788   6.819   1.00 11.52 ? 65  PRO A CD    1 
ATOM   445  N  N     . ALA A 1 66  ? -0.952  -2.515  3.461   1.00 13.87 ? 66  ALA A N     1 
ATOM   446  C  CA    . ALA A 1 66  ? -1.276  -2.828  2.078   1.00 12.99 ? 66  ALA A CA    1 
ATOM   447  C  C     . ALA A 1 66  ? -0.948  -4.270  1.752   1.00 13.79 ? 66  ALA A C     1 
ATOM   448  O  O     . ALA A 1 66  ? -0.125  -4.899  2.416   1.00 15.93 ? 66  ALA A O     1 
ATOM   449  C  CB    . ALA A 1 66  ? -0.504  -1.896  1.150   1.00 14.31 ? 66  ALA A CB    1 
ATOM   450  N  N     . GLY A 1 67  ? -1.584  -4.790  0.713   1.00 12.64 ? 67  GLY A N     1 
ATOM   451  C  CA    . GLY A 1 67  ? -1.331  -6.164  0.330   1.00 13.20 ? 67  GLY A CA    1 
ATOM   452  C  C     . GLY A 1 67  ? -2.085  -6.540  -0.919  1.00 13.07 ? 67  GLY A C     1 
ATOM   453  O  O     . GLY A 1 67  ? -2.855  -5.746  -1.455  1.00 12.84 ? 67  GLY A O     1 
ATOM   454  N  N     . LEU A 1 68  ? -1.869  -7.766  -1.377  1.00 12.78 ? 68  LEU A N     1 
ATOM   455  C  CA    . LEU A 1 68  ? -2.519  -8.256  -2.579  1.00 15.25 ? 68  LEU A CA    1 
ATOM   456  C  C     . LEU A 1 68  ? -3.910  -8.797  -2.295  1.00 16.48 ? 68  LEU A C     1 
ATOM   457  O  O     . LEU A 1 68  ? -4.172  -9.356  -1.226  1.00 17.27 ? 68  LEU A O     1 
ATOM   458  C  CB    . LEU A 1 68  ? -1.670  -9.356  -3.211  1.00 17.53 ? 68  LEU A CB    1 
ATOM   459  C  CG    . LEU A 1 68  ? -0.208  -8.981  -3.463  1.00 21.70 ? 68  LEU A CG    1 
ATOM   460  C  CD1   . LEU A 1 68  ? 0.522   -10.163 -4.085  1.00 23.50 ? 68  LEU A CD1   1 
ATOM   461  C  CD2   . LEU A 1 68  ? -0.144  -7.765  -4.364  1.00 23.10 ? 68  LEU A CD2   1 
ATOM   462  N  N     . ILE A 1 69  ? -4.801  -8.621  -3.265  1.00 15.00 ? 69  ILE A N     1 
ATOM   463  C  CA    . ILE A 1 69  ? -6.163  -9.108  -3.146  1.00 15.62 ? 69  ILE A CA    1 
ATOM   464  C  C     . ILE A 1 69  ? -6.111  -10.606 -3.417  1.00 16.99 ? 69  ILE A C     1 
ATOM   465  O  O     . ILE A 1 69  ? -5.536  -11.043 -4.414  1.00 18.74 ? 69  ILE A O     1 
ATOM   466  C  CB    . ILE A 1 69  ? -7.083  -8.422  -4.174  1.00 15.36 ? 69  ILE A CB    1 
ATOM   467  C  CG1   . ILE A 1 69  ? -7.068  -6.907  -3.946  1.00 14.77 ? 69  ILE A CG1   1 
ATOM   468  C  CG2   . ILE A 1 69  ? -8.494  -8.979  -4.064  1.00 14.59 ? 69  ILE A CG2   1 
ATOM   469  C  CD1   . ILE A 1 69  ? -7.945  -6.115  -4.909  1.00 14.64 ? 69  ILE A CD1   1 
ATOM   470  N  N     . GLU A 1 70  ? -6.698  -11.383 -2.511  1.00 15.78 ? 70  GLU A N     1 
ATOM   471  C  CA    . GLU A 1 70  ? -6.725  -12.837 -2.616  1.00 17.12 ? 70  GLU A CA    1 
ATOM   472  C  C     . GLU A 1 70  ? -7.860  -13.300 -3.516  1.00 17.16 ? 70  GLU A C     1 
ATOM   473  O  O     . GLU A 1 70  ? -8.822  -12.569 -3.746  1.00 16.75 ? 70  GLU A O     1 
ATOM   474  C  CB    . GLU A 1 70  ? -6.914  -13.452 -1.226  1.00 20.00 ? 70  GLU A CB    1 
ATOM   475  C  CG    . GLU A 1 70  ? -5.770  -13.202 -0.261  1.00 25.06 ? 70  GLU A CG    1 
ATOM   476  C  CD    . GLU A 1 70  ? -4.523  -13.963 -0.647  1.00 28.20 ? 70  GLU A CD    1 
ATOM   477  O  OE1   . GLU A 1 70  ? -4.625  -15.190 -0.843  1.00 31.73 ? 70  GLU A OE1   1 
ATOM   478  O  OE2   . GLU A 1 70  ? -3.445  -13.340 -0.750  1.00 29.88 ? 70  GLU A OE2   1 
ATOM   479  N  N     . PRO A 1 71  ? -7.762  -14.526 -4.048  1.00 17.98 ? 71  PRO A N     1 
ATOM   480  C  CA    . PRO A 1 71  ? -8.848  -14.994 -4.911  1.00 18.25 ? 71  PRO A CA    1 
ATOM   481  C  C     . PRO A 1 71  ? -10.163 -15.011 -4.138  1.00 17.83 ? 71  PRO A C     1 
ATOM   482  O  O     . PRO A 1 71  ? -10.190 -15.394 -2.969  1.00 17.81 ? 71  PRO A O     1 
ATOM   483  C  CB    . PRO A 1 71  ? -8.384  -16.389 -5.337  1.00 20.15 ? 71  PRO A CB    1 
ATOM   484  C  CG    . PRO A 1 71  ? -7.439  -16.800 -4.261  1.00 22.85 ? 71  PRO A CG    1 
ATOM   485  C  CD    . PRO A 1 71  ? -6.694  -15.533 -3.944  1.00 20.21 ? 71  PRO A CD    1 
ATOM   486  N  N     . GLY A 1 72  ? -11.239 -14.571 -4.786  1.00 17.32 ? 72  GLY A N     1 
ATOM   487  C  CA    . GLY A 1 72  ? -12.542 -14.540 -4.139  1.00 19.32 ? 72  GLY A CA    1 
ATOM   488  C  C     . GLY A 1 72  ? -12.830 -13.249 -3.392  1.00 19.11 ? 72  GLY A C     1 
ATOM   489  O  O     . GLY A 1 72  ? -13.962 -12.998 -2.973  1.00 20.06 ? 72  GLY A O     1 
ATOM   490  N  N     . GLU A 1 73  ? -11.807 -12.421 -3.236  1.00 18.34 ? 73  GLU A N     1 
ATOM   491  C  CA    . GLU A 1 73  ? -11.926 -11.150 -2.525  1.00 17.43 ? 73  GLU A CA    1 
ATOM   492  C  C     . GLU A 1 73  ? -12.141 -9.935  -3.415  1.00 16.96 ? 73  GLU A C     1 
ATOM   493  O  O     . GLU A 1 73  ? -11.638 -9.884  -4.538  1.00 17.73 ? 73  GLU A O     1 
ATOM   494  C  CB    . GLU A 1 73  ? -10.652 -10.869 -1.732  1.00 19.05 ? 73  GLU A CB    1 
ATOM   495  C  CG    . GLU A 1 73  ? -10.592 -11.422 -0.342  1.00 18.09 ? 73  GLU A CG    1 
ATOM   496  C  CD    . GLU A 1 73  ? -9.345  -10.953 0.387   1.00 16.78 ? 73  GLU A CD    1 
ATOM   497  O  OE1   . GLU A 1 73  ? -9.336  -11.001 1.632   1.00 15.37 ? 73  GLU A OE1   1 
ATOM   498  O  OE2   . GLU A 1 73  ? -8.373  -10.541 -0.287  1.00 15.49 ? 73  GLU A OE2   1 
ATOM   499  N  N     . ASP A 1 74  ? -12.892 -8.958  -2.910  1.00 15.92 ? 74  ASP A N     1 
ATOM   500  C  CA    . ASP A 1 74  ? -13.047 -7.714  -3.646  1.00 16.78 ? 74  ASP A CA    1 
ATOM   501  C  C     . ASP A 1 74  ? -12.131 -6.764  -2.875  1.00 15.11 ? 74  ASP A C     1 
ATOM   502  O  O     . ASP A 1 74  ? -11.676 -7.094  -1.779  1.00 16.06 ? 74  ASP A O     1 
ATOM   503  C  CB    . ASP A 1 74  ? -14.499 -7.205  -3.687  1.00 19.21 ? 74  ASP A CB    1 
ATOM   504  C  CG    . ASP A 1 74  ? -15.090 -6.937  -2.325  1.00 20.33 ? 74  ASP A CG    1 
ATOM   505  O  OD1   . ASP A 1 74  ? -14.374 -6.452  -1.429  1.00 21.90 ? 74  ASP A OD1   1 
ATOM   506  O  OD2   . ASP A 1 74  ? -16.301 -7.198  -2.164  1.00 26.75 ? 74  ASP A OD2   1 
ATOM   507  N  N     . PRO A 1 75  ? -11.823 -5.591  -3.439  1.00 15.01 ? 75  PRO A N     1 
ATOM   508  C  CA    . PRO A 1 75  ? -10.938 -4.636  -2.762  1.00 14.32 ? 75  PRO A CA    1 
ATOM   509  C  C     . PRO A 1 75  ? -11.251 -4.312  -1.298  1.00 14.04 ? 75  PRO A C     1 
ATOM   510  O  O     . PRO A 1 75  ? -10.354 -4.285  -0.454  1.00 13.70 ? 75  PRO A O     1 
ATOM   511  C  CB    . PRO A 1 75  ? -11.015 -3.405  -3.663  1.00 13.87 ? 75  PRO A CB    1 
ATOM   512  C  CG    . PRO A 1 75  ? -11.174 -4.019  -5.027  1.00 16.18 ? 75  PRO A CG    1 
ATOM   513  C  CD    . PRO A 1 75  ? -12.218 -5.089  -4.769  1.00 14.26 ? 75  PRO A CD    1 
ATOM   514  N  N     . LEU A 1 76  ? -12.520 -4.066  -1.000  1.00 14.01 ? 76  LEU A N     1 
ATOM   515  C  CA    . LEU A 1 76  ? -12.930 -3.733  0.361   1.00 14.32 ? 76  LEU A CA    1 
ATOM   516  C  C     . LEU A 1 76  ? -12.592 -4.833  1.365   1.00 13.88 ? 76  LEU A C     1 
ATOM   517  O  O     . LEU A 1 76  ? -12.122 -4.559  2.467   1.00 14.33 ? 76  LEU A O     1 
ATOM   518  C  CB    . LEU A 1 76  ? -14.433 -3.454  0.395   1.00 16.09 ? 76  LEU A CB    1 
ATOM   519  C  CG    . LEU A 1 76  ? -15.025 -3.085  1.756   1.00 17.58 ? 76  LEU A CG    1 
ATOM   520  C  CD1   . LEU A 1 76  ? -14.459 -1.753  2.225   1.00 20.36 ? 76  LEU A CD1   1 
ATOM   521  C  CD2   . LEU A 1 76  ? -16.546 -3.002  1.638   1.00 19.48 ? 76  LEU A CD2   1 
ATOM   522  N  N     . GLU A 1 77  ? -12.840 -6.078  0.979   1.00 13.93 ? 77  GLU A N     1 
ATOM   523  C  CA    . GLU A 1 77  ? -12.576 -7.214  1.852   1.00 12.81 ? 77  GLU A CA    1 
ATOM   524  C  C     . GLU A 1 77  ? -11.077 -7.403  2.063   1.00 13.22 ? 77  GLU A C     1 
ATOM   525  O  O     . GLU A 1 77  ? -10.629 -7.701  3.173   1.00 13.21 ? 77  GLU A O     1 
ATOM   526  C  CB    . GLU A 1 77  ? -13.231 -8.462  1.252   1.00 14.33 ? 77  GLU A CB    1 
ATOM   527  C  CG    . GLU A 1 77  ? -14.732 -8.255  1.059   1.00 14.67 ? 77  GLU A CG    1 
ATOM   528  C  CD    . GLU A 1 77  ? -15.395 -9.299  0.184   1.00 13.69 ? 77  GLU A CD    1 
ATOM   529  O  OE1   . GLU A 1 77  ? -14.731 -9.832  -0.729  1.00 15.06 ? 77  GLU A OE1   1 
ATOM   530  O  OE2   . GLU A 1 77  ? -16.599 -9.565  0.399   1.00 14.83 ? 77  GLU A OE2   1 
ATOM   531  N  N     . ALA A 1 78  ? -10.301 -7.209  1.001   1.00 13.35 ? 78  ALA A N     1 
ATOM   532  C  CA    . ALA A 1 78  ? -8.853  -7.343  1.093   1.00 13.61 ? 78  ALA A CA    1 
ATOM   533  C  C     . ALA A 1 78  ? -8.317  -6.253  2.015   1.00 12.72 ? 78  ALA A C     1 
ATOM   534  O  O     . ALA A 1 78  ? -7.403  -6.490  2.803   1.00 13.42 ? 78  ALA A O     1 
ATOM   535  C  CB    . ALA A 1 78  ? -8.224  -7.219  -0.291  1.00 13.40 ? 78  ALA A CB    1 
ATOM   536  N  N     . ALA A 1 79  ? -8.889  -5.056  1.914   1.00 13.05 ? 79  ALA A N     1 
ATOM   537  C  CA    . ALA A 1 79  ? -8.455  -3.944  2.753   1.00 13.20 ? 79  ALA A CA    1 
ATOM   538  C  C     . ALA A 1 79  ? -8.705  -4.285  4.220   1.00 14.17 ? 79  ALA A C     1 
ATOM   539  O  O     . ALA A 1 79  ? -7.857  -4.040  5.081   1.00 14.51 ? 79  ALA A O     1 
ATOM   540  C  CB    . ALA A 1 79  ? -9.207  -2.664  2.366   1.00 13.68 ? 79  ALA A CB    1 
ATOM   541  N  N     . ARG A 1 80  ? -9.873  -4.855  4.503   1.00 14.32 ? 80  ARG A N     1 
ATOM   542  C  CA    . ARG A 1 80  ? -10.209 -5.238  5.870   1.00 14.22 ? 80  ARG A CA    1 
ATOM   543  C  C     . ARG A 1 80  ? -9.200  -6.254  6.382   1.00 13.45 ? 80  ARG A C     1 
ATOM   544  O  O     . ARG A 1 80  ? -8.690  -6.141  7.500   1.00 13.63 ? 80  ARG A O     1 
ATOM   545  C  CB    . ARG A 1 80  ? -11.599 -5.872  5.930   1.00 15.52 ? 80  ARG A CB    1 
ATOM   546  C  CG    . ARG A 1 80  ? -11.926 -6.469  7.298   1.00 21.41 ? 80  ARG A CG    1 
ATOM   547  C  CD    . ARG A 1 80  ? -12.942 -7.599  7.192   1.00 24.72 ? 80  ARG A CD    1 
ATOM   548  N  NE    . ARG A 1 80  ? -12.432 -8.745  6.437   1.00 26.37 ? 80  ARG A NE    1 
ATOM   549  C  CZ    . ARG A 1 80  ? -11.499 -9.589  6.872   1.00 26.47 ? 80  ARG A CZ    1 
ATOM   550  N  NH1   . ARG A 1 80  ? -10.954 -9.435  8.071   1.00 25.32 ? 80  ARG A NH1   1 
ATOM   551  N  NH2   . ARG A 1 80  ? -11.115 -10.601 6.103   1.00 25.86 ? 80  ARG A NH2   1 
ATOM   552  N  N     . ARG A 1 81  ? -8.928  -7.258  5.558   1.00 12.74 ? 81  ARG A N     1 
ATOM   553  C  CA    . ARG A 1 81  ? -7.998  -8.311  5.937   1.00 13.65 ? 81  ARG A CA    1 
ATOM   554  C  C     . ARG A 1 81  ? -6.579  -7.811  6.169   1.00 14.47 ? 81  ARG A C     1 
ATOM   555  O  O     . ARG A 1 81  ? -5.977  -8.120  7.195   1.00 15.65 ? 81  ARG A O     1 
ATOM   556  C  CB    . ARG A 1 81  ? -7.980  -9.417  4.885   1.00 13.28 ? 81  ARG A CB    1 
ATOM   557  C  CG    . ARG A 1 81  ? -6.974  -10.522 5.197   1.00 12.52 ? 81  ARG A CG    1 
ATOM   558  C  CD    . ARG A 1 81  ? -7.056  -11.636 4.169   1.00 14.57 ? 81  ARG A CD    1 
ATOM   559  N  NE    . ARG A 1 81  ? -6.926  -11.115 2.812   1.00 15.28 ? 81  ARG A NE    1 
ATOM   560  C  CZ    . ARG A 1 81  ? -5.799  -10.625 2.303   1.00 15.59 ? 81  ARG A CZ    1 
ATOM   561  N  NH1   . ARG A 1 81  ? -4.690  -10.598 3.033   1.00 15.91 ? 81  ARG A NH1   1 
ATOM   562  N  NH2   . ARG A 1 81  ? -5.790  -10.134 1.070   1.00 17.93 ? 81  ARG A NH2   1 
ATOM   563  N  N     . GLU A 1 82  ? -6.040  -7.042  5.227   1.00 14.93 ? 82  GLU A N     1 
ATOM   564  C  CA    . GLU A 1 82  ? -4.683  -6.536  5.391   1.00 15.71 ? 82  GLU A CA    1 
ATOM   565  C  C     . GLU A 1 82  ? -4.547  -5.676  6.646   1.00 14.00 ? 82  GLU A C     1 
ATOM   566  O  O     . GLU A 1 82  ? -3.542  -5.760  7.353   1.00 15.56 ? 82  GLU A O     1 
ATOM   567  C  CB    . GLU A 1 82  ? -4.248  -5.741  4.155   1.00 16.15 ? 82  GLU A CB    1 
ATOM   568  C  CG    . GLU A 1 82  ? -4.038  -6.597  2.903   1.00 18.62 ? 82  GLU A CG    1 
ATOM   569  C  CD    . GLU A 1 82  ? -2.927  -7.624  3.052   1.00 19.98 ? 82  GLU A CD    1 
ATOM   570  O  OE1   . GLU A 1 82  ? -2.783  -8.477  2.150   1.00 23.44 ? 82  GLU A OE1   1 
ATOM   571  O  OE2   . GLU A 1 82  ? -2.195  -7.583  4.059   1.00 21.87 ? 82  GLU A OE2   1 
ATOM   572  N  N     . LEU A 1 83  ? -5.550  -4.851  6.932   1.00 14.37 ? 83  LEU A N     1 
ATOM   573  C  CA    . LEU A 1 83  ? -5.490  -4.010  8.123   1.00 14.35 ? 83  LEU A CA    1 
ATOM   574  C  C     . LEU A 1 83  ? -5.443  -4.881  9.381   1.00 15.84 ? 83  LEU A C     1 
ATOM   575  O  O     . LEU A 1 83  ? -4.650  -4.631  10.295  1.00 16.06 ? 83  LEU A O     1 
ATOM   576  C  CB    . LEU A 1 83  ? -6.704  -3.077  8.188   1.00 13.07 ? 83  LEU A CB    1 
ATOM   577  C  CG    . LEU A 1 83  ? -6.754  -2.100  9.370   1.00 16.00 ? 83  LEU A CG    1 
ATOM   578  C  CD1   . LEU A 1 83  ? -5.590  -1.120  9.279   1.00 16.53 ? 83  LEU A CD1   1 
ATOM   579  C  CD2   . LEU A 1 83  ? -8.082  -1.357  9.367   1.00 16.73 ? 83  LEU A CD2   1 
ATOM   580  N  N     . ALA A 1 84  ? -6.286  -5.909  9.424   1.00 14.91 ? 84  ALA A N     1 
ATOM   581  C  CA    . ALA A 1 84  ? -6.329  -6.796  10.582  1.00 15.51 ? 84  ALA A CA    1 
ATOM   582  C  C     . ALA A 1 84  ? -5.067  -7.640  10.753  1.00 16.34 ? 84  ALA A C     1 
ATOM   583  O  O     . ALA A 1 84  ? -4.537  -7.758  11.859  1.00 17.43 ? 84  ALA A O     1 
ATOM   584  C  CB    . ALA A 1 84  ? -7.556  -7.711  10.494  1.00 15.42 ? 84  ALA A CB    1 
ATOM   585  N  N     . GLU A 1 85  ? -4.590  -8.231  9.663   1.00 15.79 ? 85  GLU A N     1 
ATOM   586  C  CA    . GLU A 1 85  ? -3.408  -9.082  9.727   1.00 16.52 ? 85  GLU A CA    1 
ATOM   587  C  C     . GLU A 1 85  ? -2.121  -8.329  10.041  1.00 16.54 ? 85  GLU A C     1 
ATOM   588  O  O     . GLU A 1 85  ? -1.257  -8.842  10.746  1.00 18.54 ? 85  GLU A O     1 
ATOM   589  C  CB    . GLU A 1 85  ? -3.249  -9.866  8.420   1.00 17.27 ? 85  GLU A CB    1 
ATOM   590  C  CG    . GLU A 1 85  ? -4.456  -10.744 8.103   1.00 16.50 ? 85  GLU A CG    1 
ATOM   591  C  CD    . GLU A 1 85  ? -4.231  -11.654 6.917   1.00 19.31 ? 85  GLU A CD    1 
ATOM   592  O  OE1   . GLU A 1 85  ? -3.610  -11.207 5.928   1.00 18.36 ? 85  GLU A OE1   1 
ATOM   593  O  OE2   . GLU A 1 85  ? -4.690  -12.817 6.968   1.00 20.79 ? 85  GLU A OE2   1 
ATOM   594  N  N     . GLN A 1 86  ? -1.999  -7.106  9.539   1.00 15.98 ? 86  GLN A N     1 
ATOM   595  C  CA    . GLN A 1 86  ? -0.791  -6.325  9.778   1.00 15.60 ? 86  GLN A CA    1 
ATOM   596  C  C     . GLN A 1 86  ? -0.793  -5.487  11.051  1.00 17.70 ? 86  GLN A C     1 
ATOM   597  O  O     . GLN A 1 86  ? 0.266   -5.252  11.636  1.00 17.31 ? 86  GLN A O     1 
ATOM   598  C  CB    . GLN A 1 86  ? -0.513  -5.422  8.575   1.00 15.47 ? 86  GLN A CB    1 
ATOM   599  C  CG    . GLN A 1 86  ? -0.155  -6.197  7.320   1.00 17.45 ? 86  GLN A CG    1 
ATOM   600  C  CD    . GLN A 1 86  ? 0.089   -5.299  6.126   1.00 20.52 ? 86  GLN A CD    1 
ATOM   601  O  OE1   . GLN A 1 86  ? 0.763   -4.271  6.231   1.00 20.58 ? 86  GLN A OE1   1 
ATOM   602  N  NE2   . GLN A 1 86  ? -0.446  -5.690  4.977   1.00 23.08 ? 86  GLN A NE2   1 
ATOM   603  N  N     . THR A 1 87  ? -1.967  -5.048  11.495  1.00 16.23 ? 87  THR A N     1 
ATOM   604  C  CA    . THR A 1 87  ? -2.034  -4.210  12.690  1.00 17.80 ? 87  THR A CA    1 
ATOM   605  C  C     . THR A 1 87  ? -3.000  -4.691  13.772  1.00 17.77 ? 87  THR A C     1 
ATOM   606  O  O     . THR A 1 87  ? -3.026  -4.140  14.875  1.00 19.76 ? 87  THR A O     1 
ATOM   607  C  CB    . THR A 1 87  ? -2.415  -2.768  12.318  1.00 17.41 ? 87  THR A CB    1 
ATOM   608  O  OG1   . THR A 1 87  ? -3.808  -2.712  11.975  1.00 18.93 ? 87  THR A OG1   1 
ATOM   609  C  CG2   . THR A 1 87  ? -1.590  -2.299  11.127  1.00 17.51 ? 87  THR A CG2   1 
ATOM   610  N  N     . GLY A 1 88  ? -3.796  -5.708  13.456  1.00 17.65 ? 88  GLY A N     1 
ATOM   611  C  CA    . GLY A 1 88  ? -4.748  -6.233  14.419  1.00 17.99 ? 88  GLY A CA    1 
ATOM   612  C  C     . GLY A 1 88  ? -5.916  -5.296  14.645  1.00 18.30 ? 88  GLY A C     1 
ATOM   613  O  O     . GLY A 1 88  ? -6.626  -5.402  15.646  1.00 19.43 ? 88  GLY A O     1 
ATOM   614  N  N     . LEU A 1 89  ? -6.125  -4.384  13.702  1.00 17.21 ? 89  LEU A N     1 
ATOM   615  C  CA    . LEU A 1 89  ? -7.198  -3.404  13.805  1.00 17.15 ? 89  LEU A CA    1 
ATOM   616  C  C     . LEU A 1 89  ? -8.319  -3.598  12.791  1.00 18.01 ? 89  LEU A C     1 
ATOM   617  O  O     . LEU A 1 89  ? -8.134  -4.209  11.739  1.00 17.49 ? 89  LEU A O     1 
ATOM   618  C  CB    . LEU A 1 89  ? -6.627  -1.994  13.634  1.00 17.34 ? 89  LEU A CB    1 
ATOM   619  C  CG    . LEU A 1 89  ? -5.520  -1.584  14.606  1.00 17.64 ? 89  LEU A CG    1 
ATOM   620  C  CD1   . LEU A 1 89  ? -4.995  -0.210  14.220  1.00 18.10 ? 89  LEU A CD1   1 
ATOM   621  C  CD2   . LEU A 1 89  ? -6.059  -1.575  16.025  1.00 18.94 ? 89  LEU A CD2   1 
ATOM   622  N  N     . SER A 1 90  ? -9.483  -3.056  13.132  1.00 18.99 ? 90  SER A N     1 
ATOM   623  C  CA    . SER A 1 90  ? -10.664 -3.103  12.283  1.00 21.64 ? 90  SER A CA    1 
ATOM   624  C  C     . SER A 1 90  ? -11.233 -1.689  12.275  1.00 22.01 ? 90  SER A C     1 
ATOM   625  O  O     . SER A 1 90  ? -10.991 -0.917  13.202  1.00 22.30 ? 90  SER A O     1 
ATOM   626  C  CB    . SER A 1 90  ? -11.696 -4.076  12.858  1.00 24.95 ? 90  SER A CB    1 
ATOM   627  O  OG    . SER A 1 90  ? -12.903 -4.029  12.121  1.00 32.10 ? 90  SER A OG    1 
ATOM   628  N  N     . GLY A 1 91  ? -11.974 -1.339  11.231  1.00 20.96 ? 91  GLY A N     1 
ATOM   629  C  CA    . GLY A 1 91  ? -12.549 -0.006  11.179  1.00 21.24 ? 91  GLY A CA    1 
ATOM   630  C  C     . GLY A 1 91  ? -13.588 0.151   10.091  1.00 20.05 ? 91  GLY A C     1 
ATOM   631  O  O     . GLY A 1 91  ? -13.884 -0.796  9.364   1.00 21.97 ? 91  GLY A O     1 
ATOM   632  N  N     . ASP A 1 92  ? -14.160 1.345   9.990   1.00 19.38 ? 92  ASP A N     1 
ATOM   633  C  CA    . ASP A 1 92  ? -15.150 1.621   8.958   1.00 20.21 ? 92  ASP A CA    1 
ATOM   634  C  C     . ASP A 1 92  ? -14.343 2.081   7.754   1.00 18.44 ? 92  ASP A C     1 
ATOM   635  O  O     . ASP A 1 92  ? -13.662 3.103   7.813   1.00 18.07 ? 92  ASP A O     1 
ATOM   636  C  CB    . ASP A 1 92  ? -16.113 2.718   9.415   1.00 22.97 ? 92  ASP A CB    1 
ATOM   637  C  CG    . ASP A 1 92  ? -16.910 2.313   10.642  1.00 25.47 ? 92  ASP A CG    1 
ATOM   638  O  OD1   . ASP A 1 92  ? -17.493 1.211   10.633  1.00 28.02 ? 92  ASP A OD1   1 
ATOM   639  O  OD2   . ASP A 1 92  ? -16.957 3.098   11.610  1.00 28.08 ? 92  ASP A OD2   1 
ATOM   640  N  N     . LEU A 1 93  ? -14.416 1.317   6.671   1.00 18.47 ? 93  LEU A N     1 
ATOM   641  C  CA    . LEU A 1 93  ? -13.651 1.618   5.463   1.00 17.30 ? 93  LEU A CA    1 
ATOM   642  C  C     . LEU A 1 93  ? -14.429 2.329   4.367   1.00 17.56 ? 93  LEU A C     1 
ATOM   643  O  O     . LEU A 1 93  ? -15.578 1.989   4.082   1.00 19.17 ? 93  LEU A O     1 
ATOM   644  C  CB    . LEU A 1 93  ? -13.064 0.326   4.893   1.00 17.20 ? 93  LEU A CB    1 
ATOM   645  C  CG    . LEU A 1 93  ? -12.203 -0.509  5.840   1.00 20.26 ? 93  LEU A CG    1 
ATOM   646  C  CD1   . LEU A 1 93  ? -11.843 -1.832  5.179   1.00 22.42 ? 93  LEU A CD1   1 
ATOM   647  C  CD2   . LEU A 1 93  ? -10.957 0.271   6.211   1.00 21.52 ? 93  LEU A CD2   1 
ATOM   648  N  N     . THR A 1 94  ? -13.778 3.304   3.740   1.00 16.16 ? 94  THR A N     1 
ATOM   649  C  CA    . THR A 1 94  ? -14.377 4.070   2.653   1.00 16.47 ? 94  THR A CA    1 
ATOM   650  C  C     . THR A 1 94  ? -13.417 4.096   1.464   1.00 15.18 ? 94  THR A C     1 
ATOM   651  O  O     . THR A 1 94  ? -12.259 4.480   1.607   1.00 16.36 ? 94  THR A O     1 
ATOM   652  C  CB    . THR A 1 94  ? -14.661 5.524   3.084   1.00 19.37 ? 94  THR A CB    1 
ATOM   653  O  OG1   . THR A 1 94  ? -15.541 5.522   4.216   1.00 22.54 ? 94  THR A OG1   1 
ATOM   654  C  CG2   . THR A 1 94  ? -15.309 6.304   1.943   1.00 20.80 ? 94  THR A CG2   1 
ATOM   655  N  N     . TYR A 1 95  ? -13.897 3.681   0.296   1.00 15.40 ? 95  TYR A N     1 
ATOM   656  C  CA    . TYR A 1 95  ? -13.065 3.681   -0.906  1.00 15.10 ? 95  TYR A CA    1 
ATOM   657  C  C     . TYR A 1 95  ? -12.743 5.118   -1.313  1.00 15.18 ? 95  TYR A C     1 
ATOM   658  O  O     . TYR A 1 95  ? -13.632 5.971   -1.362  1.00 15.09 ? 95  TYR A O     1 
ATOM   659  C  CB    . TYR A 1 95  ? -13.792 2.974   -2.052  1.00 16.36 ? 95  TYR A CB    1 
ATOM   660  C  CG    . TYR A 1 95  ? -13.055 3.048   -3.368  1.00 17.34 ? 95  TYR A CG    1 
ATOM   661  C  CD1   . TYR A 1 95  ? -11.852 2.366   -3.561  1.00 19.58 ? 95  TYR A CD1   1 
ATOM   662  C  CD2   . TYR A 1 95  ? -13.546 3.826   -4.413  1.00 19.49 ? 95  TYR A CD2   1 
ATOM   663  C  CE1   . TYR A 1 95  ? -11.157 2.461   -4.768  1.00 18.88 ? 95  TYR A CE1   1 
ATOM   664  C  CE2   . TYR A 1 95  ? -12.863 3.930   -5.616  1.00 20.91 ? 95  TYR A CE2   1 
ATOM   665  C  CZ    . TYR A 1 95  ? -11.674 3.247   -5.788  1.00 20.51 ? 95  TYR A CZ    1 
ATOM   666  O  OH    . TYR A 1 95  ? -11.006 3.363   -6.983  1.00 22.01 ? 95  TYR A OH    1 
ATOM   667  N  N     . LEU A 1 96  ? -11.472 5.386   -1.613  1.00 12.94 ? 96  LEU A N     1 
ATOM   668  C  CA    . LEU A 1 96  ? -11.045 6.725   -2.002  1.00 13.64 ? 96  LEU A CA    1 
ATOM   669  C  C     . LEU A 1 96  ? -10.737 6.856   -3.492  1.00 12.95 ? 96  LEU A C     1 
ATOM   670  O  O     . LEU A 1 96  ? -11.337 7.672   -4.196  1.00 14.54 ? 96  LEU A O     1 
ATOM   671  C  CB    . LEU A 1 96  ? -9.805  7.133   -1.198  1.00 12.69 ? 96  LEU A CB    1 
ATOM   672  C  CG    . LEU A 1 96  ? -9.946  7.205   0.325   1.00 14.23 ? 96  LEU A CG    1 
ATOM   673  C  CD1   . LEU A 1 96  ? -8.603  7.563   0.947   1.00 13.46 ? 96  LEU A CD1   1 
ATOM   674  C  CD2   . LEU A 1 96  ? -11.000 8.247   0.693   1.00 15.77 ? 96  LEU A CD2   1 
ATOM   675  N  N     . PHE A 1 97  ? -9.792  6.052   -3.965  1.00 12.62 ? 97  PHE A N     1 
ATOM   676  C  CA    . PHE A 1 97  ? -9.374  6.088   -5.360  1.00 12.04 ? 97  PHE A CA    1 
ATOM   677  C  C     . PHE A 1 97  ? -8.407  4.944   -5.637  1.00 11.73 ? 97  PHE A C     1 
ATOM   678  O  O     . PHE A 1 97  ? -8.046  4.195   -4.724  1.00 12.23 ? 97  PHE A O     1 
ATOM   679  C  CB    . PHE A 1 97  ? -8.702  7.436   -5.669  1.00 12.52 ? 97  PHE A CB    1 
ATOM   680  C  CG    . PHE A 1 97  ? -7.858  7.977   -4.539  1.00 13.61 ? 97  PHE A CG    1 
ATOM   681  C  CD1   . PHE A 1 97  ? -8.171  9.198   -3.952  1.00 13.36 ? 97  PHE A CD1   1 
ATOM   682  C  CD2   . PHE A 1 97  ? -6.761  7.264   -4.054  1.00 12.20 ? 97  PHE A CD2   1 
ATOM   683  C  CE1   . PHE A 1 97  ? -7.408  9.707   -2.893  1.00 13.83 ? 97  PHE A CE1   1 
ATOM   684  C  CE2   . PHE A 1 97  ? -5.993  7.761   -2.999  1.00 12.19 ? 97  PHE A CE2   1 
ATOM   685  C  CZ    . PHE A 1 97  ? -6.318  8.987   -2.416  1.00 13.81 ? 97  PHE A CZ    1 
ATOM   686  N  N     . SER A 1 98  ? -7.995  4.811   -6.896  1.00 11.89 ? 98  SER A N     1 
ATOM   687  C  CA    . SER A 1 98  ? -7.066  3.755   -7.293  1.00 12.74 ? 98  SER A CA    1 
ATOM   688  C  C     . SER A 1 98  ? -5.998  4.308   -8.231  1.00 12.02 ? 98  SER A C     1 
ATOM   689  O  O     . SER A 1 98  ? -6.149  5.397   -8.789  1.00 13.70 ? 98  SER A O     1 
ATOM   690  C  CB    . SER A 1 98  ? -7.813  2.625   -8.005  1.00 14.45 ? 98  SER A CB    1 
ATOM   691  O  OG    . SER A 1 98  ? -8.289  3.047   -9.272  1.00 19.95 ? 98  SER A OG    1 
ATOM   692  N  N     . TYR A 1 99  ? -4.918  3.556   -8.404  1.00 12.13 ? 99  TYR A N     1 
ATOM   693  C  CA    . TYR A 1 99  ? -3.846  3.984   -9.293  1.00 11.05 ? 99  TYR A CA    1 
ATOM   694  C  C     . TYR A 1 99  ? -3.014  2.808   -9.773  1.00 12.01 ? 99  TYR A C     1 
ATOM   695  O  O     . TYR A 1 99  ? -2.908  1.790   -9.092  1.00 11.71 ? 99  TYR A O     1 
ATOM   696  C  CB    . TYR A 1 99  ? -2.908  4.987   -8.596  1.00 12.72 ? 99  TYR A CB    1 
ATOM   697  C  CG    . TYR A 1 99  ? -2.099  4.413   -7.441  1.00 10.66 ? 99  TYR A CG    1 
ATOM   698  C  CD1   . TYR A 1 99  ? -2.628  4.368   -6.148  1.00 10.74 ? 99  TYR A CD1   1 
ATOM   699  C  CD2   . TYR A 1 99  ? -0.812  3.902   -7.644  1.00 10.51 ? 99  TYR A CD2   1 
ATOM   700  C  CE1   . TYR A 1 99  ? -1.899  3.829   -5.087  1.00 10.80 ? 99  TYR A CE1   1 
ATOM   701  C  CE2   . TYR A 1 99  ? -0.074  3.358   -6.588  1.00 10.71 ? 99  TYR A CE2   1 
ATOM   702  C  CZ    . TYR A 1 99  ? -0.625  3.328   -5.313  1.00 10.62 ? 99  TYR A CZ    1 
ATOM   703  O  OH    . TYR A 1 99  ? 0.090   2.801   -4.263  1.00 11.78 ? 99  TYR A OH    1 
ATOM   704  N  N     . PHE A 1 100 ? -2.443  2.948   -10.965 1.00 11.83 ? 100 PHE A N     1 
ATOM   705  C  CA    . PHE A 1 100 ? -1.560  1.921   -11.505 1.00 11.71 ? 100 PHE A CA    1 
ATOM   706  C  C     . PHE A 1 100 ? -0.166  2.308   -11.015 1.00 11.54 ? 100 PHE A C     1 
ATOM   707  O  O     . PHE A 1 100 ? 0.308   3.414   -11.278 1.00 11.60 ? 100 PHE A O     1 
ATOM   708  C  CB    . PHE A 1 100 ? -1.625  1.905   -13.033 1.00 12.67 ? 100 PHE A CB    1 
ATOM   709  C  CG    . PHE A 1 100 ? -2.893  1.299   -13.574 1.00 13.31 ? 100 PHE A CG    1 
ATOM   710  C  CD1   . PHE A 1 100 ? -3.880  2.095   -14.139 1.00 16.06 ? 100 PHE A CD1   1 
ATOM   711  C  CD2   . PHE A 1 100 ? -3.099  -0.077  -13.508 1.00 14.62 ? 100 PHE A CD2   1 
ATOM   712  C  CE1   . PHE A 1 100 ? -5.064  1.527   -14.635 1.00 18.09 ? 100 PHE A CE1   1 
ATOM   713  C  CE2   . PHE A 1 100 ? -4.272  -0.651  -13.999 1.00 15.49 ? 100 PHE A CE2   1 
ATOM   714  C  CZ    . PHE A 1 100 ? -5.254  0.152   -14.561 1.00 16.81 ? 100 PHE A CZ    1 
ATOM   715  N  N     . VAL A 1 101 ? 0.486   1.402   -10.294 1.00 10.88 ? 101 VAL A N     1 
ATOM   716  C  CA    . VAL A 1 101 ? 1.795   1.700   -9.720  1.00 11.00 ? 101 VAL A CA    1 
ATOM   717  C  C     . VAL A 1 101 ? 2.866   2.147   -10.708 1.00 10.73 ? 101 VAL A C     1 
ATOM   718  O  O     . VAL A 1 101 ? 3.694   2.993   -10.382 1.00 11.58 ? 101 VAL A O     1 
ATOM   719  C  CB    . VAL A 1 101 ? 2.344   0.502   -8.907  1.00 11.70 ? 101 VAL A CB    1 
ATOM   720  C  CG1   . VAL A 1 101 ? 1.269   -0.025  -7.978  1.00 11.09 ? 101 VAL A CG1   1 
ATOM   721  C  CG2   . VAL A 1 101 ? 2.849   -0.584  -9.840  1.00 12.88 ? 101 VAL A CG2   1 
ATOM   722  N  N     . SER A 1 102 ? 2.861   1.568   -11.904 1.00 11.73 ? 102 SER A N     1 
ATOM   723  C  CA    . SER A 1 102 ? 3.840   1.913   -12.931 1.00 11.96 ? 102 SER A CA    1 
ATOM   724  C  C     . SER A 1 102 ? 3.333   1.300   -14.234 1.00 12.79 ? 102 SER A C     1 
ATOM   725  O  O     . SER A 1 102 ? 3.813   0.248   -14.665 1.00 11.74 ? 102 SER A O     1 
ATOM   726  C  CB    . SER A 1 102 ? 5.208   1.332   -12.563 1.00 12.38 ? 102 SER A CB    1 
ATOM   727  O  OG    . SER A 1 102 ? 6.221   1.844   -13.416 1.00 12.59 ? 102 SER A OG    1 
ATOM   728  N  N     . PRO A 1 103 ? 2.358   1.965   -14.880 1.00 13.62 ? 103 PRO A N     1 
ATOM   729  C  CA    . PRO A 1 103 ? 1.747   1.506   -16.132 1.00 14.45 ? 103 PRO A CA    1 
ATOM   730  C  C     . PRO A 1 103 ? 2.668   1.324   -17.329 1.00 14.14 ? 103 PRO A C     1 
ATOM   731  O  O     . PRO A 1 103 ? 2.264   0.738   -18.334 1.00 14.68 ? 103 PRO A O     1 
ATOM   732  C  CB    . PRO A 1 103 ? 0.649   2.541   -16.378 1.00 16.39 ? 103 PRO A CB    1 
ATOM   733  C  CG    . PRO A 1 103 ? 1.247   3.797   -15.805 1.00 14.59 ? 103 PRO A CG    1 
ATOM   734  C  CD    . PRO A 1 103 ? 1.852   3.301   -14.511 1.00 14.78 ? 103 PRO A CD    1 
ATOM   735  N  N     . GLY A 1 104 ? 3.896   1.816   -17.223 1.00 13.42 ? 104 GLY A N     1 
ATOM   736  C  CA    . GLY A 1 104 ? 4.844   1.657   -18.310 1.00 13.65 ? 104 GLY A CA    1 
ATOM   737  C  C     . GLY A 1 104 ? 5.352   0.225   -18.431 1.00 14.95 ? 104 GLY A C     1 
ATOM   738  O  O     . GLY A 1 104 ? 5.928   -0.140  -19.459 1.00 15.47 ? 104 GLY A O     1 
ATOM   739  N  N     . PHE A 1 105 ? 5.153   -0.595  -17.399 1.00 14.23 ? 105 PHE A N     1 
ATOM   740  C  CA    . PHE A 1 105 ? 5.618   -1.980  -17.476 1.00 14.75 ? 105 PHE A CA    1 
ATOM   741  C  C     . PHE A 1 105 ? 4.772   -3.009  -16.724 1.00 16.86 ? 105 PHE A C     1 
ATOM   742  O  O     . PHE A 1 105 ? 4.827   -4.197  -17.038 1.00 17.05 ? 105 PHE A O     1 
ATOM   743  C  CB    . PHE A 1 105 ? 7.089   -2.075  -17.025 1.00 14.39 ? 105 PHE A CB    1 
ATOM   744  C  CG    . PHE A 1 105 ? 7.278   -2.294  -15.544 1.00 14.44 ? 105 PHE A CG    1 
ATOM   745  C  CD1   . PHE A 1 105 ? 7.379   -3.586  -15.022 1.00 13.66 ? 105 PHE A CD1   1 
ATOM   746  C  CD2   . PHE A 1 105 ? 7.379   -1.214  -14.675 1.00 14.31 ? 105 PHE A CD2   1 
ATOM   747  C  CE1   . PHE A 1 105 ? 7.581   -3.795  -13.659 1.00 14.50 ? 105 PHE A CE1   1 
ATOM   748  C  CE2   . PHE A 1 105 ? 7.580   -1.410  -13.308 1.00 16.37 ? 105 PHE A CE2   1 
ATOM   749  C  CZ    . PHE A 1 105 ? 7.682   -2.706  -12.799 1.00 16.67 ? 105 PHE A CZ    1 
ATOM   750  N  N     . THR A 1 106 ? 3.992   -2.576  -15.738 1.00 15.16 ? 106 THR A N     1 
ATOM   751  C  CA    . THR A 1 106 ? 3.174   -3.530  -14.994 1.00 14.54 ? 106 THR A CA    1 
ATOM   752  C  C     . THR A 1 106 ? 1.716   -3.097  -14.897 1.00 14.67 ? 106 THR A C     1 
ATOM   753  O  O     . THR A 1 106 ? 1.397   -1.913  -15.018 1.00 13.07 ? 106 THR A O     1 
ATOM   754  C  CB    . THR A 1 106 ? 3.738   -3.766  -13.563 1.00 14.26 ? 106 THR A CB    1 
ATOM   755  O  OG1   . THR A 1 106 ? 2.957   -4.769  -12.895 1.00 14.65 ? 106 THR A OG1   1 
ATOM   756  C  CG2   . THR A 1 106 ? 3.702   -2.474  -12.751 1.00 12.55 ? 106 THR A CG2   1 
ATOM   757  N  N     . ASP A 1 107 ? 0.830   -4.067  -14.698 1.00 14.22 ? 107 ASP A N     1 
ATOM   758  C  CA    . ASP A 1 107 ? -0.589  -3.773  -14.585 1.00 15.17 ? 107 ASP A CA    1 
ATOM   759  C  C     . ASP A 1 107 ? -1.056  -3.744  -13.134 1.00 13.36 ? 107 ASP A C     1 
ATOM   760  O  O     . ASP A 1 107 ? -2.255  -3.709  -12.874 1.00 15.24 ? 107 ASP A O     1 
ATOM   761  C  CB    . ASP A 1 107 ? -1.415  -4.795  -15.377 1.00 14.91 ? 107 ASP A CB    1 
ATOM   762  C  CG    . ASP A 1 107 ? -1.251  -6.216  -14.867 1.00 17.81 ? 107 ASP A CG    1 
ATOM   763  O  OD1   . ASP A 1 107 ? -1.922  -7.115  -15.414 1.00 20.03 ? 107 ASP A OD1   1 
ATOM   764  O  OD2   . ASP A 1 107 ? -0.465  -6.444  -13.927 1.00 15.93 ? 107 ASP A OD2   1 
ATOM   765  N  N     . GLU A 1 108 ? -0.119  -3.756  -12.186 1.00 13.40 ? 108 GLU A N     1 
ATOM   766  C  CA    . GLU A 1 108 ? -0.517  -3.715  -10.780 1.00 12.32 ? 108 GLU A CA    1 
ATOM   767  C  C     . GLU A 1 108 ? -1.339  -2.460  -10.519 1.00 12.84 ? 108 GLU A C     1 
ATOM   768  O  O     . GLU A 1 108 ? -0.890  -1.345  -10.797 1.00 13.16 ? 108 GLU A O     1 
ATOM   769  C  CB    . GLU A 1 108 ? 0.686   -3.712  -9.838  1.00 12.50 ? 108 GLU A CB    1 
ATOM   770  C  CG    . GLU A 1 108 ? 0.252   -3.615  -8.369  1.00 12.25 ? 108 GLU A CG    1 
ATOM   771  C  CD    . GLU A 1 108 ? 1.395   -3.648  -7.379  1.00 12.73 ? 108 GLU A CD    1 
ATOM   772  O  OE1   . GLU A 1 108 ? 2.570   -3.594  -7.801  1.00 13.87 ? 108 GLU A OE1   1 
ATOM   773  O  OE2   . GLU A 1 108 ? 1.108   -3.717  -6.163  1.00 12.75 ? 108 GLU A OE2   1 
ATOM   774  N  N     . LYS A 1 109 ? -2.544  -2.655  -9.997  1.00 13.05 ? 109 LYS A N     1 
ATOM   775  C  CA    . LYS A 1 109 ? -3.444  -1.555  -9.683  1.00 12.44 ? 109 LYS A CA    1 
ATOM   776  C  C     . LYS A 1 109 ? -3.706  -1.597  -8.189  1.00 14.67 ? 109 LYS A C     1 
ATOM   777  O  O     . LYS A 1 109 ? -3.971  -2.663  -7.629  1.00 14.38 ? 109 LYS A O     1 
ATOM   778  C  CB    . LYS A 1 109 ? -4.757  -1.713  -10.448 1.00 13.79 ? 109 LYS A CB    1 
ATOM   779  C  CG    . LYS A 1 109 ? -5.691  -0.521  -10.346 1.00 16.35 ? 109 LYS A CG    1 
ATOM   780  C  CD    . LYS A 1 109 ? -6.896  -0.720  -11.246 1.00 18.74 ? 109 LYS A CD    1 
ATOM   781  C  CE    . LYS A 1 109 ? -7.820  0.484   -11.223 1.00 21.34 ? 109 LYS A CE    1 
ATOM   782  N  NZ    . LYS A 1 109 ? -8.994  0.269   -12.117 1.00 22.50 ? 109 LYS A NZ    1 
ATOM   783  N  N     . THR A 1 110 ? -3.628  -0.436  -7.548  1.00 12.02 ? 110 THR A N     1 
ATOM   784  C  CA    . THR A 1 110 ? -3.833  -0.335  -6.110  1.00 12.63 ? 110 THR A CA    1 
ATOM   785  C  C     . THR A 1 110 ? -5.100  0.447   -5.771  1.00 12.03 ? 110 THR A C     1 
ATOM   786  O  O     . THR A 1 110 ? -5.308  1.548   -6.272  1.00 12.08 ? 110 THR A O     1 
ATOM   787  C  CB    . THR A 1 110 ? -2.629  0.364   -5.448  1.00 12.77 ? 110 THR A CB    1 
ATOM   788  O  OG1   . THR A 1 110 ? -1.427  -0.333  -5.800  1.00 14.68 ? 110 THR A OG1   1 
ATOM   789  C  CG2   . THR A 1 110 ? -2.778  0.373   -3.928  1.00 11.64 ? 110 THR A CG2   1 
ATOM   790  N  N     . HIS A 1 111 ? -5.945  -0.145  -4.930  1.00 12.92 ? 111 HIS A N     1 
ATOM   791  C  CA    . HIS A 1 111 ? -7.185  0.485   -4.490  1.00 12.16 ? 111 HIS A CA    1 
ATOM   792  C  C     . HIS A 1 111 ? -6.948  1.003   -3.077  1.00 12.08 ? 111 HIS A C     1 
ATOM   793  O  O     . HIS A 1 111 ? -6.619  0.236   -2.165  1.00 11.77 ? 111 HIS A O     1 
ATOM   794  C  CB    . HIS A 1 111 ? -8.334  -0.526  -4.496  1.00 14.41 ? 111 HIS A CB    1 
ATOM   795  C  CG    . HIS A 1 111 ? -8.614  -1.104  -5.847  1.00 15.95 ? 111 HIS A CG    1 
ATOM   796  N  ND1   . HIS A 1 111 ? -7.939  -2.197  -6.345  1.00 18.92 ? 111 HIS A ND1   1 
ATOM   797  C  CD2   . HIS A 1 111 ? -9.470  -0.714  -6.820  1.00 16.99 ? 111 HIS A CD2   1 
ATOM   798  C  CE1   . HIS A 1 111 ? -8.368  -2.457  -7.568  1.00 17.90 ? 111 HIS A CE1   1 
ATOM   799  N  NE2   . HIS A 1 111 ? -9.296  -1.571  -7.880  1.00 19.49 ? 111 HIS A NE2   1 
ATOM   800  N  N     . VAL A 1 112 ? -7.128  2.306   -2.901  1.00 11.32 ? 112 VAL A N     1 
ATOM   801  C  CA    . VAL A 1 112 ? -6.882  2.947   -1.619  1.00 10.46 ? 112 VAL A CA    1 
ATOM   802  C  C     . VAL A 1 112 ? -8.156  3.247   -0.844  1.00 10.58 ? 112 VAL A C     1 
ATOM   803  O  O     . VAL A 1 112 ? -9.113  3.797   -1.391  1.00 12.15 ? 112 VAL A O     1 
ATOM   804  C  CB    . VAL A 1 112 ? -6.104  4.266   -1.823  1.00 11.72 ? 112 VAL A CB    1 
ATOM   805  C  CG1   . VAL A 1 112 ? -5.632  4.820   -0.481  1.00 12.32 ? 112 VAL A CG1   1 
ATOM   806  C  CG2   . VAL A 1 112 ? -4.918  4.024   -2.751  1.00 12.12 ? 112 VAL A CG2   1 
ATOM   807  N  N     . PHE A 1 113 ? -8.146  2.892   0.437   1.00 10.89 ? 113 PHE A N     1 
ATOM   808  C  CA    . PHE A 1 113 ? -9.282  3.108   1.323   1.00 12.33 ? 113 PHE A CA    1 
ATOM   809  C  C     . PHE A 1 113 ? -8.904  3.959   2.524   1.00 12.56 ? 113 PHE A C     1 
ATOM   810  O  O     . PHE A 1 113 ? -7.735  4.061   2.886   1.00 12.29 ? 113 PHE A O     1 
ATOM   811  C  CB    . PHE A 1 113 ? -9.805  1.771   1.858   1.00 12.64 ? 113 PHE A CB    1 
ATOM   812  C  CG    . PHE A 1 113 ? -10.394 0.881   0.811   1.00 13.38 ? 113 PHE A CG    1 
ATOM   813  C  CD1   . PHE A 1 113 ? -9.576  0.184   -0.075  1.00 14.44 ? 113 PHE A CD1   1 
ATOM   814  C  CD2   . PHE A 1 113 ? -11.773 0.753   0.693   1.00 14.42 ? 113 PHE A CD2   1 
ATOM   815  C  CE1   . PHE A 1 113 ? -10.132 -0.627  -1.068  1.00 13.44 ? 113 PHE A CE1   1 
ATOM   816  C  CE2   . PHE A 1 113 ? -12.335 -0.051  -0.292  1.00 14.41 ? 113 PHE A CE2   1 
ATOM   817  C  CZ    . PHE A 1 113 ? -11.513 -0.742  -1.175  1.00 14.23 ? 113 PHE A CZ    1 
ATOM   818  N  N     . LEU A 1 114 ? -9.914  4.560   3.143   1.00 12.72 ? 114 LEU A N     1 
ATOM   819  C  CA    . LEU A 1 114 ? -9.719  5.350   4.352   1.00 13.14 ? 114 LEU A CA    1 
ATOM   820  C  C     . LEU A 1 114 ? -10.364 4.519   5.454   1.00 14.26 ? 114 LEU A C     1 
ATOM   821  O  O     . LEU A 1 114 ? -11.444 3.953   5.256   1.00 16.37 ? 114 LEU A O     1 
ATOM   822  C  CB    . LEU A 1 114 ? -10.439 6.698   4.261   1.00 14.32 ? 114 LEU A CB    1 
ATOM   823  C  CG    . LEU A 1 114 ? -10.371 7.558   5.533   1.00 16.07 ? 114 LEU A CG    1 
ATOM   824  C  CD1   . LEU A 1 114 ? -8.950  8.051   5.733   1.00 13.84 ? 114 LEU A CD1   1 
ATOM   825  C  CD2   . LEU A 1 114 ? -11.318 8.745   5.422   1.00 16.62 ? 114 LEU A CD2   1 
ATOM   826  N  N     . ALA A 1 115 ? -9.707  4.432   6.603   1.00 13.98 ? 115 ALA A N     1 
ATOM   827  C  CA    . ALA A 1 115 ? -10.246 3.673   7.724   1.00 15.95 ? 115 ALA A CA    1 
ATOM   828  C  C     . ALA A 1 115 ? -10.511 4.608   8.896   1.00 17.03 ? 115 ALA A C     1 
ATOM   829  O  O     . ALA A 1 115 ? -9.643  5.392   9.287   1.00 18.18 ? 115 ALA A O     1 
ATOM   830  C  CB    . ALA A 1 115 ? -9.271  2.579   8.136   1.00 17.09 ? 115 ALA A CB    1 
ATOM   831  N  N     . GLU A 1 116 ? -11.713 4.517   9.455   1.00 18.85 ? 116 GLU A N     1 
ATOM   832  C  CA    . GLU A 1 116 ? -12.101 5.352   10.586  1.00 21.22 ? 116 GLU A CA    1 
ATOM   833  C  C     . GLU A 1 116 ? -12.644 4.493   11.724  1.00 22.42 ? 116 GLU A C     1 
ATOM   834  O  O     . GLU A 1 116 ? -12.959 3.321   11.530  1.00 22.32 ? 116 GLU A O     1 
ATOM   835  C  CB    . GLU A 1 116 ? -13.172 6.354   10.146  1.00 22.92 ? 116 GLU A CB    1 
ATOM   836  C  CG    . GLU A 1 116 ? -12.698 7.355   9.103   1.00 24.55 ? 116 GLU A CG    1 
ATOM   837  C  CD    . GLU A 1 116 ? -13.829 8.187   8.536   1.00 28.26 ? 116 GLU A CD    1 
ATOM   838  O  OE1   . GLU A 1 116 ? -14.678 7.623   7.815   1.00 29.05 ? 116 GLU A OE1   1 
ATOM   839  O  OE2   . GLU A 1 116 ? -13.873 9.404   8.814   1.00 29.66 ? 116 GLU A OE2   1 
ATOM   840  N  N     . ASN A 1 117 ? -12.744 5.083   12.913  1.00 23.97 ? 117 ASN A N     1 
ATOM   841  C  CA    . ASN A 1 117 ? -13.272 4.375   14.078  1.00 25.11 ? 117 ASN A CA    1 
ATOM   842  C  C     . ASN A 1 117 ? -12.542 3.054   14.316  1.00 24.95 ? 117 ASN A C     1 
ATOM   843  O  O     . ASN A 1 117 ? -13.170 2.008   14.483  1.00 25.14 ? 117 ASN A O     1 
ATOM   844  C  CB    . ASN A 1 117 ? -14.763 4.107   13.876  1.00 27.41 ? 117 ASN A CB    1 
ATOM   845  C  CG    . ASN A 1 117 ? -15.537 5.363   13.536  1.00 29.41 ? 117 ASN A CG    1 
ATOM   846  O  OD1   . ASN A 1 117 ? -16.527 5.318   12.806  1.00 32.26 ? 117 ASN A OD1   1 
ATOM   847  N  ND2   . ASN A 1 117 ? -15.093 6.495   14.069  1.00 29.77 ? 117 ASN A ND2   1 
ATOM   848  N  N     . LEU A 1 118 ? -11.216 3.115   14.335  1.00 23.93 ? 118 LEU A N     1 
ATOM   849  C  CA    . LEU A 1 118 ? -10.385 1.932   14.535  1.00 26.04 ? 118 LEU A CA    1 
ATOM   850  C  C     . LEU A 1 118 ? -10.643 1.242   15.868  1.00 27.00 ? 118 LEU A C     1 
ATOM   851  O  O     . LEU A 1 118 ? -10.852 1.894   16.893  1.00 28.23 ? 118 LEU A O     1 
ATOM   852  C  CB    . LEU A 1 118 ? -8.903  2.309   14.446  1.00 26.92 ? 118 LEU A CB    1 
ATOM   853  C  CG    . LEU A 1 118 ? -8.341  2.800   13.108  1.00 29.35 ? 118 LEU A CG    1 
ATOM   854  C  CD1   . LEU A 1 118 ? -9.149  3.973   12.576  1.00 32.77 ? 118 LEU A CD1   1 
ATOM   855  C  CD2   . LEU A 1 118 ? -6.893  3.210   13.310  1.00 29.48 ? 118 LEU A CD2   1 
ATOM   856  N  N     . LYS A 1 119 ? -10.629 -0.086  15.839  1.00 27.90 ? 119 LYS A N     1 
ATOM   857  C  CA    . LYS A 1 119 ? -10.840 -0.896  17.030  1.00 29.54 ? 119 LYS A CA    1 
ATOM   858  C  C     . LYS A 1 119 ? -9.849  -2.047  16.983  1.00 29.49 ? 119 LYS A C     1 
ATOM   859  O  O     . LYS A 1 119 ? -9.563  -2.583  15.913  1.00 27.08 ? 119 LYS A O     1 
ATOM   860  C  CB    . LYS A 1 119 ? -12.256 -1.473  17.053  1.00 32.22 ? 119 LYS A CB    1 
ATOM   861  C  CG    . LYS A 1 119 ? -13.372 -0.463  16.866  1.00 37.09 ? 119 LYS A CG    1 
ATOM   862  C  CD    . LYS A 1 119 ? -14.718 -1.173  16.793  1.00 40.30 ? 119 LYS A CD    1 
ATOM   863  C  CE    . LYS A 1 119 ? -14.737 -2.202  15.666  1.00 42.89 ? 119 LYS A CE    1 
ATOM   864  N  NZ    . LYS A 1 119 ? -16.000 -2.991  15.635  1.00 45.29 ? 119 LYS A NZ    1 
ATOM   865  N  N     . GLU A 1 120 ? -9.323  -2.433  18.139  1.00 29.31 ? 120 GLU A N     1 
ATOM   866  C  CA    . GLU A 1 120 ? -8.381  -3.536  18.181  1.00 30.79 ? 120 GLU A CA    1 
ATOM   867  C  C     . GLU A 1 120 ? -9.186  -4.829  18.242  1.00 31.63 ? 120 GLU A C     1 
ATOM   868  O  O     . GLU A 1 120 ? -9.934  -5.057  19.192  1.00 32.32 ? 120 GLU A O     1 
ATOM   869  C  CB    . GLU A 1 120 ? -7.474  -3.411  19.403  1.00 32.42 ? 120 GLU A CB    1 
ATOM   870  C  CG    . GLU A 1 120 ? -6.031  -3.783  19.120  1.00 34.92 ? 120 GLU A CG    1 
ATOM   871  C  CD    . GLU A 1 120 ? -5.088  -3.347  20.220  1.00 36.83 ? 120 GLU A CD    1 
ATOM   872  O  OE1   . GLU A 1 120 ? -3.864  -3.333  19.974  1.00 35.20 ? 120 GLU A OE1   1 
ATOM   873  O  OE2   . GLU A 1 120 ? -5.570  -3.023  21.328  1.00 38.76 ? 120 GLU A OE2   1 
ATOM   874  N  N     . VAL A 1 121 ? -9.043  -5.666  17.218  1.00 31.43 ? 121 VAL A N     1 
ATOM   875  C  CA    . VAL A 1 121 ? -9.773  -6.927  17.162  1.00 32.39 ? 121 VAL A CA    1 
ATOM   876  C  C     . VAL A 1 121 ? -8.895  -8.145  17.413  1.00 34.02 ? 121 VAL A C     1 
ATOM   877  O  O     . VAL A 1 121 ? -9.397  -9.222  17.732  1.00 33.42 ? 121 VAL A O     1 
ATOM   878  C  CB    . VAL A 1 121 ? -10.484 -7.102  15.799  1.00 31.99 ? 121 VAL A CB    1 
ATOM   879  C  CG1   . VAL A 1 121 ? -11.644 -6.127  15.691  1.00 31.69 ? 121 VAL A CG1   1 
ATOM   880  C  CG2   . VAL A 1 121 ? -9.500  -6.873  14.664  1.00 31.07 ? 121 VAL A CG2   1 
ATOM   881  N  N     . GLU A 1 122 ? -7.584  -7.976  17.271  1.00 35.81 ? 122 GLU A N     1 
ATOM   882  C  CA    . GLU A 1 122 ? -6.654  -9.076  17.490  1.00 38.36 ? 122 GLU A CA    1 
ATOM   883  C  C     . GLU A 1 122 ? -5.509  -8.623  18.388  1.00 39.25 ? 122 GLU A C     1 
ATOM   884  O  O     . GLU A 1 122 ? -4.898  -7.580  18.146  1.00 39.23 ? 122 GLU A O     1 
ATOM   885  C  CB    . GLU A 1 122 ? -6.095  -9.572  16.154  1.00 39.54 ? 122 GLU A CB    1 
ATOM   886  C  CG    . GLU A 1 122 ? -7.144  -9.743  15.064  1.00 41.99 ? 122 GLU A CG    1 
ATOM   887  C  CD    . GLU A 1 122 ? -6.573  -10.341 13.790  1.00 43.59 ? 122 GLU A CD    1 
ATOM   888  O  OE1   . GLU A 1 122 ? -5.459  -9.941  13.392  1.00 44.50 ? 122 GLU A OE1   1 
ATOM   889  O  OE2   . GLU A 1 122 ? -7.244  -11.203 13.180  1.00 44.88 ? 122 GLU A OE2   1 
ATOM   890  N  N     . ILE A 1 131 ? 6.198   -7.489  10.257  1.00 20.92 ? 131 ILE A N     1 
ATOM   891  C  CA    . ILE A 1 131 ? 5.722   -6.147  9.930   1.00 20.07 ? 131 ILE A CA    1 
ATOM   892  C  C     . ILE A 1 131 ? 5.685   -5.264  11.172  1.00 19.61 ? 131 ILE A C     1 
ATOM   893  O  O     . ILE A 1 131 ? 5.014   -5.580  12.161  1.00 19.58 ? 131 ILE A O     1 
ATOM   894  C  CB    . ILE A 1 131 ? 4.317   -6.201  9.290   1.00 22.93 ? 131 ILE A CB    1 
ATOM   895  C  CG1   . ILE A 1 131 ? 4.396   -6.956  7.958   1.00 24.82 ? 131 ILE A CG1   1 
ATOM   896  C  CG2   . ILE A 1 131 ? 3.783   -4.793  9.071   1.00 24.30 ? 131 ILE A CG2   1 
ATOM   897  C  CD1   . ILE A 1 131 ? 3.063   -7.149  7.271   1.00 27.71 ? 131 ILE A CD1   1 
ATOM   898  N  N     . GLU A 1 132 ? 6.422   -4.160  11.109  1.00 17.18 ? 132 GLU A N     1 
ATOM   899  C  CA    . GLU A 1 132 ? 6.504   -3.206  12.206  1.00 16.79 ? 132 GLU A CA    1 
ATOM   900  C  C     . GLU A 1 132 ? 5.431   -2.132  12.067  1.00 16.09 ? 132 GLU A C     1 
ATOM   901  O  O     . GLU A 1 132 ? 5.305   -1.505  11.018  1.00 15.33 ? 132 GLU A O     1 
ATOM   902  C  CB    . GLU A 1 132 ? 7.885   -2.541  12.216  1.00 17.60 ? 132 GLU A CB    1 
ATOM   903  C  CG    . GLU A 1 132 ? 8.005   -1.363  13.172  1.00 19.32 ? 132 GLU A CG    1 
ATOM   904  C  CD    . GLU A 1 132 ? 9.283   -0.566  12.979  1.00 21.27 ? 132 GLU A CD    1 
ATOM   905  O  OE1   . GLU A 1 132 ? 9.890   -0.651  11.891  1.00 23.71 ? 132 GLU A OE1   1 
ATOM   906  O  OE2   . GLU A 1 132 ? 9.675   0.166   13.909  1.00 20.75 ? 132 GLU A OE2   1 
ATOM   907  N  N     . VAL A 1 133 ? 4.654   -1.928  13.126  1.00 14.73 ? 133 VAL A N     1 
ATOM   908  C  CA    . VAL A 1 133 ? 3.616   -0.905  13.119  1.00 15.59 ? 133 VAL A CA    1 
ATOM   909  C  C     . VAL A 1 133 ? 4.282   0.406   13.525  1.00 15.22 ? 133 VAL A C     1 
ATOM   910  O  O     . VAL A 1 133 ? 4.923   0.486   14.571  1.00 15.93 ? 133 VAL A O     1 
ATOM   911  C  CB    . VAL A 1 133 ? 2.485   -1.262  14.099  1.00 15.45 ? 133 VAL A CB    1 
ATOM   912  C  CG1   . VAL A 1 133 ? 1.546   -0.082  14.284  1.00 16.95 ? 133 VAL A CG1   1 
ATOM   913  C  CG2   . VAL A 1 133 ? 1.714   -2.462  13.558  1.00 16.22 ? 133 VAL A CG2   1 
ATOM   914  N  N     . VAL A 1 134 ? 4.125   1.425   12.685  1.00 14.22 ? 134 VAL A N     1 
ATOM   915  C  CA    . VAL A 1 134 ? 4.743   2.722   12.917  1.00 14.24 ? 134 VAL A CA    1 
ATOM   916  C  C     . VAL A 1 134 ? 3.752   3.890   12.910  1.00 15.04 ? 134 VAL A C     1 
ATOM   917  O  O     . VAL A 1 134 ? 3.500   4.498   11.869  1.00 14.39 ? 134 VAL A O     1 
ATOM   918  C  CB    . VAL A 1 134 ? 5.832   3.002   11.846  1.00 14.72 ? 134 VAL A CB    1 
ATOM   919  C  CG1   . VAL A 1 134 ? 6.520   4.332   12.120  1.00 14.74 ? 134 VAL A CG1   1 
ATOM   920  C  CG2   . VAL A 1 134 ? 6.852   1.864   11.819  1.00 15.18 ? 134 VAL A CG2   1 
ATOM   921  N  N     . TRP A 1 135 ? 3.185   4.202   14.072  1.00 13.31 ? 135 TRP A N     1 
ATOM   922  C  CA    . TRP A 1 135 ? 2.264   5.333   14.175  1.00 13.65 ? 135 TRP A CA    1 
ATOM   923  C  C     . TRP A 1 135 ? 3.136   6.583   14.146  1.00 13.94 ? 135 TRP A C     1 
ATOM   924  O  O     . TRP A 1 135 ? 4.030   6.737   14.982  1.00 13.94 ? 135 TRP A O     1 
ATOM   925  C  CB    . TRP A 1 135 ? 1.492   5.301   15.498  1.00 13.29 ? 135 TRP A CB    1 
ATOM   926  C  CG    . TRP A 1 135 ? 0.301   4.386   15.532  1.00 15.29 ? 135 TRP A CG    1 
ATOM   927  C  CD1   . TRP A 1 135 ? 0.192   3.209   16.216  1.00 14.91 ? 135 TRP A CD1   1 
ATOM   928  C  CD2   . TRP A 1 135 ? -0.973  4.608   14.913  1.00 14.44 ? 135 TRP A CD2   1 
ATOM   929  N  NE1   . TRP A 1 135 ? -1.073  2.686   16.068  1.00 14.37 ? 135 TRP A NE1   1 
ATOM   930  C  CE2   . TRP A 1 135 ? -1.809  3.526   15.273  1.00 13.83 ? 135 TRP A CE2   1 
ATOM   931  C  CE3   . TRP A 1 135 ? -1.493  5.618   14.090  1.00 15.42 ? 135 TRP A CE3   1 
ATOM   932  C  CZ2   . TRP A 1 135 ? -3.138  3.425   14.843  1.00 13.76 ? 135 TRP A CZ2   1 
ATOM   933  C  CZ3   . TRP A 1 135 ? -2.813  5.518   13.661  1.00 14.55 ? 135 TRP A CZ3   1 
ATOM   934  C  CH2   . TRP A 1 135 ? -3.619  4.429   14.041  1.00 14.92 ? 135 TRP A CH2   1 
ATOM   935  N  N     . MET A 1 136 ? 2.883   7.477   13.193  1.00 14.13 ? 136 MET A N     1 
ATOM   936  C  CA    . MET A 1 136 ? 3.685   8.694   13.080  1.00 14.74 ? 136 MET A CA    1 
ATOM   937  C  C     . MET A 1 136 ? 2.893   9.837   12.459  1.00 15.78 ? 136 MET A C     1 
ATOM   938  O  O     . MET A 1 136 ? 2.093   9.625   11.548  1.00 16.13 ? 136 MET A O     1 
ATOM   939  C  CB    . MET A 1 136 ? 4.921   8.417   12.215  1.00 14.96 ? 136 MET A CB    1 
ATOM   940  C  CG    . MET A 1 136 ? 5.922   9.562   12.145  1.00 16.48 ? 136 MET A CG    1 
ATOM   941  S  SD    . MET A 1 136 ? 7.279   9.205   10.998  1.00 18.13 ? 136 MET A SD    1 
ATOM   942  C  CE    . MET A 1 136 ? 8.153   7.933   11.900  1.00 18.77 ? 136 MET A CE    1 
ATOM   943  N  N     . ARG A 1 137 ? 3.107   11.052  12.953  1.00 16.25 ? 137 ARG A N     1 
ATOM   944  C  CA    . ARG A 1 137 ? 2.421   12.206  12.379  1.00 16.03 ? 137 ARG A CA    1 
ATOM   945  C  C     . ARG A 1 137 ? 2.899   12.318  10.933  1.00 14.92 ? 137 ARG A C     1 
ATOM   946  O  O     . ARG A 1 137 ? 4.100   12.219  10.663  1.00 15.33 ? 137 ARG A O     1 
ATOM   947  C  CB    . ARG A 1 137 ? 2.782   13.484  13.146  1.00 18.50 ? 137 ARG A CB    1 
ATOM   948  C  CG    . ARG A 1 137 ? 2.194   13.547  14.546  1.00 22.16 ? 137 ARG A CG    1 
ATOM   949  C  CD    . ARG A 1 137 ? 2.628   14.816  15.274  1.00 27.36 ? 137 ARG A CD    1 
ATOM   950  N  NE    . ARG A 1 137 ? 1.884   15.023  16.516  1.00 31.92 ? 137 ARG A NE    1 
ATOM   951  C  CZ    . ARG A 1 137 ? 1.930   14.215  17.571  1.00 35.20 ? 137 ARG A CZ    1 
ATOM   952  N  NH1   . ARG A 1 137 ? 2.691   13.128  17.552  1.00 36.92 ? 137 ARG A NH1   1 
ATOM   953  N  NH2   . ARG A 1 137 ? 1.212   14.494  18.652  1.00 36.55 ? 137 ARG A NH2   1 
ATOM   954  N  N     . PRO A 1 138 ? 1.971   12.516  9.981   1.00 14.96 ? 138 PRO A N     1 
ATOM   955  C  CA    . PRO A 1 138 ? 2.378   12.630  8.576   1.00 15.29 ? 138 PRO A CA    1 
ATOM   956  C  C     . PRO A 1 138 ? 3.386   13.756  8.354   1.00 16.25 ? 138 PRO A C     1 
ATOM   957  O  O     . PRO A 1 138 ? 4.252   13.668  7.482   1.00 14.88 ? 138 PRO A O     1 
ATOM   958  C  CB    . PRO A 1 138 ? 1.061   12.886  7.852   1.00 14.83 ? 138 PRO A CB    1 
ATOM   959  C  CG    . PRO A 1 138 ? 0.059   12.170  8.715   1.00 16.34 ? 138 PRO A CG    1 
ATOM   960  C  CD    . PRO A 1 138 ? 0.504   12.550  10.107  1.00 16.06 ? 138 PRO A CD    1 
ATOM   961  N  N     . GLU A 1 139 ? 3.262   14.824  9.136   1.00 15.80 ? 139 GLU A N     1 
ATOM   962  C  CA    . GLU A 1 139 ? 4.179   15.946  9.013   1.00 17.28 ? 139 GLU A CA    1 
ATOM   963  C  C     . GLU A 1 139 ? 5.599   15.498  9.344   1.00 18.20 ? 139 GLU A C     1 
ATOM   964  O  O     . GLU A 1 139 ? 6.566   15.953  8.723   1.00 19.04 ? 139 GLU A O     1 
ATOM   965  C  CB    . GLU A 1 139 ? 3.759   17.087  9.949   1.00 17.66 ? 139 GLU A CB    1 
ATOM   966  C  CG    . GLU A 1 139 ? 2.411   17.699  9.600   1.00 18.88 ? 139 GLU A CG    1 
ATOM   967  C  CD    . GLU A 1 139 ? 1.241   17.047  10.319  1.00 18.98 ? 139 GLU A CD    1 
ATOM   968  O  OE1   . GLU A 1 139 ? 1.376   15.903  10.801  1.00 17.86 ? 139 GLU A OE1   1 
ATOM   969  O  OE2   . GLU A 1 139 ? 0.173   17.683  10.391  1.00 20.63 ? 139 GLU A OE2   1 
ATOM   970  N  N     . GLU A 1 140 ? 5.721   14.598  10.315  1.00 18.19 ? 140 GLU A N     1 
ATOM   971  C  CA    . GLU A 1 140 ? 7.026   14.087  10.723  1.00 20.43 ? 140 GLU A CA    1 
ATOM   972  C  C     . GLU A 1 140 ? 7.580   13.125  9.681   1.00 19.17 ? 140 GLU A C     1 
ATOM   973  O  O     . GLU A 1 140 ? 8.782   13.110  9.409   1.00 18.41 ? 140 GLU A O     1 
ATOM   974  C  CB    . GLU A 1 140 ? 6.929   13.375  12.073  1.00 23.77 ? 140 GLU A CB    1 
ATOM   975  C  CG    . GLU A 1 140 ? 6.659   14.303  13.240  1.00 29.86 ? 140 GLU A CG    1 
ATOM   976  C  CD    . GLU A 1 140 ? 7.807   15.258  13.505  1.00 33.96 ? 140 GLU A CD    1 
ATOM   977  O  OE1   . GLU A 1 140 ? 7.686   16.079  14.441  1.00 37.26 ? 140 GLU A OE1   1 
ATOM   978  O  OE2   . GLU A 1 140 ? 8.829   15.189  12.784  1.00 35.39 ? 140 GLU A OE2   1 
ATOM   979  N  N     . ALA A 1 141 ? 6.697   12.314  9.106   1.00 16.72 ? 141 ALA A N     1 
ATOM   980  C  CA    . ALA A 1 141 ? 7.107   11.361  8.083   1.00 17.66 ? 141 ALA A CA    1 
ATOM   981  C  C     . ALA A 1 141 ? 7.682   12.135  6.900   1.00 17.32 ? 141 ALA A C     1 
ATOM   982  O  O     . ALA A 1 141 ? 8.739   11.786  6.374   1.00 16.78 ? 141 ALA A O     1 
ATOM   983  C  CB    . ALA A 1 141 ? 5.913   10.527  7.635   1.00 15.95 ? 141 ALA A CB    1 
ATOM   984  N  N     . LEU A 1 142 ? 6.989   13.196  6.496   1.00 17.54 ? 142 LEU A N     1 
ATOM   985  C  CA    . LEU A 1 142 ? 7.437   14.008  5.371   1.00 17.97 ? 142 LEU A CA    1 
ATOM   986  C  C     . LEU A 1 142 ? 8.768   14.679  5.696   1.00 19.93 ? 142 LEU A C     1 
ATOM   987  O  O     . LEU A 1 142 ? 9.675   14.707  4.867   1.00 19.64 ? 142 LEU A O     1 
ATOM   988  C  CB    . LEU A 1 142 ? 6.387   15.068  5.021   1.00 18.67 ? 142 LEU A CB    1 
ATOM   989  C  CG    . LEU A 1 142 ? 6.726   15.974  3.832   1.00 20.14 ? 142 LEU A CG    1 
ATOM   990  C  CD1   . LEU A 1 142 ? 6.956   15.129  2.585   1.00 19.13 ? 142 LEU A CD1   1 
ATOM   991  C  CD2   . LEU A 1 142 ? 5.601   16.964  3.606   1.00 20.00 ? 142 LEU A CD2   1 
ATOM   992  N  N     . GLU A 1 143 ? 8.881   15.207  6.911   1.00 20.53 ? 143 GLU A N     1 
ATOM   993  C  CA    . GLU A 1 143 ? 10.105  15.871  7.348   1.00 23.14 ? 143 GLU A CA    1 
ATOM   994  C  C     . GLU A 1 143 ? 11.286  14.904  7.317   1.00 21.89 ? 143 GLU A C     1 
ATOM   995  O  O     . GLU A 1 143 ? 12.350  15.226  6.784   1.00 22.47 ? 143 GLU A O     1 
ATOM   996  C  CB    . GLU A 1 143 ? 9.930   16.420  8.766   1.00 26.08 ? 143 GLU A CB    1 
ATOM   997  C  CG    . GLU A 1 143 ? 11.161  17.111  9.329   1.00 33.18 ? 143 GLU A CG    1 
ATOM   998  C  CD    . GLU A 1 143 ? 10.983  17.520  10.779  1.00 36.06 ? 143 GLU A CD    1 
ATOM   999  O  OE1   . GLU A 1 143 ? 10.014  18.250  11.075  1.00 40.01 ? 143 GLU A OE1   1 
ATOM   1000 O  OE2   . GLU A 1 143 ? 11.809  17.113  11.622  1.00 39.63 ? 143 GLU A OE2   1 
ATOM   1001 N  N     . ARG A 1 144 ? 11.098  13.720  7.893   1.00 20.58 ? 144 ARG A N     1 
ATOM   1002 C  CA    . ARG A 1 144 ? 12.153  12.717  7.920   1.00 21.26 ? 144 ARG A CA    1 
ATOM   1003 C  C     . ARG A 1 144 ? 12.586  12.338  6.511   1.00 20.78 ? 144 ARG A C     1 
ATOM   1004 O  O     . ARG A 1 144 ? 13.773  12.152  6.250   1.00 20.87 ? 144 ARG A O     1 
ATOM   1005 C  CB    . ARG A 1 144 ? 11.692  11.454  8.641   1.00 22.49 ? 144 ARG A CB    1 
ATOM   1006 C  CG    . ARG A 1 144 ? 11.480  11.600  10.134  1.00 23.92 ? 144 ARG A CG    1 
ATOM   1007 C  CD    . ARG A 1 144 ? 11.551  10.224  10.760  1.00 28.82 ? 144 ARG A CD    1 
ATOM   1008 N  NE    . ARG A 1 144 ? 11.058  10.172  12.130  1.00 29.67 ? 144 ARG A NE    1 
ATOM   1009 C  CZ    . ARG A 1 144 ? 11.236  9.126   12.929  1.00 31.06 ? 144 ARG A CZ    1 
ATOM   1010 N  NH1   . ARG A 1 144 ? 11.901  8.066   12.487  1.00 30.95 ? 144 ARG A NH1   1 
ATOM   1011 N  NH2   . ARG A 1 144 ? 10.740  9.130   14.159  1.00 31.84 ? 144 ARG A NH2   1 
ATOM   1012 N  N     . HIS A 1 145 ? 11.621  12.208  5.606   1.00 19.58 ? 145 HIS A N     1 
ATOM   1013 C  CA    . HIS A 1 145 ? 11.943  11.852  4.230   1.00 17.58 ? 145 HIS A CA    1 
ATOM   1014 C  C     . HIS A 1 145 ? 12.747  12.961  3.560   1.00 19.71 ? 145 HIS A C     1 
ATOM   1015 O  O     . HIS A 1 145 ? 13.716  12.689  2.854   1.00 19.13 ? 145 HIS A O     1 
ATOM   1016 C  CB    . HIS A 1 145 ? 10.674  11.585  3.418   1.00 16.39 ? 145 HIS A CB    1 
ATOM   1017 C  CG    . HIS A 1 145 ? 10.947  11.251  1.983   1.00 14.77 ? 145 HIS A CG    1 
ATOM   1018 N  ND1   . HIS A 1 145 ? 10.680  12.119  0.947   1.00 17.04 ? 145 HIS A ND1   1 
ATOM   1019 C  CD2   . HIS A 1 145 ? 11.520  10.160  1.423   1.00 15.67 ? 145 HIS A CD2   1 
ATOM   1020 C  CE1   . HIS A 1 145 ? 11.079  11.578  -0.191  1.00 12.63 ? 145 HIS A CE1   1 
ATOM   1021 N  NE2   . HIS A 1 145 ? 11.592  10.391  0.070   1.00 17.63 ? 145 HIS A NE2   1 
ATOM   1022 N  N     . GLN A 1 146 ? 12.340  14.208  3.782   1.00 20.65 ? 146 GLN A N     1 
ATOM   1023 C  CA    . GLN A 1 146 ? 13.035  15.348  3.194   1.00 23.79 ? 146 GLN A CA    1 
ATOM   1024 C  C     . GLN A 1 146 ? 14.469  15.408  3.713   1.00 25.40 ? 146 GLN A C     1 
ATOM   1025 O  O     . GLN A 1 146 ? 15.371  15.883  3.021   1.00 25.72 ? 146 GLN A O     1 
ATOM   1026 C  CB    . GLN A 1 146 ? 12.297  16.647  3.526   1.00 24.75 ? 146 GLN A CB    1 
ATOM   1027 C  CG    . GLN A 1 146 ? 10.864  16.681  3.013   1.00 26.27 ? 146 GLN A CG    1 
ATOM   1028 C  CD    . GLN A 1 146 ? 10.097  17.906  3.476   1.00 26.80 ? 146 GLN A CD    1 
ATOM   1029 O  OE1   . GLN A 1 146 ? 10.175  18.298  4.642   1.00 29.04 ? 146 GLN A OE1   1 
ATOM   1030 N  NE2   . GLN A 1 146 ? 9.341   18.507  2.568   1.00 25.44 ? 146 GLN A NE2   1 
ATOM   1031 N  N     . ARG A 1 147 ? 14.669  14.916  4.932   1.00 26.67 ? 147 ARG A N     1 
ATOM   1032 C  CA    . ARG A 1 147 ? 15.990  14.895  5.550   1.00 29.07 ? 147 ARG A CA    1 
ATOM   1033 C  C     . ARG A 1 147 ? 16.777  13.667  5.103   1.00 29.42 ? 147 ARG A C     1 
ATOM   1034 O  O     . ARG A 1 147 ? 17.942  13.496  5.468   1.00 30.13 ? 147 ARG A O     1 
ATOM   1035 C  CB    . ARG A 1 147 ? 15.858  14.892  7.074   1.00 31.41 ? 147 ARG A CB    1 
ATOM   1036 C  CG    . ARG A 1 147 ? 15.237  16.153  7.644   1.00 36.50 ? 147 ARG A CG    1 
ATOM   1037 C  CD    . ARG A 1 147 ? 14.989  16.044  9.146   1.00 40.13 ? 147 ARG A CD    1 
ATOM   1038 N  NE    . ARG A 1 147 ? 16.215  15.856  9.919   1.00 44.21 ? 147 ARG A NE    1 
ATOM   1039 C  CZ    . ARG A 1 147 ? 16.816  14.684  10.114  1.00 45.90 ? 147 ARG A CZ    1 
ATOM   1040 N  NH1   . ARG A 1 147 ? 16.307  13.573  9.595   1.00 46.77 ? 147 ARG A NH1   1 
ATOM   1041 N  NH2   . ARG A 1 147 ? 17.930  14.624  10.832  1.00 48.18 ? 147 ARG A NH2   1 
ATOM   1042 N  N     . GLY A 1 148 ? 16.129  12.811  4.319   1.00 28.46 ? 148 GLY A N     1 
ATOM   1043 C  CA    . GLY A 1 148 ? 16.772  11.608  3.824   1.00 28.47 ? 148 GLY A CA    1 
ATOM   1044 C  C     . GLY A 1 148 ? 16.906  10.510  4.861   1.00 28.53 ? 148 GLY A C     1 
ATOM   1045 O  O     . GLY A 1 148 ? 17.691  9.579   4.682   1.00 28.68 ? 148 GLY A O     1 
ATOM   1046 N  N     . GLU A 1 149 ? 16.137  10.606  5.940   1.00 28.35 ? 149 GLU A N     1 
ATOM   1047 C  CA    . GLU A 1 149 ? 16.196  9.615   7.008   1.00 28.35 ? 149 GLU A CA    1 
ATOM   1048 C  C     . GLU A 1 149 ? 15.340  8.391   6.714   1.00 26.82 ? 149 GLU A C     1 
ATOM   1049 O  O     . GLU A 1 149 ? 15.580  7.315   7.257   1.00 28.80 ? 149 GLU A O     1 
ATOM   1050 C  CB    . GLU A 1 149 ? 15.761  10.249  8.336   1.00 30.72 ? 149 GLU A CB    1 
ATOM   1051 C  CG    . GLU A 1 149 ? 15.979  9.365   9.561   1.00 35.27 ? 149 GLU A CG    1 
ATOM   1052 C  CD    . GLU A 1 149 ? 14.798  8.464   9.871   1.00 37.47 ? 149 GLU A CD    1 
ATOM   1053 O  OE1   . GLU A 1 149 ? 14.970  7.508   10.659  1.00 38.98 ? 149 GLU A OE1   1 
ATOM   1054 O  OE2   . GLU A 1 149 ? 13.695  8.716   9.340   1.00 39.92 ? 149 GLU A OE2   1 
ATOM   1055 N  N     . VAL A 1 150 ? 14.347  8.547   5.845   1.00 24.19 ? 150 VAL A N     1 
ATOM   1056 C  CA    . VAL A 1 150 ? 13.476  7.430   5.511   1.00 21.89 ? 150 VAL A CA    1 
ATOM   1057 C  C     . VAL A 1 150 ? 12.975  7.522   4.074   1.00 18.98 ? 150 VAL A C     1 
ATOM   1058 O  O     . VAL A 1 150 ? 12.863  8.615   3.517   1.00 18.82 ? 150 VAL A O     1 
ATOM   1059 C  CB    . VAL A 1 150 ? 12.258  7.379   6.466   1.00 22.79 ? 150 VAL A CB    1 
ATOM   1060 C  CG1   . VAL A 1 150 ? 11.311  8.533   6.168   1.00 22.64 ? 150 VAL A CG1   1 
ATOM   1061 C  CG2   . VAL A 1 150 ? 11.550  6.040   6.340   1.00 25.81 ? 150 VAL A CG2   1 
ATOM   1062 N  N     . GLU A 1 151 ? 12.690  6.367   3.480   1.00 17.53 ? 151 GLU A N     1 
ATOM   1063 C  CA    . GLU A 1 151 ? 12.183  6.302   2.112   1.00 16.97 ? 151 GLU A CA    1 
ATOM   1064 C  C     . GLU A 1 151 ? 10.681  6.037   2.156   1.00 15.92 ? 151 GLU A C     1 
ATOM   1065 O  O     . GLU A 1 151 ? 10.160  5.557   3.162   1.00 17.14 ? 151 GLU A O     1 
ATOM   1066 C  CB    . GLU A 1 151 ? 12.860  5.167   1.338   1.00 18.38 ? 151 GLU A CB    1 
ATOM   1067 C  CG    . GLU A 1 151 ? 14.374  5.272   1.246   1.00 22.67 ? 151 GLU A CG    1 
ATOM   1068 C  CD    . GLU A 1 151 ? 14.827  6.590   0.659   1.00 26.13 ? 151 GLU A CD    1 
ATOM   1069 O  OE1   . GLU A 1 151 ? 14.237  7.026   -0.351  1.00 25.09 ? 151 GLU A OE1   1 
ATOM   1070 O  OE2   . GLU A 1 151 ? 15.780  7.188   1.205   1.00 29.90 ? 151 GLU A OE2   1 
ATOM   1071 N  N     . PHE A 1 152 ? 9.995   6.348   1.063   1.00 13.28 ? 152 PHE A N     1 
ATOM   1072 C  CA    . PHE A 1 152 ? 8.551   6.134   0.963   1.00 13.59 ? 152 PHE A CA    1 
ATOM   1073 C  C     . PHE A 1 152 ? 8.214   5.094   -0.093  1.00 12.60 ? 152 PHE A C     1 
ATOM   1074 O  O     . PHE A 1 152 ? 8.919   4.958   -1.086  1.00 11.88 ? 152 PHE A O     1 
ATOM   1075 C  CB    . PHE A 1 152 ? 7.829   7.404   0.493   1.00 12.62 ? 152 PHE A CB    1 
ATOM   1076 C  CG    . PHE A 1 152 ? 7.530   8.400   1.569   1.00 13.54 ? 152 PHE A CG    1 
ATOM   1077 C  CD1   . PHE A 1 152 ? 7.886   9.737   1.395   1.00 14.04 ? 152 PHE A CD1   1 
ATOM   1078 C  CD2   . PHE A 1 152 ? 6.829   8.035   2.714   1.00 16.36 ? 152 PHE A CD2   1 
ATOM   1079 C  CE1   . PHE A 1 152 ? 7.543   10.703  2.343   1.00 13.47 ? 152 PHE A CE1   1 
ATOM   1080 C  CE2   . PHE A 1 152 ? 6.480   8.994   3.673   1.00 18.25 ? 152 PHE A CE2   1 
ATOM   1081 C  CZ    . PHE A 1 152 ? 6.839   10.331  3.483   1.00 14.94 ? 152 PHE A CZ    1 
ATOM   1082 N  N     . SER A 1 153 ? 7.122   4.371   0.123   1.00 12.26 ? 153 SER A N     1 
ATOM   1083 C  CA    . SER A 1 153 ? 6.621   3.456   -0.890  1.00 12.51 ? 153 SER A CA    1 
ATOM   1084 C  C     . SER A 1 153 ? 5.540   4.362   -1.479  1.00 11.50 ? 153 SER A C     1 
ATOM   1085 O  O     . SER A 1 153 ? 5.205   5.395   -0.879  1.00 11.20 ? 153 SER A O     1 
ATOM   1086 C  CB    . SER A 1 153 ? 5.958   2.221   -0.271  1.00 12.95 ? 153 SER A CB    1 
ATOM   1087 O  OG    . SER A 1 153 ? 4.783   2.570   0.447   1.00 13.24 ? 153 SER A OG    1 
ATOM   1088 N  N     . ALA A 1 154 ? 4.998   4.001   -2.636  1.00 10.10 ? 154 ALA A N     1 
ATOM   1089 C  CA    . ALA A 1 154 ? 3.943   4.801   -3.243  1.00 9.93  ? 154 ALA A CA    1 
ATOM   1090 C  C     . ALA A 1 154 ? 2.771   4.934   -2.267  1.00 10.07 ? 154 ALA A C     1 
ATOM   1091 O  O     . ALA A 1 154 ? 2.184   6.009   -2.131  1.00 10.55 ? 154 ALA A O     1 
ATOM   1092 C  CB    . ALA A 1 154 ? 3.468   4.151   -4.539  1.00 11.06 ? 154 ALA A CB    1 
ATOM   1093 N  N     . THR A 1 155 ? 2.430   3.844   -1.586  1.00 9.50  ? 155 THR A N     1 
ATOM   1094 C  CA    . THR A 1 155 ? 1.312   3.892   -0.647  1.00 9.73  ? 155 THR A CA    1 
ATOM   1095 C  C     . THR A 1 155 ? 1.586   4.841   0.511   1.00 9.82  ? 155 THR A C     1 
ATOM   1096 O  O     . THR A 1 155 ? 0.691   5.561   0.941   1.00 10.03 ? 155 THR A O     1 
ATOM   1097 C  CB    . THR A 1 155 ? 0.948   2.485   -0.088  1.00 9.05  ? 155 THR A CB    1 
ATOM   1098 O  OG1   . THR A 1 155 ? 2.063   1.924   0.618   1.00 11.17 ? 155 THR A OG1   1 
ATOM   1099 C  CG2   . THR A 1 155 ? 0.556   1.553   -1.229  1.00 10.92 ? 155 THR A CG2   1 
ATOM   1100 N  N     . GLY A 1 156 ? 2.823   4.860   1.002   1.00 10.66 ? 156 GLY A N     1 
ATOM   1101 C  CA    . GLY A 1 156 ? 3.156   5.749   2.103   1.00 10.65 ? 156 GLY A CA    1 
ATOM   1102 C  C     . GLY A 1 156 ? 3.048   7.209   1.708   1.00 11.19 ? 156 GLY A C     1 
ATOM   1103 O  O     . GLY A 1 156 ? 2.503   8.030   2.454   1.00 11.60 ? 156 GLY A O     1 
ATOM   1104 N  N     . LEU A 1 157 ? 3.571   7.542   0.532   1.00 10.90 ? 157 LEU A N     1 
ATOM   1105 C  CA    . LEU A 1 157 ? 3.524   8.914   0.048   1.00 10.48 ? 157 LEU A CA    1 
ATOM   1106 C  C     . LEU A 1 157 ? 2.080   9.348   -0.218  1.00 10.90 ? 157 LEU A C     1 
ATOM   1107 O  O     . LEU A 1 157 ? 1.688   10.467  0.125   1.00 10.91 ? 157 LEU A O     1 
ATOM   1108 C  CB    . LEU A 1 157 ? 4.366   9.057   -1.224  1.00 10.37 ? 157 LEU A CB    1 
ATOM   1109 C  CG    . LEU A 1 157 ? 4.375   10.447  -1.870  1.00 11.81 ? 157 LEU A CG    1 
ATOM   1110 C  CD1   . LEU A 1 157 ? 4.910   11.485  -0.890  1.00 10.99 ? 157 LEU A CD1   1 
ATOM   1111 C  CD2   . LEU A 1 157 ? 5.227   10.403  -3.123  1.00 11.79 ? 157 LEU A CD2   1 
ATOM   1112 N  N     . VAL A 1 158 ? 1.288   8.464   -0.822  1.00 9.80  ? 158 VAL A N     1 
ATOM   1113 C  CA    . VAL A 1 158 ? -0.110  8.770   -1.106  1.00 10.55 ? 158 VAL A CA    1 
ATOM   1114 C  C     . VAL A 1 158 ? -0.837  9.064   0.203   1.00 11.38 ? 158 VAL A C     1 
ATOM   1115 O  O     . VAL A 1 158 ? -1.618  10.014  0.284   1.00 12.09 ? 158 VAL A O     1 
ATOM   1116 C  CB    . VAL A 1 158 ? -0.792  7.601   -1.855  1.00 10.53 ? 158 VAL A CB    1 
ATOM   1117 C  CG1   . VAL A 1 158 ? -2.312  7.718   -1.774  1.00 11.46 ? 158 VAL A CG1   1 
ATOM   1118 C  CG2   . VAL A 1 158 ? -0.355  7.622   -3.317  1.00 11.00 ? 158 VAL A CG2   1 
ATOM   1119 N  N     . GLY A 1 159 ? -0.567  8.261   1.230   1.00 11.10 ? 159 GLY A N     1 
ATOM   1120 C  CA    . GLY A 1 159 ? -1.198  8.489   2.520   1.00 12.63 ? 159 GLY A CA    1 
ATOM   1121 C  C     . GLY A 1 159 ? -0.829  9.856   3.072   1.00 12.32 ? 159 GLY A C     1 
ATOM   1122 O  O     . GLY A 1 159 ? -1.692  10.608  3.524   1.00 12.44 ? 159 GLY A O     1 
ATOM   1123 N  N     . VAL A 1 160 ? 0.461   10.178  3.027   1.00 12.52 ? 160 VAL A N     1 
ATOM   1124 C  CA    . VAL A 1 160 ? 0.954   11.457  3.521   1.00 12.85 ? 160 VAL A CA    1 
ATOM   1125 C  C     . VAL A 1 160 ? 0.324   12.631  2.775   1.00 12.73 ? 160 VAL A C     1 
ATOM   1126 O  O     . VAL A 1 160 ? -0.134  13.588  3.397   1.00 13.15 ? 160 VAL A O     1 
ATOM   1127 C  CB    . VAL A 1 160 ? 2.499   11.530  3.402   1.00 12.78 ? 160 VAL A CB    1 
ATOM   1128 C  CG1   . VAL A 1 160 ? 2.990   12.943  3.674   1.00 13.82 ? 160 VAL A CG1   1 
ATOM   1129 C  CG2   . VAL A 1 160 ? 3.133   10.560  4.404   1.00 14.21 ? 160 VAL A CG2   1 
ATOM   1130 N  N     . LEU A 1 161 ? 0.287   12.561  1.447   1.00 10.92 ? 161 LEU A N     1 
ATOM   1131 C  CA    . LEU A 1 161 ? -0.296  13.649  0.667   1.00 11.01 ? 161 LEU A CA    1 
ATOM   1132 C  C     . LEU A 1 161 ? -1.809  13.738  0.862   1.00 12.38 ? 161 LEU A C     1 
ATOM   1133 O  O     . LEU A 1 161 ? -2.360  14.837  0.948   1.00 12.46 ? 161 LEU A O     1 
ATOM   1134 C  CB    . LEU A 1 161 ? 0.040   13.489  -0.820  1.00 11.12 ? 161 LEU A CB    1 
ATOM   1135 C  CG    . LEU A 1 161 ? 1.536   13.557  -1.151  1.00 10.64 ? 161 LEU A CG    1 
ATOM   1136 C  CD1   . LEU A 1 161 ? 1.737   13.356  -2.653  1.00 9.83  ? 161 LEU A CD1   1 
ATOM   1137 C  CD2   . LEU A 1 161 ? 2.112   14.899  -0.708  1.00 13.23 ? 161 LEU A CD2   1 
ATOM   1138 N  N     . TYR A 1 162 ? -2.482  12.592  0.947   1.00 12.81 ? 162 TYR A N     1 
ATOM   1139 C  CA    . TYR A 1 162 ? -3.929  12.597  1.146   1.00 13.13 ? 162 TYR A CA    1 
ATOM   1140 C  C     . TYR A 1 162 ? -4.253  13.294  2.469   1.00 14.29 ? 162 TYR A C     1 
ATOM   1141 O  O     . TYR A 1 162 ? -5.198  14.079  2.563   1.00 13.99 ? 162 TYR A O     1 
ATOM   1142 C  CB    . TYR A 1 162 ? -4.487  11.173  1.182   1.00 12.15 ? 162 TYR A CB    1 
ATOM   1143 C  CG    . TYR A 1 162 ? -5.987  11.155  1.355   1.00 13.44 ? 162 TYR A CG    1 
ATOM   1144 C  CD1   . TYR A 1 162 ? -6.835  11.404  0.280   1.00 14.86 ? 162 TYR A CD1   1 
ATOM   1145 C  CD2   . TYR A 1 162 ? -6.554  10.972  2.615   1.00 15.76 ? 162 TYR A CD2   1 
ATOM   1146 C  CE1   . TYR A 1 162 ? -8.220  11.475  0.453   1.00 17.09 ? 162 TYR A CE1   1 
ATOM   1147 C  CE2   . TYR A 1 162 ? -7.927  11.045  2.801   1.00 16.40 ? 162 TYR A CE2   1 
ATOM   1148 C  CZ    . TYR A 1 162 ? -8.752  11.297  1.720   1.00 17.67 ? 162 TYR A CZ    1 
ATOM   1149 O  OH    . TYR A 1 162 ? -10.111 11.391  1.921   1.00 20.84 ? 162 TYR A OH    1 
ATOM   1150 N  N     . TYR A 1 163 ? -3.470  12.991  3.497   1.00 13.54 ? 163 TYR A N     1 
ATOM   1151 C  CA    . TYR A 1 163 ? -3.671  13.609  4.799   1.00 14.61 ? 163 TYR A CA    1 
ATOM   1152 C  C     . TYR A 1 163 ? -3.555  15.132  4.719   1.00 15.22 ? 163 TYR A C     1 
ATOM   1153 O  O     . TYR A 1 163 ? -4.444  15.858  5.170   1.00 15.03 ? 163 TYR A O     1 
ATOM   1154 C  CB    . TYR A 1 163 ? -2.635  13.090  5.793   1.00 16.00 ? 163 TYR A CB    1 
ATOM   1155 C  CG    . TYR A 1 163 ? -2.499  13.966  7.017   1.00 15.43 ? 163 TYR A CG    1 
ATOM   1156 C  CD1   . TYR A 1 163 ? -3.412  13.879  8.064   1.00 17.81 ? 163 TYR A CD1   1 
ATOM   1157 C  CD2   . TYR A 1 163 ? -1.470  14.902  7.111   1.00 17.15 ? 163 TYR A CD2   1 
ATOM   1158 C  CE1   . TYR A 1 163 ? -3.302  14.704  9.180   1.00 16.96 ? 163 TYR A CE1   1 
ATOM   1159 C  CE2   . TYR A 1 163 ? -1.350  15.733  8.222   1.00 16.29 ? 163 TYR A CE2   1 
ATOM   1160 C  CZ    . TYR A 1 163 ? -2.269  15.629  9.249   1.00 17.61 ? 163 TYR A CZ    1 
ATOM   1161 O  OH    . TYR A 1 163 ? -2.157  16.454  10.346  1.00 19.31 ? 163 TYR A OH    1 
ATOM   1162 N  N     . HIS A 1 164 ? -2.451  15.613  4.153   1.00 14.19 ? 164 HIS A N     1 
ATOM   1163 C  CA    . HIS A 1 164 ? -2.221  17.051  4.043   1.00 14.90 ? 164 HIS A CA    1 
ATOM   1164 C  C     . HIS A 1 164 ? -3.286  17.755  3.220   1.00 16.78 ? 164 HIS A C     1 
ATOM   1165 O  O     . HIS A 1 164 ? -3.607  18.918  3.470   1.00 18.15 ? 164 HIS A O     1 
ATOM   1166 C  CB    . HIS A 1 164 ? -0.844  17.326  3.435   1.00 14.39 ? 164 HIS A CB    1 
ATOM   1167 C  CG    . HIS A 1 164 ? 0.297   17.051  4.362   1.00 15.61 ? 164 HIS A CG    1 
ATOM   1168 N  ND1   . HIS A 1 164 ? 0.838   18.011  5.190   1.00 16.68 ? 164 HIS A ND1   1 
ATOM   1169 C  CD2   . HIS A 1 164 ? 1.000   15.918  4.593   1.00 13.25 ? 164 HIS A CD2   1 
ATOM   1170 C  CE1   . HIS A 1 164 ? 1.827   17.483  5.888   1.00 12.91 ? 164 HIS A CE1   1 
ATOM   1171 N  NE2   . HIS A 1 164 ? 1.945   16.212  5.545   1.00 17.90 ? 164 HIS A NE2   1 
ATOM   1172 N  N     . ALA A 1 165 ? -3.841  17.042  2.246   1.00 14.86 ? 165 ALA A N     1 
ATOM   1173 C  CA    . ALA A 1 165 ? -4.859  17.609  1.376   1.00 15.82 ? 165 ALA A CA    1 
ATOM   1174 C  C     . ALA A 1 165 ? -6.270  17.622  1.956   1.00 17.41 ? 165 ALA A C     1 
ATOM   1175 O  O     . ALA A 1 165 ? -6.985  18.618  1.829   1.00 18.92 ? 165 ALA A O     1 
ATOM   1176 C  CB    . ALA A 1 165 ? -4.868  16.863  0.046   1.00 15.58 ? 165 ALA A CB    1 
ATOM   1177 N  N     . PHE A 1 166 ? -6.674  16.535  2.610   1.00 17.12 ? 166 PHE A N     1 
ATOM   1178 C  CA    . PHE A 1 166 ? -8.043  16.459  3.107   1.00 17.62 ? 166 PHE A CA    1 
ATOM   1179 C  C     . PHE A 1 166 ? -8.324  16.135  4.572   1.00 18.70 ? 166 PHE A C     1 
ATOM   1180 O  O     . PHE A 1 166 ? -9.475  16.238  5.003   1.00 18.45 ? 166 PHE A O     1 
ATOM   1181 C  CB    . PHE A 1 166 ? -8.825  15.449  2.261   1.00 18.31 ? 166 PHE A CB    1 
ATOM   1182 C  CG    . PHE A 1 166 ? -8.698  15.664  0.781   1.00 18.96 ? 166 PHE A CG    1 
ATOM   1183 C  CD1   . PHE A 1 166 ? -7.932  14.799  0.001   1.00 18.08 ? 166 PHE A CD1   1 
ATOM   1184 C  CD2   . PHE A 1 166 ? -9.356  16.720  0.161   1.00 20.16 ? 166 PHE A CD2   1 
ATOM   1185 C  CE1   . PHE A 1 166 ? -7.830  14.986  -1.378  1.00 18.06 ? 166 PHE A CE1   1 
ATOM   1186 C  CE2   . PHE A 1 166 ? -9.258  16.914  -1.216  1.00 21.38 ? 166 PHE A CE2   1 
ATOM   1187 C  CZ    . PHE A 1 166 ? -8.494  16.044  -1.987  1.00 20.51 ? 166 PHE A CZ    1 
ATOM   1188 N  N     . LEU A 1 167 ? -7.312  15.763  5.348   1.00 17.47 ? 167 LEU A N     1 
ATOM   1189 C  CA    . LEU A 1 167 ? -7.569  15.380  6.734   1.00 19.09 ? 167 LEU A CA    1 
ATOM   1190 C  C     . LEU A 1 167 ? -7.117  16.329  7.840   1.00 21.38 ? 167 LEU A C     1 
ATOM   1191 O  O     . LEU A 1 167 ? -7.109  15.951  9.010   1.00 22.80 ? 167 LEU A O     1 
ATOM   1192 C  CB    . LEU A 1 167 ? -6.976  13.991  6.990   1.00 17.37 ? 167 LEU A CB    1 
ATOM   1193 C  CG    . LEU A 1 167 ? -7.452  12.867  6.063   1.00 17.56 ? 167 LEU A CG    1 
ATOM   1194 C  CD1   . LEU A 1 167 ? -6.729  11.577  6.423   1.00 17.41 ? 167 LEU A CD1   1 
ATOM   1195 C  CD2   . LEU A 1 167 ? -8.958  12.682  6.186   1.00 18.95 ? 167 LEU A CD2   1 
ATOM   1196 N  N     . ARG A 1 168 ? -6.750  17.553  7.488   1.00 24.00 ? 168 ARG A N     1 
ATOM   1197 C  CA    . ARG A 1 168 ? -6.303  18.513  8.495   1.00 25.86 ? 168 ARG A CA    1 
ATOM   1198 C  C     . ARG A 1 168 ? -7.393  19.513  8.871   1.00 27.43 ? 168 ARG A C     1 
ATOM   1199 O  O     . ARG A 1 168 ? -8.554  19.147  9.045   1.00 29.15 ? 168 ARG A O     1 
ATOM   1200 C  CB    . ARG A 1 168 ? -5.068  19.265  8.000   1.00 26.03 ? 168 ARG A CB    1 
ATOM   1201 C  CG    . ARG A 1 168 ? -3.845  18.384  7.814   1.00 26.53 ? 168 ARG A CG    1 
ATOM   1202 C  CD    . ARG A 1 168 ? -2.612  19.215  7.529   1.00 25.87 ? 168 ARG A CD    1 
ATOM   1203 N  NE    . ARG A 1 168 ? -2.703  19.904  6.247   1.00 26.71 ? 168 ARG A NE    1 
ATOM   1204 C  CZ    . ARG A 1 168 ? -1.791  20.759  5.795   1.00 27.23 ? 168 ARG A CZ    1 
ATOM   1205 N  NH1   . ARG A 1 168 ? -0.719  21.033  6.527   1.00 27.27 ? 168 ARG A NH1   1 
ATOM   1206 N  NH2   . ARG A 1 168 ? -1.943  21.324  4.605   1.00 28.17 ? 168 ARG A NH2   1 
HETATM 1207 ZN ZN    . ZN  B 2 .   ? -1.084  -10.321 2.137   1.00 78.41 ? 300 ZN  A ZN    1 
HETATM 1208 ZN ZN    . ZN  C 2 .   ? -1.676  -14.509 -1.023  1.00 51.47 ? 301 ZN  A ZN    1 
HETATM 1209 N  N1    . APR D 3 .   ? 8.154   -12.674 -4.785  1.00 57.03 ? 619 APR A N1    1 
HETATM 1210 C  C2    . APR D 3 .   ? 7.548   -13.883 -4.350  1.00 57.83 ? 619 APR A C2    1 
HETATM 1211 N  N3    . APR D 3 .   ? 6.816   -14.047 -3.234  1.00 58.40 ? 619 APR A N3    1 
HETATM 1212 C  C4    . APR D 3 .   ? 6.673   -12.849 -2.451  1.00 59.26 ? 619 APR A C4    1 
HETATM 1213 C  C5    . APR D 3 .   ? 7.209   -11.565 -2.734  1.00 58.41 ? 619 APR A C5    1 
HETATM 1214 C  C6    . APR D 3 .   ? 8.005   -11.483 -3.996  1.00 57.52 ? 619 APR A C6    1 
HETATM 1215 N  N6    . APR D 3 .   ? 8.593   -10.366 -4.442  1.00 54.69 ? 619 APR A N6    1 
HETATM 1216 N  N7    . APR D 3 .   ? 6.851   -10.665 -1.739  1.00 59.09 ? 619 APR A N7    1 
HETATM 1217 C  C8    . APR D 3 .   ? 6.118   -11.389 -0.876  1.00 60.06 ? 619 APR A C8    1 
HETATM 1218 N  N9    . APR D 3 .   ? 5.984   -12.703 -1.260  1.00 60.22 ? 619 APR A N9    1 
HETATM 1219 C  "C1'" . APR D 3 .   ? 5.215   -13.967 -0.585  1.00 61.73 ? 619 APR A "C1'" 1 
HETATM 1220 C  "C2'" . APR D 3 .   ? 5.795   -14.269 0.819   1.00 62.48 ? 619 APR A "C2'" 1 
HETATM 1221 O  "O2'" . APR D 3 .   ? 6.330   -15.581 0.829   1.00 63.06 ? 619 APR A "O2'" 1 
HETATM 1222 C  "C3'" . APR D 3 .   ? 4.608   -14.114 1.845   1.00 62.86 ? 619 APR A "C3'" 1 
HETATM 1223 O  "O3'" . APR D 3 .   ? 4.378   -15.317 2.574   1.00 62.71 ? 619 APR A "O3'" 1 
HETATM 1224 O  "O4'" . APR D 3 .   ? 3.878   -13.673 -0.365  1.00 62.41 ? 619 APR A "O4'" 1 
HETATM 1225 C  "C4'" . APR D 3 .   ? 3.418   -13.736 1.070   1.00 62.99 ? 619 APR A "C4'" 1 
HETATM 1226 C  "C5'" . APR D 3 .   ? 2.959   -12.407 1.521   1.00 63.44 ? 619 APR A "C5'" 1 
HETATM 1227 O  "O5'" . APR D 3 .   ? 1.683   -12.546 2.158   1.00 64.20 ? 619 APR A "O5'" 1 
HETATM 1228 O  O     . HOH E 4 .   ? 2.133   0.968   -4.791  1.00 11.11 ? 620 HOH A O     1 
HETATM 1229 O  O     . HOH E 4 .   ? 0.796   -0.322  -12.897 1.00 12.29 ? 621 HOH A O     1 
HETATM 1230 O  O     . HOH E 4 .   ? -11.309 -11.407 3.250   1.00 14.83 ? 622 HOH A O     1 
HETATM 1231 O  O     . HOH E 4 .   ? 0.733   -1.453  -4.587  1.00 13.18 ? 623 HOH A O     1 
HETATM 1232 O  O     . HOH E 4 .   ? -2.506  4.314   7.258   1.00 13.45 ? 624 HOH A O     1 
HETATM 1233 O  O     . HOH E 4 .   ? 5.403   3.417   -15.432 1.00 14.85 ? 625 HOH A O     1 
HETATM 1234 O  O     . HOH E 4 .   ? 3.697   1.111   -2.395  1.00 14.23 ? 626 HOH A O     1 
HETATM 1235 O  O     . HOH E 4 .   ? 3.000   -0.551  -0.121  1.00 16.69 ? 627 HOH A O     1 
HETATM 1236 O  O     . HOH E 4 .   ? -9.812  -5.101  9.672   1.00 17.27 ? 628 HOH A O     1 
HETATM 1237 O  O     . HOH E 4 .   ? 8.393   -1.432  4.326   1.00 17.93 ? 629 HOH A O     1 
HETATM 1238 O  O     . HOH E 4 .   ? 2.777   -0.162  -20.895 1.00 17.95 ? 630 HOH A O     1 
HETATM 1239 O  O     . HOH E 4 .   ? 2.474   -2.082  3.132   1.00 17.15 ? 631 HOH A O     1 
HETATM 1240 O  O     . HOH E 4 .   ? 11.630  7.213   -1.096  1.00 16.52 ? 632 HOH A O     1 
HETATM 1241 O  O     . HOH E 4 .   ? -3.445  -5.415  -10.960 1.00 18.93 ? 633 HOH A O     1 
HETATM 1242 O  O     . HOH E 4 .   ? -0.517  15.365  12.841  1.00 20.67 ? 634 HOH A O     1 
HETATM 1243 O  O     . HOH E 4 .   ? -14.064 -9.067  4.473   1.00 20.29 ? 635 HOH A O     1 
HETATM 1244 O  O     . HOH E 4 .   ? -6.524  12.417  14.058  1.00 25.64 ? 636 HOH A O     1 
HETATM 1245 O  O     . HOH E 4 .   ? 13.366  3.869   4.525   1.00 23.41 ? 637 HOH A O     1 
HETATM 1246 O  O     . HOH E 4 .   ? -8.649  7.845   9.636   1.00 23.82 ? 638 HOH A O     1 
HETATM 1247 O  O     . HOH E 4 .   ? -14.664 -3.445  -3.095  1.00 28.58 ? 639 HOH A O     1 
HETATM 1248 O  O     . HOH E 4 .   ? -11.695 -3.037  8.897   1.00 23.53 ? 640 HOH A O     1 
HETATM 1249 O  O     . HOH E 4 .   ? -14.106 5.457   6.361   1.00 25.79 ? 641 HOH A O     1 
HETATM 1250 O  O     . HOH E 4 .   ? -8.437  10.635  16.584  1.00 34.06 ? 642 HOH A O     1 
HETATM 1251 O  O     . HOH E 4 .   ? -5.934  -13.863 9.276   1.00 23.63 ? 643 HOH A O     1 
HETATM 1252 O  O     . HOH E 4 .   ? -11.201 -7.625  10.415  1.00 22.85 ? 644 HOH A O     1 
HETATM 1253 O  O     . HOH E 4 .   ? 17.127  0.315   -3.831  1.00 34.89 ? 645 HOH A O     1 
HETATM 1254 O  O     . HOH E 4 .   ? 8.466   -8.076  -0.112  1.00 24.45 ? 646 HOH A O     1 
HETATM 1255 O  O     . HOH E 4 .   ? 16.739  6.968   3.720   1.00 30.19 ? 647 HOH A O     1 
HETATM 1256 O  O     . HOH E 4 .   ? 9.320   18.413  -0.236  1.00 28.94 ? 648 HOH A O     1 
HETATM 1257 O  O     . HOH E 4 .   ? 7.576   -20.098 -15.949 1.00 33.92 ? 649 HOH A O     1 
HETATM 1258 O  O     . HOH E 4 .   ? 0.688   -10.683 -7.620  1.00 30.59 ? 650 HOH A O     1 
HETATM 1259 O  O     . HOH E 4 .   ? -12.322 5.373   -8.650  1.00 29.68 ? 651 HOH A O     1 
HETATM 1260 O  O     . HOH E 4 .   ? -1.475  -9.773  5.477   1.00 28.12 ? 652 HOH A O     1 
HETATM 1261 O  O     . HOH E 4 .   ? -11.827 7.836   13.035  1.00 35.52 ? 653 HOH A O     1 
HETATM 1262 O  O     . HOH E 4 .   ? -18.634 -9.684  -1.387  1.00 31.58 ? 654 HOH A O     1 
HETATM 1263 O  O     . HOH E 4 .   ? -12.923 7.185   -6.618  1.00 30.70 ? 655 HOH A O     1 
HETATM 1264 O  O     . HOH E 4 .   ? 0.006   20.068  9.181   1.00 29.43 ? 656 HOH A O     1 
HETATM 1265 O  O     . HOH E 4 .   ? 6.345   18.363  7.417   1.00 25.92 ? 657 HOH A O     1 
HETATM 1266 O  O     . HOH E 4 .   ? -2.651  -11.006 0.467   1.00 27.81 ? 658 HOH A O     1 
HETATM 1267 O  O     . HOH E 4 .   ? 13.049  2.150   7.982   1.00 34.11 ? 659 HOH A O     1 
HETATM 1268 O  O     . HOH E 4 .   ? -16.085 -0.985  6.642   1.00 34.98 ? 660 HOH A O     1 
HETATM 1269 O  O     . HOH E 4 .   ? -8.848  -11.521 8.407   1.00 29.95 ? 661 HOH A O     1 
HETATM 1270 O  O     . HOH E 4 .   ? 5.397   -3.232  4.830   1.00 33.44 ? 662 HOH A O     1 
HETATM 1271 O  O     . HOH E 4 .   ? -10.588 2.563   -10.455 1.00 41.13 ? 663 HOH A O     1 
HETATM 1272 O  O     . HOH E 4 .   ? -18.072 -7.473  1.500   1.00 26.55 ? 664 HOH A O     1 
HETATM 1273 O  O     . HOH E 4 .   ? 17.749  -7.731  -1.130  1.00 32.65 ? 665 HOH A O     1 
HETATM 1274 O  O     . HOH E 4 .   ? -3.830  16.028  12.681  1.00 32.05 ? 666 HOH A O     1 
HETATM 1275 O  O     . HOH E 4 .   ? -16.137 -11.084 -2.793  1.00 26.71 ? 667 HOH A O     1 
HETATM 1276 O  O     . HOH E 4 .   ? -2.559  -9.537  -14.427 1.00 35.74 ? 668 HOH A O     1 
HETATM 1277 O  O     . HOH E 4 .   ? 2.408   -5.984  13.115  1.00 29.73 ? 669 HOH A O     1 
HETATM 1278 O  O     . HOH E 4 .   ? 15.256  4.543   7.723   1.00 38.91 ? 670 HOH A O     1 
HETATM 1279 O  O     . HOH E 4 .   ? -2.357  7.476   17.507  1.00 34.11 ? 671 HOH A O     1 
HETATM 1280 O  O     . HOH E 4 .   ? 15.584  0.181   6.141   1.00 33.32 ? 672 HOH A O     1 
HETATM 1281 O  O     . HOH E 4 .   ? 8.356   19.442  6.177   1.00 38.69 ? 673 HOH A O     1 
HETATM 1282 O  O     . HOH E 4 .   ? 0.390   -9.270  0.213   1.00 23.27 ? 674 HOH A O     1 
HETATM 1283 O  O     . HOH E 4 .   ? 2.517   -7.688  0.072   1.00 47.25 ? 675 HOH A O     1 
HETATM 1284 O  O     . HOH E 4 .   ? 4.342   -6.819  -4.892  1.00 15.23 ? 676 HOH A O     1 
HETATM 1285 O  O     . HOH E 4 .   ? 4.591   -8.435  -2.613  1.00 28.42 ? 677 HOH A O     1 
# 
